data_8FGM
#
_entry.id   8FGM
#
_cell.length_a   118.090
_cell.length_b   52.079
_cell.length_c   164.549
_cell.angle_alpha   90.000
_cell.angle_beta   90.000
_cell.angle_gamma   90.000
#
_symmetry.space_group_name_H-M   'P 1 21 1'
#
loop_
_entity.id
_entity.type
_entity.pdbx_description
1 polymer 'Nitric oxide synthase, brain'
2 non-polymer 'PROTOPORPHYRIN IX CONTAINING FE'
3 non-polymer 5,6,7,8-TETRAHYDROBIOPTERIN
4 non-polymer 4-(difluoromethyl)-6-(2-{5-[2-(dimethylamino)ethyl]-2,3-difluorophenyl}ethyl)pyridin-2-amine
5 non-polymer GLYCEROL
6 non-polymer 'ZINC ION'
7 water water
#
_entity_poly.entity_id   1
_entity_poly.type   'polypeptide(L)'
_entity_poly.pdbx_seq_one_letter_code
;CPRFLKVKNWETEVVLTDTLHLKSTLETGCTEYICMGSIMHPSQHARRPEDVATKDQLFPLAKEFIDQYYSSIKRFGSKA
HMERLEEVNKEIDTTSTYQLKDTELIYGAKHAWRNASRCVGRIQWSKLQVFDARDCTTAHGMFNYICNHVKYATNKGNLR
SAITIFPQRTDGKHDFRVWNSQLIRYAGYKQPDGSTLGDPANVQFTEICIQQGWKPPRGRFDVLPLLLQANGNDPELFQI
PPELVLEVPIRHPKFEWFKDLGLKWYGLPAVSNMLLEIGGLEFSACPFSGWYMGTEIGVRDYCDNSRYNILEEVAKKMNL
DMRKTSSLWKDQALVEINIAVLYSFQSDKVTIVDHHSATESFIKHMENEYRCRGGCPADWVWIVPPMSGSITPVFHQEML
NYRLTPSFEYQPDPWNTHVWK
;
_entity_poly.pdbx_strand_id   A,B,C,D
#
loop_
_chem_comp.id
_chem_comp.type
_chem_comp.name
_chem_comp.formula
GOL non-polymer GLYCEROL 'C3 H8 O3'
H4B non-polymer 5,6,7,8-TETRAHYDROBIOPTERIN 'C9 H15 N5 O3'
HEM non-polymer 'PROTOPORPHYRIN IX CONTAINING FE' 'C34 H32 Fe N4 O4'
XVA non-polymer 4-(difluoromethyl)-6-(2-{5-[2-(dimethylamino)ethyl]-2,3-difluorophenyl}ethyl)pyridin-2-amine 'C18 H21 F4 N3'
ZN non-polymer 'ZINC ION' 'Zn 2'
#
# COMPACT_ATOMS: atom_id res chain seq x y z
N PRO A 2 12.77 44.25 -22.83
CA PRO A 2 12.39 43.70 -24.14
C PRO A 2 11.15 42.84 -24.06
N ARG A 3 10.48 42.63 -25.19
CA ARG A 3 9.30 41.76 -25.22
C ARG A 3 9.58 40.34 -24.75
N PHE A 4 10.85 39.94 -24.61
CA PHE A 4 11.20 38.58 -24.21
C PHE A 4 12.51 38.60 -23.41
N LEU A 5 12.51 37.95 -22.25
CA LEU A 5 13.72 37.60 -21.52
C LEU A 5 13.82 36.08 -21.44
N LYS A 6 15.04 35.57 -21.37
CA LYS A 6 15.24 34.13 -21.47
C LYS A 6 15.96 33.60 -20.23
N VAL A 7 15.55 32.43 -19.76
CA VAL A 7 16.18 31.75 -18.63
C VAL A 7 16.59 30.37 -19.10
N LYS A 8 17.76 29.92 -18.66
CA LYS A 8 18.32 28.64 -19.05
C LYS A 8 18.53 27.77 -17.82
N ASN A 9 18.32 26.46 -17.98
CA ASN A 9 18.70 25.46 -16.99
C ASN A 9 20.05 24.89 -17.41
N TRP A 10 21.10 25.15 -16.62
CA TRP A 10 22.46 24.75 -17.01
C TRP A 10 22.71 23.26 -16.87
N GLU A 11 21.83 22.53 -16.18
CA GLU A 11 21.91 21.09 -16.09
C GLU A 11 21.21 20.39 -17.27
N THR A 12 20.07 20.91 -17.72
CA THR A 12 19.27 20.27 -18.77
C THR A 12 19.38 20.95 -20.11
N GLU A 13 19.87 22.19 -20.17
CA GLU A 13 19.94 23.07 -21.34
C GLU A 13 18.58 23.61 -21.75
N VAL A 14 17.48 23.22 -21.07
CA VAL A 14 16.17 23.79 -21.36
C VAL A 14 16.25 25.30 -21.20
N VAL A 15 15.60 26.01 -22.12
CA VAL A 15 15.58 27.47 -22.13
C VAL A 15 14.14 27.93 -22.24
N LEU A 16 13.73 28.84 -21.36
CA LEU A 16 12.37 29.35 -21.31
C LEU A 16 12.38 30.86 -21.55
N THR A 17 11.24 31.37 -22.01
CA THR A 17 11.10 32.75 -22.43
C THR A 17 10.05 33.42 -21.57
N ASP A 18 10.45 34.44 -20.85
CA ASP A 18 9.56 35.13 -19.93
C ASP A 18 9.04 36.38 -20.63
N THR A 19 7.74 36.39 -20.91
CA THR A 19 7.02 37.59 -21.29
C THR A 19 6.28 38.21 -20.12
N LEU A 20 5.99 37.43 -19.08
CA LEU A 20 5.07 37.85 -18.02
C LEU A 20 5.63 39.02 -17.20
N HIS A 21 6.96 39.15 -17.13
CA HIS A 21 7.57 40.20 -16.33
C HIS A 21 7.18 41.58 -16.79
N LEU A 22 6.73 41.70 -18.05
CA LEU A 22 6.26 42.99 -18.56
C LEU A 22 5.07 43.51 -17.77
N LYS A 23 4.27 42.61 -17.20
CA LYS A 23 3.10 42.97 -16.43
C LYS A 23 3.42 43.28 -14.98
N SER A 24 4.67 43.14 -14.55
CA SER A 24 5.03 43.48 -13.18
C SER A 24 4.98 45.00 -13.04
N THR A 25 4.58 45.45 -11.86
CA THR A 25 4.32 46.87 -11.65
C THR A 25 5.12 47.48 -10.52
N LEU A 26 5.50 46.69 -9.53
CA LEU A 26 6.07 47.19 -8.29
C LEU A 26 7.53 46.77 -8.16
N GLU A 27 8.21 47.38 -7.20
CA GLU A 27 9.67 47.31 -7.14
C GLU A 27 10.16 45.97 -6.63
N THR A 28 11.35 45.57 -7.10
CA THR A 28 12.07 44.47 -6.49
C THR A 28 13.07 44.93 -5.45
N GLY A 29 13.46 46.19 -5.49
CA GLY A 29 14.51 46.69 -4.63
C GLY A 29 15.84 46.88 -5.34
N CYS A 30 16.08 46.16 -6.43
CA CYS A 30 17.32 46.37 -7.16
C CYS A 30 17.27 47.66 -7.95
N THR A 31 18.44 48.20 -8.27
CA THR A 31 18.57 49.28 -9.24
C THR A 31 19.29 48.74 -10.47
N GLU A 32 19.48 49.60 -11.47
CA GLU A 32 20.15 49.14 -12.68
C GLU A 32 21.62 48.87 -12.45
N TYR A 33 22.18 49.39 -11.35
CA TYR A 33 23.59 49.25 -11.06
C TYR A 33 23.89 48.50 -9.76
N ILE A 34 22.89 48.10 -9.00
CA ILE A 34 23.17 47.24 -7.84
C ILE A 34 22.02 46.29 -7.62
N CYS A 35 22.35 45.02 -7.38
CA CYS A 35 21.38 43.96 -7.15
C CYS A 35 21.24 43.74 -5.65
N MET A 36 20.00 43.67 -5.18
CA MET A 36 19.67 43.46 -3.77
C MET A 36 18.97 42.13 -3.55
N GLY A 37 19.26 41.15 -4.41
CA GLY A 37 18.55 39.87 -4.40
C GLY A 37 18.69 39.05 -3.13
N SER A 38 19.64 39.39 -2.23
CA SER A 38 19.78 38.68 -0.97
C SER A 38 19.36 39.52 0.24
N ILE A 39 18.85 40.74 0.03
CA ILE A 39 18.26 41.51 1.12
C ILE A 39 16.93 40.89 1.50
N MET A 40 16.72 40.63 2.80
CA MET A 40 15.47 39.97 3.18
C MET A 40 14.26 40.89 3.03
N HIS A 41 14.42 42.15 3.37
CA HIS A 41 13.36 43.16 3.27
C HIS A 41 13.95 44.40 2.60
N PRO A 42 13.90 44.49 1.26
CA PRO A 42 14.53 45.63 0.57
C PRO A 42 13.72 46.93 0.59
N ARG A 48 4.07 53.11 7.53
CA ARG A 48 3.10 53.89 8.30
C ARG A 48 1.74 53.21 8.33
N PRO A 49 1.10 53.20 9.51
CA PRO A 49 -0.26 52.64 9.59
C PRO A 49 -1.31 53.51 8.92
N GLU A 50 -1.18 54.83 9.04
CA GLU A 50 -2.10 55.75 8.38
C GLU A 50 -2.00 55.68 6.86
N ASP A 51 -0.91 55.11 6.33
CA ASP A 51 -0.73 55.00 4.89
C ASP A 51 -1.74 54.02 4.29
N VAL A 52 -3.01 54.37 4.32
CA VAL A 52 -4.05 53.69 3.57
C VAL A 52 -4.23 54.44 2.26
N ALA A 53 -4.56 53.71 1.19
CA ALA A 53 -4.64 54.32 -0.13
C ALA A 53 -5.73 55.38 -0.17
N THR A 54 -5.45 56.46 -0.91
CA THR A 54 -6.45 57.49 -1.16
C THR A 54 -7.47 56.99 -2.18
N LYS A 55 -8.46 57.83 -2.49
CA LYS A 55 -9.41 57.48 -3.54
C LYS A 55 -8.72 57.35 -4.89
N ASP A 56 -7.95 58.37 -5.28
CA ASP A 56 -7.30 58.36 -6.59
C ASP A 56 -6.21 57.31 -6.69
N GLN A 57 -5.55 56.99 -5.57
CA GLN A 57 -4.60 55.88 -5.57
C GLN A 57 -5.33 54.56 -5.85
N LEU A 58 -6.48 54.35 -5.19
CA LEU A 58 -7.14 53.06 -5.24
C LEU A 58 -7.78 52.78 -6.59
N PHE A 59 -8.16 53.83 -7.33
CA PHE A 59 -8.90 53.64 -8.59
C PHE A 59 -8.15 52.79 -9.61
N PRO A 60 -6.88 53.06 -9.93
CA PRO A 60 -6.20 52.20 -10.92
C PRO A 60 -5.83 50.83 -10.38
N LEU A 61 -5.62 50.71 -9.06
CA LEU A 61 -5.33 49.39 -8.51
C LEU A 61 -6.54 48.47 -8.68
N ALA A 62 -7.72 48.96 -8.29
CA ALA A 62 -8.94 48.20 -8.50
C ALA A 62 -9.10 47.84 -9.97
N LYS A 63 -9.00 48.83 -10.85
CA LYS A 63 -9.19 48.60 -12.28
C LYS A 63 -8.25 47.50 -12.77
N GLU A 64 -6.95 47.64 -12.47
CA GLU A 64 -6.01 46.61 -12.92
C GLU A 64 -6.41 45.23 -12.42
N PHE A 65 -6.89 45.15 -11.18
CA PHE A 65 -7.26 43.85 -10.65
C PHE A 65 -8.53 43.32 -11.32
N ILE A 66 -9.56 44.16 -11.45
CA ILE A 66 -10.80 43.67 -12.07
C ILE A 66 -10.55 43.29 -13.53
N ASP A 67 -9.76 44.10 -14.24
CA ASP A 67 -9.37 43.75 -15.61
C ASP A 67 -8.70 42.38 -15.67
N GLN A 68 -7.74 42.16 -14.78
CA GLN A 68 -7.05 40.88 -14.68
C GLN A 68 -8.03 39.75 -14.42
N TYR A 69 -9.00 39.98 -13.53
CA TYR A 69 -9.94 38.92 -13.19
C TYR A 69 -10.85 38.58 -14.36
N TYR A 70 -11.39 39.59 -15.04
CA TYR A 70 -12.28 39.28 -16.15
C TYR A 70 -11.51 38.66 -17.30
N SER A 71 -10.25 39.05 -17.48
CA SER A 71 -9.40 38.40 -18.45
C SER A 71 -9.27 36.90 -18.15
N SER A 72 -9.05 36.56 -16.87
CA SER A 72 -8.78 35.18 -16.50
C SER A 72 -9.97 34.27 -16.75
N ILE A 73 -11.18 34.80 -16.62
CA ILE A 73 -12.39 34.04 -16.87
C ILE A 73 -12.91 34.29 -18.29
N LYS A 74 -12.08 34.82 -19.17
CA LYS A 74 -12.45 35.06 -20.56
C LYS A 74 -13.77 35.82 -20.66
N ARG A 75 -13.83 36.97 -19.97
CA ARG A 75 -14.97 37.89 -20.06
C ARG A 75 -14.50 39.33 -20.13
N PHE A 76 -13.30 39.57 -20.66
CA PHE A 76 -12.76 40.92 -20.77
C PHE A 76 -13.57 41.75 -21.76
N GLY A 77 -13.86 43.00 -21.38
CA GLY A 77 -14.67 43.88 -22.18
C GLY A 77 -16.16 43.61 -22.15
N SER A 78 -16.60 42.60 -21.40
CA SER A 78 -17.98 42.16 -21.43
C SER A 78 -18.88 43.10 -20.63
N LYS A 79 -20.18 42.94 -20.87
CA LYS A 79 -21.17 43.75 -20.15
C LYS A 79 -20.98 43.60 -18.65
N ALA A 80 -20.76 42.37 -18.15
CA ALA A 80 -20.58 42.18 -16.72
C ALA A 80 -19.30 42.83 -16.22
N HIS A 81 -18.24 42.74 -17.03
CA HIS A 81 -16.97 43.38 -16.70
C HIS A 81 -17.16 44.88 -16.52
N MET A 82 -17.73 45.54 -17.53
CA MET A 82 -17.90 46.99 -17.48
C MET A 82 -18.78 47.42 -16.32
N GLU A 83 -19.82 46.63 -15.99
CA GLU A 83 -20.68 47.01 -14.89
C GLU A 83 -20.01 46.80 -13.55
N ARG A 84 -19.18 45.76 -13.43
CA ARG A 84 -18.38 45.61 -12.22
C ARG A 84 -17.47 46.82 -12.02
N LEU A 85 -16.69 47.17 -13.06
CA LEU A 85 -15.83 48.35 -13.02
C LEU A 85 -16.61 49.57 -12.53
N GLU A 86 -17.69 49.88 -13.25
CA GLU A 86 -18.61 50.94 -12.84
C GLU A 86 -18.98 50.82 -11.37
N GLU A 87 -19.32 49.60 -10.93
CA GLU A 87 -19.78 49.40 -9.56
C GLU A 87 -18.65 49.59 -8.55
N VAL A 88 -17.44 49.15 -8.89
CA VAL A 88 -16.31 49.38 -8.00
C VAL A 88 -16.00 50.86 -7.90
N ASN A 89 -16.05 51.55 -9.03
CA ASN A 89 -15.81 52.99 -9.08
C ASN A 89 -16.74 53.75 -8.15
N LYS A 90 -18.02 53.37 -8.15
CA LYS A 90 -19.01 54.08 -7.34
C LYS A 90 -18.70 53.94 -5.87
N GLU A 91 -18.37 52.73 -5.42
CA GLU A 91 -17.99 52.49 -4.03
C GLU A 91 -16.78 53.34 -3.63
N ILE A 92 -15.71 53.29 -4.42
CA ILE A 92 -14.55 54.13 -4.11
C ILE A 92 -14.96 55.59 -4.00
N ASP A 93 -15.77 56.09 -4.94
CA ASP A 93 -16.28 57.45 -4.85
C ASP A 93 -17.01 57.68 -3.54
N THR A 94 -17.93 56.79 -3.19
CA THR A 94 -18.86 57.02 -2.09
C THR A 94 -18.26 56.65 -0.74
N THR A 95 -17.59 55.49 -0.65
CA THR A 95 -17.11 54.97 0.63
C THR A 95 -15.61 55.03 0.78
N SER A 96 -14.88 55.50 -0.23
CA SER A 96 -13.42 55.54 -0.23
C SER A 96 -12.78 54.16 -0.17
N THR A 97 -13.55 53.09 -0.33
CA THR A 97 -13.00 51.76 -0.51
C THR A 97 -14.01 50.96 -1.35
N TYR A 98 -13.78 49.65 -1.48
CA TYR A 98 -14.79 48.81 -2.13
C TYR A 98 -14.70 47.39 -1.58
N GLN A 99 -15.69 46.57 -1.93
CA GLN A 99 -15.80 45.22 -1.39
C GLN A 99 -15.66 44.21 -2.52
N LEU A 100 -14.73 43.27 -2.36
CA LEU A 100 -14.58 42.21 -3.34
C LEU A 100 -15.80 41.29 -3.30
N LYS A 101 -16.24 40.84 -4.48
CA LYS A 101 -17.14 39.70 -4.58
C LYS A 101 -16.41 38.42 -4.14
N ASP A 102 -17.20 37.40 -3.83
CA ASP A 102 -16.62 36.15 -3.34
C ASP A 102 -15.69 35.53 -4.37
N THR A 103 -16.09 35.55 -5.65
CA THR A 103 -15.25 34.97 -6.68
C THR A 103 -13.91 35.67 -6.76
N GLU A 104 -13.92 37.01 -6.71
CA GLU A 104 -12.71 37.79 -6.80
C GLU A 104 -11.79 37.54 -5.61
N LEU A 105 -12.38 37.44 -4.42
CA LEU A 105 -11.58 37.13 -3.24
C LEU A 105 -10.85 35.82 -3.41
N ILE A 106 -11.54 34.78 -3.88
CA ILE A 106 -10.93 33.47 -4.10
C ILE A 106 -9.84 33.55 -5.16
N TYR A 107 -10.11 34.24 -6.27
CA TYR A 107 -9.11 34.42 -7.31
C TYR A 107 -7.91 35.21 -6.80
N GLY A 108 -8.19 36.31 -6.10
CA GLY A 108 -7.10 37.10 -5.54
C GLY A 108 -6.19 36.30 -4.63
N ALA A 109 -6.77 35.50 -3.73
CA ALA A 109 -5.94 34.79 -2.77
C ALA A 109 -5.16 33.67 -3.44
N LYS A 110 -5.75 33.02 -4.44
CA LYS A 110 -5.01 31.98 -5.16
C LYS A 110 -3.84 32.57 -5.91
N HIS A 111 -4.04 33.72 -6.54
CA HIS A 111 -2.98 34.32 -7.32
C HIS A 111 -1.94 35.01 -6.46
N ALA A 112 -2.27 35.42 -5.24
CA ALA A 112 -1.23 35.88 -4.34
C ALA A 112 -0.25 34.76 -4.04
N TRP A 113 -0.78 33.54 -3.87
CA TRP A 113 0.09 32.38 -3.71
C TRP A 113 0.82 32.08 -5.00
N ARG A 114 0.12 32.15 -6.14
CA ARG A 114 0.74 31.92 -7.43
C ARG A 114 1.90 32.86 -7.65
N ASN A 115 1.79 34.10 -7.17
CA ASN A 115 2.77 35.13 -7.40
C ASN A 115 3.88 35.17 -6.35
N ALA A 116 3.89 34.25 -5.39
CA ALA A 116 4.84 34.28 -4.28
C ALA A 116 6.20 33.77 -4.76
N SER A 117 7.10 34.69 -5.13
CA SER A 117 8.32 34.25 -5.77
CA SER A 117 8.36 34.31 -5.74
C SER A 117 9.19 33.38 -4.87
N ARG A 118 9.05 33.48 -3.54
CA ARG A 118 9.91 32.77 -2.62
C ARG A 118 9.38 31.40 -2.22
N CYS A 119 8.28 30.95 -2.80
CA CYS A 119 7.59 29.74 -2.36
C CYS A 119 7.80 28.63 -3.39
N VAL A 120 8.45 27.54 -2.95
CA VAL A 120 8.72 26.40 -3.80
C VAL A 120 7.52 25.50 -3.98
N GLY A 121 6.47 25.64 -3.17
CA GLY A 121 5.37 24.70 -3.21
C GLY A 121 4.19 25.14 -4.07
N ARG A 122 4.43 26.07 -4.99
CA ARG A 122 3.35 26.72 -5.72
C ARG A 122 2.74 25.84 -6.80
N ILE A 123 3.17 24.59 -7.00
CA ILE A 123 2.50 23.74 -7.97
C ILE A 123 1.07 23.45 -7.55
N GLN A 124 0.74 23.73 -6.30
CA GLN A 124 -0.54 23.46 -5.66
C GLN A 124 -1.44 24.68 -5.55
N TRP A 125 -1.04 25.82 -6.16
CA TRP A 125 -1.69 27.11 -5.89
C TRP A 125 -3.18 27.08 -6.21
N SER A 126 -3.59 26.36 -7.25
CA SER A 126 -4.98 26.42 -7.64
C SER A 126 -5.87 25.59 -6.72
N LYS A 127 -5.28 24.69 -5.94
CA LYS A 127 -6.02 23.86 -4.98
C LYS A 127 -5.83 24.50 -3.61
N LEU A 128 -6.55 25.60 -3.38
CA LEU A 128 -6.43 26.38 -2.16
C LEU A 128 -7.84 26.62 -1.65
N GLN A 129 -8.10 26.17 -0.43
CA GLN A 129 -9.40 26.36 0.18
C GLN A 129 -9.42 27.74 0.82
N VAL A 130 -10.38 28.56 0.42
CA VAL A 130 -10.45 29.95 0.86
C VAL A 130 -11.61 30.08 1.83
N PHE A 131 -11.33 30.51 3.05
CA PHE A 131 -12.36 30.76 4.04
C PHE A 131 -12.56 32.26 4.17
N ASP A 132 -13.75 32.72 3.78
CA ASP A 132 -14.11 34.13 3.82
C ASP A 132 -14.55 34.49 5.24
N ALA A 133 -13.81 35.37 5.90
CA ALA A 133 -14.13 35.74 7.28
C ALA A 133 -14.32 37.25 7.41
N ARG A 134 -14.77 37.87 6.33
CA ARG A 134 -14.92 39.32 6.32
C ARG A 134 -16.10 39.80 7.17
N ASP A 135 -16.91 38.89 7.70
CA ASP A 135 -18.02 39.29 8.57
C ASP A 135 -17.62 39.31 10.04
N CYS A 136 -16.40 38.86 10.35
CA CYS A 136 -15.92 38.77 11.73
C CYS A 136 -15.76 40.16 12.33
N THR A 137 -16.12 40.31 13.61
CA THR A 137 -16.02 41.61 14.25
C THR A 137 -15.26 41.62 15.57
N THR A 138 -15.02 40.48 16.21
CA THR A 138 -14.38 40.42 17.53
C THR A 138 -13.29 39.34 17.53
N ALA A 139 -12.47 39.36 18.58
CA ALA A 139 -11.36 38.41 18.66
C ALA A 139 -11.86 37.00 18.92
N HIS A 140 -12.94 36.86 19.70
CA HIS A 140 -13.59 35.56 19.87
C HIS A 140 -14.01 34.99 18.52
N GLY A 141 -14.64 35.80 17.68
CA GLY A 141 -14.97 35.35 16.33
C GLY A 141 -13.74 34.93 15.55
N MET A 142 -12.62 35.64 15.72
CA MET A 142 -11.41 35.25 15.00
C MET A 142 -10.93 33.88 15.44
N PHE A 143 -10.92 33.65 16.75
CA PHE A 143 -10.57 32.35 17.30
C PHE A 143 -11.42 31.24 16.71
N ASN A 144 -12.74 31.46 16.62
CA ASN A 144 -13.63 30.45 16.04
C ASN A 144 -13.21 30.14 14.62
N TYR A 145 -13.00 31.18 13.81
CA TYR A 145 -12.54 31.01 12.43
C TYR A 145 -11.21 30.26 12.36
N ILE A 146 -10.26 30.57 13.25
CA ILE A 146 -8.92 29.99 13.14
C ILE A 146 -8.90 28.53 13.61
N CYS A 147 -9.66 28.21 14.65
CA CYS A 147 -9.90 26.80 15.01
C CYS A 147 -10.45 26.00 13.85
N ASN A 148 -11.43 26.54 13.12
CA ASN A 148 -12.01 25.81 11.99
C ASN A 148 -10.99 25.63 10.86
N HIS A 149 -10.24 26.68 10.57
CA HIS A 149 -9.11 26.58 9.64
C HIS A 149 -8.18 25.45 10.06
N VAL A 150 -7.71 25.48 11.32
CA VAL A 150 -6.75 24.47 11.78
C VAL A 150 -7.34 23.08 11.59
N LYS A 151 -8.55 22.86 12.09
CA LYS A 151 -9.16 21.52 12.00
C LYS A 151 -9.35 21.11 10.56
N TYR A 152 -9.85 22.01 9.71
CA TYR A 152 -9.98 21.69 8.28
C TYR A 152 -8.64 21.36 7.64
N ALA A 153 -7.64 22.25 7.81
CA ALA A 153 -6.33 22.05 7.19
C ALA A 153 -5.63 20.79 7.68
N THR A 154 -5.81 20.44 8.96
CA THR A 154 -5.07 19.34 9.56
C THR A 154 -5.61 17.99 9.12
N ASN A 155 -6.95 17.87 9.05
CA ASN A 155 -7.60 16.74 8.38
C ASN A 155 -6.99 15.40 8.80
N LYS A 156 -6.64 15.30 10.09
CA LYS A 156 -6.12 14.07 10.70
C LYS A 156 -4.77 13.64 10.09
N GLY A 157 -3.97 14.60 9.62
CA GLY A 157 -2.68 14.35 9.04
C GLY A 157 -2.64 14.45 7.53
N ASN A 158 -3.78 14.28 6.88
CA ASN A 158 -3.84 14.40 5.42
C ASN A 158 -4.06 15.88 5.07
N LEU A 159 -2.97 16.64 5.08
CA LEU A 159 -3.07 18.09 5.19
C LEU A 159 -3.63 18.74 3.93
N ARG A 160 -4.36 19.82 4.14
CA ARG A 160 -4.99 20.57 3.07
C ARG A 160 -4.66 22.04 3.23
N SER A 161 -4.29 22.68 2.13
CA SER A 161 -3.88 24.07 2.20
C SER A 161 -5.10 24.98 2.24
N ALA A 162 -4.99 26.06 3.01
CA ALA A 162 -6.16 26.91 3.24
C ALA A 162 -5.73 28.28 3.69
N ILE A 163 -6.65 29.23 3.58
CA ILE A 163 -6.42 30.59 3.99
C ILE A 163 -7.72 31.14 4.57
N THR A 164 -7.60 31.92 5.63
CA THR A 164 -8.75 32.57 6.23
C THR A 164 -8.53 34.07 6.18
N ILE A 165 -9.46 34.78 5.56
CA ILE A 165 -9.30 36.18 5.22
C ILE A 165 -10.24 37.00 6.09
N PHE A 166 -9.66 37.84 6.92
CA PHE A 166 -10.43 38.67 7.84
C PHE A 166 -10.70 40.01 7.20
N PRO A 167 -11.50 40.88 7.83
CA PRO A 167 -11.84 42.15 7.17
C PRO A 167 -10.59 42.94 6.77
N GLN A 168 -10.65 43.55 5.58
CA GLN A 168 -9.59 44.39 5.04
C GLN A 168 -9.38 45.63 5.89
N ARG A 169 -8.27 46.31 5.60
CA ARG A 169 -7.94 47.53 6.30
C ARG A 169 -8.90 48.64 5.90
N THR A 170 -9.18 49.54 6.83
CA THR A 170 -9.99 50.71 6.52
C THR A 170 -9.15 51.99 6.68
N ASP A 171 -9.03 52.50 7.90
CA ASP A 171 -8.27 53.71 8.13
C ASP A 171 -6.87 53.45 8.67
N GLY A 172 -6.47 52.18 8.78
CA GLY A 172 -5.25 51.82 9.50
C GLY A 172 -5.40 51.82 11.01
N LYS A 173 -6.54 52.28 11.52
CA LYS A 173 -6.79 52.36 12.96
C LYS A 173 -7.75 51.28 13.43
N HIS A 174 -8.18 50.39 12.55
CA HIS A 174 -9.08 49.32 12.93
C HIS A 174 -8.63 47.98 12.38
N ASP A 175 -7.32 47.76 12.29
CA ASP A 175 -6.82 46.58 11.62
C ASP A 175 -7.16 45.32 12.40
N PHE A 176 -7.45 44.25 11.68
CA PHE A 176 -7.43 42.91 12.23
C PHE A 176 -6.02 42.36 12.06
N ARG A 177 -5.52 41.70 13.09
CA ARG A 177 -4.18 41.16 13.09
C ARG A 177 -4.16 39.85 13.86
N VAL A 178 -3.53 38.84 13.30
CA VAL A 178 -3.01 37.77 14.13
C VAL A 178 -1.63 38.21 14.62
N TRP A 179 -1.47 38.32 15.94
CA TRP A 179 -0.17 38.76 16.46
C TRP A 179 0.88 37.66 16.37
N ASN A 180 0.44 36.41 16.35
CA ASN A 180 1.34 35.29 16.15
C ASN A 180 1.99 35.38 14.78
N SER A 181 3.21 34.85 14.68
CA SER A 181 3.81 34.79 13.36
C SER A 181 3.33 33.55 12.64
N GLN A 182 3.33 32.40 13.31
CA GLN A 182 2.64 31.23 12.79
C GLN A 182 1.50 30.86 13.73
N LEU A 183 0.49 30.15 13.21
CA LEU A 183 -0.67 29.79 14.04
C LEU A 183 -0.27 28.80 15.12
N ILE A 184 0.63 27.87 14.79
CA ILE A 184 1.18 26.94 15.76
C ILE A 184 2.69 27.19 15.82
N ARG A 185 3.19 27.60 16.99
CA ARG A 185 4.62 27.72 17.28
C ARG A 185 4.84 27.33 18.73
N TYR A 186 6.09 26.99 19.07
CA TYR A 186 6.42 26.67 20.45
C TYR A 186 7.01 27.88 21.16
N ALA A 187 6.75 27.95 22.47
CA ALA A 187 7.26 29.04 23.28
C ALA A 187 8.77 28.93 23.44
N GLY A 188 9.43 30.07 23.54
CA GLY A 188 10.82 30.14 23.94
C GLY A 188 10.95 30.93 25.23
N TYR A 189 11.81 30.45 26.13
CA TYR A 189 12.00 31.06 27.44
C TYR A 189 13.50 31.25 27.68
N LYS A 190 13.92 32.50 27.86
CA LYS A 190 15.29 32.75 28.26
C LYS A 190 15.43 32.58 29.77
N GLN A 191 16.47 31.84 30.20
CA GLN A 191 16.75 31.55 31.60
C GLN A 191 17.65 32.63 32.19
N PRO A 192 17.60 32.83 33.50
CA PRO A 192 18.53 33.80 34.12
C PRO A 192 19.99 33.56 33.78
N ASP A 193 20.39 32.32 33.51
CA ASP A 193 21.79 32.02 33.23
C ASP A 193 22.17 32.25 31.78
N GLY A 194 21.26 32.76 30.97
CA GLY A 194 21.51 32.95 29.57
C GLY A 194 21.09 31.80 28.68
N SER A 195 20.78 30.64 29.23
CA SER A 195 20.28 29.57 28.38
C SER A 195 18.88 29.89 27.87
N THR A 196 18.39 29.07 26.96
CA THR A 196 17.07 29.26 26.39
C THR A 196 16.33 27.93 26.41
N LEU A 197 15.12 27.94 26.95
CA LEU A 197 14.26 26.76 26.94
C LEU A 197 13.22 26.92 25.84
N GLY A 198 12.95 25.83 25.12
CA GLY A 198 12.05 25.89 23.98
C GLY A 198 12.68 26.46 22.71
N ASP A 199 11.92 27.28 22.00
CA ASP A 199 12.33 27.80 20.69
C ASP A 199 12.87 29.22 20.86
N PRO A 200 14.19 29.43 20.74
CA PRO A 200 14.76 30.78 20.96
C PRO A 200 14.23 31.84 20.03
N ALA A 201 13.72 31.46 18.85
CA ALA A 201 13.15 32.44 17.92
C ALA A 201 11.89 33.08 18.46
N ASN A 202 11.24 32.48 19.44
CA ASN A 202 9.93 32.95 19.87
C ASN A 202 9.94 33.61 21.24
N VAL A 203 11.13 34.00 21.71
CA VAL A 203 11.25 34.53 23.06
C VAL A 203 10.51 35.84 23.22
N GLN A 204 10.61 36.74 22.23
CA GLN A 204 9.94 38.03 22.36
C GLN A 204 8.42 37.86 22.42
N PHE A 205 7.87 37.10 21.47
CA PHE A 205 6.42 36.89 21.46
C PHE A 205 5.96 36.09 22.67
N THR A 206 6.78 35.14 23.14
CA THR A 206 6.48 34.47 24.39
C THR A 206 6.38 35.46 25.55
N GLU A 207 7.24 36.47 25.57
CA GLU A 207 7.17 37.48 26.64
C GLU A 207 5.88 38.29 26.54
N ILE A 208 5.50 38.71 25.32
CA ILE A 208 4.26 39.45 25.13
C ILE A 208 3.09 38.68 25.70
N CYS A 209 3.00 37.38 25.37
CA CYS A 209 1.87 36.56 25.84
C CYS A 209 1.82 36.52 27.36
N ILE A 210 2.94 36.18 28.00
CA ILE A 210 2.99 36.10 29.45
C ILE A 210 2.55 37.42 30.06
N GLN A 211 3.06 38.53 29.53
CA GLN A 211 2.64 39.85 30.01
C GLN A 211 1.14 40.06 29.83
N GLN A 212 0.59 39.61 28.71
CA GLN A 212 -0.85 39.69 28.49
C GLN A 212 -1.64 38.80 29.43
N GLY A 213 -0.99 37.94 30.21
CA GLY A 213 -1.67 37.10 31.17
C GLY A 213 -1.44 35.61 31.01
N TRP A 214 -0.88 35.18 29.88
CA TRP A 214 -0.62 33.77 29.66
C TRP A 214 0.15 33.13 30.81
N LYS A 215 -0.34 31.99 31.28
CA LYS A 215 0.32 31.21 32.32
C LYS A 215 1.20 30.16 31.67
N PRO A 216 2.49 30.41 31.55
CA PRO A 216 3.36 29.53 30.76
C PRO A 216 3.64 28.23 31.50
N PRO A 217 3.57 27.10 30.82
CA PRO A 217 4.02 25.84 31.43
C PRO A 217 5.53 25.75 31.59
N ARG A 218 6.28 26.62 30.92
CA ARG A 218 7.74 26.63 31.00
C ARG A 218 8.32 25.24 30.70
N GLY A 219 7.89 24.68 29.56
CA GLY A 219 8.48 23.48 29.01
C GLY A 219 9.20 23.77 27.70
N ARG A 220 9.56 22.69 27.00
CA ARG A 220 10.29 22.85 25.75
C ARG A 220 9.39 22.87 24.53
N PHE A 221 8.16 22.35 24.63
CA PHE A 221 7.28 22.31 23.47
C PHE A 221 5.89 22.76 23.86
N ASP A 222 5.83 23.94 24.49
CA ASP A 222 4.58 24.61 24.82
C ASP A 222 4.03 25.26 23.56
N VAL A 223 2.89 24.76 23.06
CA VAL A 223 2.21 25.46 21.98
C VAL A 223 1.77 26.82 22.49
N LEU A 224 2.11 27.88 21.76
CA LEU A 224 1.78 29.20 22.26
C LEU A 224 0.29 29.50 22.09
N PRO A 225 -0.25 30.45 22.85
CA PRO A 225 -1.65 30.83 22.63
C PRO A 225 -1.77 31.81 21.48
N LEU A 226 -2.98 31.87 20.93
CA LEU A 226 -3.30 32.87 19.93
C LEU A 226 -3.47 34.24 20.58
N LEU A 227 -2.96 35.26 19.91
CA LEU A 227 -3.08 36.66 20.32
C LEU A 227 -3.77 37.36 19.16
N LEU A 228 -5.06 37.58 19.31
CA LEU A 228 -5.89 37.96 18.17
C LEU A 228 -6.38 39.38 18.37
N GLN A 229 -6.25 40.19 17.32
CA GLN A 229 -6.66 41.58 17.34
C GLN A 229 -7.74 41.78 16.29
N ALA A 230 -8.90 42.27 16.73
CA ALA A 230 -10.03 42.55 15.85
C ALA A 230 -10.37 44.02 15.89
N ASN A 231 -10.57 44.60 14.70
CA ASN A 231 -11.07 45.97 14.54
C ASN A 231 -10.24 47.00 15.28
N GLY A 232 -8.94 46.77 15.43
CA GLY A 232 -8.09 47.76 16.07
C GLY A 232 -8.11 47.74 17.58
N ASN A 233 -8.83 46.82 18.20
CA ASN A 233 -8.80 46.81 19.65
C ASN A 233 -7.55 46.08 20.15
N ASP A 234 -7.30 46.21 21.44
CA ASP A 234 -6.20 45.48 22.06
C ASP A 234 -6.37 44.00 21.77
N PRO A 235 -5.27 43.27 21.60
CA PRO A 235 -5.39 41.84 21.29
C PRO A 235 -5.82 41.05 22.50
N GLU A 236 -6.37 39.86 22.24
CA GLU A 236 -6.86 38.98 23.29
C GLU A 236 -6.30 37.57 23.12
N LEU A 237 -6.09 36.88 24.25
CA LEU A 237 -5.54 35.53 24.28
C LEU A 237 -6.61 34.45 24.16
N PHE A 238 -6.27 33.37 23.46
CA PHE A 238 -7.09 32.17 23.37
C PHE A 238 -6.16 30.97 23.25
N GLN A 239 -6.51 29.87 23.91
CA GLN A 239 -5.74 28.63 23.81
C GLN A 239 -6.39 27.76 22.74
N ILE A 240 -5.67 27.52 21.64
CA ILE A 240 -6.07 26.50 20.69
C ILE A 240 -6.34 25.21 21.46
N PRO A 241 -7.47 24.56 21.27
CA PRO A 241 -7.72 23.31 21.97
C PRO A 241 -6.68 22.28 21.57
N PRO A 242 -6.10 21.59 22.56
CA PRO A 242 -4.92 20.76 22.28
C PRO A 242 -5.17 19.64 21.31
N GLU A 243 -6.42 19.19 21.18
CA GLU A 243 -6.76 18.11 20.26
C GLU A 243 -6.76 18.55 18.80
N LEU A 244 -6.77 19.86 18.54
CA LEU A 244 -6.60 20.37 17.18
C LEU A 244 -5.13 20.50 16.73
N VAL A 245 -4.15 20.47 17.64
CA VAL A 245 -2.74 20.65 17.30
C VAL A 245 -2.13 19.28 17.03
N LEU A 246 -2.00 18.90 15.76
CA LEU A 246 -1.41 17.61 15.46
C LEU A 246 0.11 17.72 15.61
N GLU A 247 0.70 16.76 16.32
CA GLU A 247 2.14 16.77 16.57
C GLU A 247 2.73 15.41 16.24
N VAL A 248 4.04 15.43 15.94
CA VAL A 248 4.77 14.26 15.47
C VAL A 248 6.00 14.08 16.33
N PRO A 249 6.15 12.98 17.05
CA PRO A 249 7.41 12.70 17.74
C PRO A 249 8.50 12.30 16.75
N ILE A 250 9.70 12.85 16.94
CA ILE A 250 10.78 12.69 15.98
C ILE A 250 11.66 11.54 16.41
N ARG A 251 11.61 10.44 15.67
CA ARG A 251 12.49 9.29 15.90
C ARG A 251 13.35 9.05 14.66
N HIS A 252 14.32 8.14 14.77
CA HIS A 252 15.19 7.86 13.65
C HIS A 252 15.01 6.41 13.18
N PRO A 253 15.02 6.14 11.88
CA PRO A 253 14.78 4.77 11.42
C PRO A 253 15.90 3.82 11.76
N LYS A 254 17.10 4.31 12.04
CA LYS A 254 18.26 3.49 12.31
C LYS A 254 18.84 3.70 13.70
N PHE A 255 18.85 4.92 14.20
CA PHE A 255 19.45 5.22 15.50
C PHE A 255 18.41 5.03 16.60
N GLU A 256 18.58 3.98 17.42
CA GLU A 256 17.70 3.73 18.55
C GLU A 256 17.57 4.96 19.44
N TRP A 257 18.67 5.68 19.63
CA TRP A 257 18.76 6.73 20.64
C TRP A 257 18.02 8.01 20.28
N PHE A 258 17.66 8.19 19.01
CA PHE A 258 17.25 9.51 18.56
C PHE A 258 15.97 9.96 19.27
N LYS A 259 14.98 9.08 19.35
CA LYS A 259 13.76 9.37 20.10
C LYS A 259 14.07 9.84 21.53
N ASP A 260 15.21 9.45 22.08
CA ASP A 260 15.54 9.87 23.43
C ASP A 260 15.97 11.33 23.49
N LEU A 261 16.12 12.00 22.36
CA LEU A 261 16.27 13.44 22.42
C LEU A 261 14.97 14.14 22.81
N GLY A 262 13.86 13.41 22.92
CA GLY A 262 12.58 13.98 23.29
C GLY A 262 12.02 14.98 22.30
N LEU A 263 12.37 14.87 21.03
CA LEU A 263 12.01 15.89 20.07
C LEU A 263 10.67 15.60 19.40
N LYS A 264 9.95 16.68 19.09
CA LYS A 264 8.69 16.60 18.37
C LYS A 264 8.47 17.92 17.66
N TRP A 265 7.68 17.87 16.59
CA TRP A 265 7.27 19.10 15.92
C TRP A 265 5.79 19.03 15.58
N TYR A 266 5.24 20.18 15.22
CA TYR A 266 3.84 20.19 14.83
C TYR A 266 3.71 19.92 13.34
N GLY A 267 2.51 19.54 12.93
CA GLY A 267 2.31 19.08 11.57
C GLY A 267 1.99 20.22 10.63
N LEU A 268 1.46 21.32 11.16
CA LEU A 268 0.81 22.32 10.32
C LEU A 268 1.61 23.61 10.27
N PRO A 269 2.22 23.93 9.13
CA PRO A 269 2.85 25.26 8.98
C PRO A 269 1.79 26.25 8.55
N ALA A 270 1.69 27.37 9.29
CA ALA A 270 0.59 28.30 9.05
C ALA A 270 1.06 29.73 9.32
N VAL A 271 1.37 30.46 8.25
CA VAL A 271 1.90 31.82 8.36
C VAL A 271 0.77 32.78 8.66
N SER A 272 0.96 33.62 9.68
CA SER A 272 -0.15 34.46 10.12
C SER A 272 0.16 35.94 10.23
N ASN A 273 1.37 36.39 9.85
CA ASN A 273 1.74 37.79 10.05
C ASN A 273 1.94 38.54 8.75
N MET A 274 1.47 38.02 7.64
CA MET A 274 1.66 38.65 6.34
C MET A 274 0.38 39.32 5.87
N LEU A 275 0.53 40.22 4.93
CA LEU A 275 -0.56 41.05 4.45
C LEU A 275 -0.89 40.62 3.04
N LEU A 276 -2.16 40.34 2.79
CA LEU A 276 -2.64 39.96 1.47
C LEU A 276 -3.23 41.18 0.78
N GLU A 277 -2.66 41.53 -0.38
CA GLU A 277 -3.01 42.73 -1.12
C GLU A 277 -3.70 42.32 -2.41
N ILE A 278 -4.97 42.69 -2.56
CA ILE A 278 -5.75 42.36 -3.75
C ILE A 278 -6.42 43.64 -4.23
N GLY A 279 -6.10 44.06 -5.45
CA GLY A 279 -6.77 45.22 -6.05
C GLY A 279 -6.57 46.51 -5.29
N GLY A 280 -5.45 46.64 -4.59
CA GLY A 280 -5.23 47.79 -3.74
C GLY A 280 -5.79 47.66 -2.34
N LEU A 281 -6.61 46.64 -2.07
CA LEU A 281 -7.13 46.40 -0.73
C LEU A 281 -6.12 45.59 0.09
N GLU A 282 -6.03 45.91 1.38
CA GLU A 282 -5.06 45.31 2.27
C GLU A 282 -5.76 44.45 3.32
N PHE A 283 -5.46 43.16 3.32
CA PHE A 283 -6.03 42.21 4.26
C PHE A 283 -4.96 41.88 5.30
N SER A 284 -4.90 42.71 6.34
CA SER A 284 -3.82 42.65 7.30
C SER A 284 -3.82 41.36 8.12
N ALA A 285 -4.92 40.59 8.12
CA ALA A 285 -4.95 39.32 8.82
C ALA A 285 -5.52 38.28 7.87
N CYS A 286 -4.72 37.26 7.56
CA CYS A 286 -5.02 36.37 6.46
C CYS A 286 -4.23 35.07 6.60
N PRO A 287 -4.30 34.38 7.74
CA PRO A 287 -3.41 33.23 7.95
C PRO A 287 -3.67 32.12 6.96
N PHE A 288 -2.59 31.55 6.43
CA PHE A 288 -2.64 30.47 5.44
C PHE A 288 -1.75 29.33 5.88
N SER A 289 -2.08 28.13 5.41
CA SER A 289 -1.36 26.95 5.83
C SER A 289 -1.20 26.01 4.66
N GLY A 290 -0.18 25.15 4.73
CA GLY A 290 -0.01 24.07 3.78
C GLY A 290 0.48 22.83 4.48
N TRP A 291 1.57 22.24 3.98
CA TRP A 291 2.30 21.21 4.70
C TRP A 291 3.79 21.53 4.60
N TYR A 292 4.58 20.88 5.43
CA TYR A 292 6.00 21.17 5.53
C TYR A 292 6.83 20.55 4.43
N MET A 293 7.87 21.27 4.01
CA MET A 293 9.05 20.65 3.43
C MET A 293 9.98 20.26 4.56
N GLY A 294 10.56 19.07 4.48
CA GLY A 294 11.32 18.51 5.60
C GLY A 294 12.37 19.46 6.16
N THR A 295 13.11 20.15 5.27
CA THR A 295 14.26 20.95 5.71
C THR A 295 13.86 22.17 6.52
N GLU A 296 12.60 22.63 6.41
CA GLU A 296 12.17 23.75 7.23
C GLU A 296 12.32 23.39 8.71
N ILE A 297 11.88 22.19 9.07
CA ILE A 297 12.09 21.66 10.42
C ILE A 297 13.52 21.15 10.57
N GLY A 298 13.95 20.27 9.65
CA GLY A 298 15.18 19.52 9.87
C GLY A 298 16.45 20.38 9.83
N VAL A 299 16.50 21.36 8.94
CA VAL A 299 17.69 22.19 8.78
C VAL A 299 17.61 23.46 9.61
N ARG A 300 16.53 24.22 9.43
CA ARG A 300 16.40 25.57 10.01
C ARG A 300 15.88 25.54 11.44
N ASP A 301 14.68 24.96 11.67
CA ASP A 301 14.09 24.91 13.01
C ASP A 301 15.01 24.23 14.01
N TYR A 302 15.65 23.13 13.61
CA TYR A 302 16.46 22.34 14.53
C TYR A 302 17.92 22.76 14.61
N CYS A 303 18.50 23.25 13.51
CA CYS A 303 19.95 23.32 13.40
C CYS A 303 20.53 24.72 13.20
N ASP A 304 19.71 25.74 12.94
CA ASP A 304 20.21 27.11 13.06
C ASP A 304 20.78 27.35 14.45
N ASN A 305 21.89 28.09 14.53
CA ASN A 305 22.44 28.41 15.83
C ASN A 305 21.49 29.26 16.66
N SER A 306 20.70 30.10 16.01
CA SER A 306 19.70 30.94 16.68
C SER A 306 18.44 30.18 17.05
N ARG A 307 18.31 28.91 16.66
CA ARG A 307 17.09 28.13 16.86
C ARG A 307 17.33 26.97 17.82
N TYR A 308 16.85 25.76 17.53
CA TYR A 308 16.97 24.72 18.56
C TYR A 308 18.40 24.22 18.69
N ASN A 309 19.20 24.31 17.61
CA ASN A 309 20.65 24.16 17.68
C ASN A 309 21.06 22.80 18.28
N ILE A 310 20.48 21.73 17.76
CA ILE A 310 20.70 20.37 18.29
C ILE A 310 21.78 19.64 17.52
N LEU A 311 22.49 20.31 16.60
CA LEU A 311 23.58 19.64 15.89
C LEU A 311 24.58 19.04 16.88
N GLU A 312 24.95 19.82 17.90
CA GLU A 312 25.98 19.35 18.82
C GLU A 312 25.52 18.11 19.57
N GLU A 313 24.26 18.07 20.00
CA GLU A 313 23.79 16.90 20.72
C GLU A 313 23.69 15.68 19.81
N VAL A 314 23.22 15.87 18.59
CA VAL A 314 23.12 14.76 17.65
C VAL A 314 24.51 14.28 17.26
N ALA A 315 25.40 15.22 16.93
CA ALA A 315 26.77 14.85 16.57
C ALA A 315 27.45 14.11 17.72
N LYS A 316 27.19 14.50 18.97
CA LYS A 316 27.77 13.81 20.11
C LYS A 316 27.31 12.37 20.15
N LYS A 317 25.99 12.16 20.17
CA LYS A 317 25.44 10.81 20.16
C LYS A 317 25.86 10.03 18.93
N MET A 318 26.21 10.70 17.83
CA MET A 318 26.77 10.01 16.67
C MET A 318 28.24 9.67 16.86
N ASN A 319 28.87 10.11 17.95
CA ASN A 319 30.28 9.84 18.22
C ASN A 319 31.20 10.44 17.15
N LEU A 320 30.91 11.67 16.75
CA LEU A 320 31.65 12.30 15.67
C LEU A 320 32.84 13.08 16.23
N ASP A 321 33.89 13.20 15.43
CA ASP A 321 35.02 14.06 15.78
C ASP A 321 34.61 15.49 15.51
N MET A 322 34.47 16.27 16.58
CA MET A 322 34.00 17.65 16.50
C MET A 322 35.10 18.65 16.84
N ARG A 323 36.36 18.21 16.80
CA ARG A 323 37.48 19.10 17.07
C ARG A 323 37.93 19.88 15.84
N LYS A 324 37.48 19.53 14.63
CA LYS A 324 37.82 20.31 13.46
C LYS A 324 36.68 20.24 12.47
N THR A 325 36.35 21.40 11.86
CA THR A 325 35.19 21.48 10.98
C THR A 325 35.33 20.55 9.79
N SER A 326 36.56 20.39 9.28
CA SER A 326 36.81 19.64 8.06
C SER A 326 36.41 18.18 8.17
N SER A 327 36.13 17.68 9.38
CA SER A 327 35.50 16.37 9.50
C SER A 327 34.08 16.38 8.95
N LEU A 328 33.47 17.55 8.84
CA LEU A 328 32.09 17.72 8.38
C LEU A 328 31.11 16.99 9.30
N TRP A 329 31.37 17.07 10.62
CA TRP A 329 30.44 16.51 11.59
C TRP A 329 29.10 17.24 11.55
N LYS A 330 29.11 18.57 11.45
CA LYS A 330 27.86 19.32 11.31
C LYS A 330 27.05 18.82 10.12
N ASP A 331 27.70 18.67 8.96
CA ASP A 331 26.97 18.24 7.78
C ASP A 331 26.38 16.85 7.99
N GLN A 332 27.18 15.96 8.59
CA GLN A 332 26.77 14.57 8.80
C GLN A 332 25.59 14.49 9.75
N ALA A 333 25.62 15.27 10.83
CA ALA A 333 24.52 15.29 11.77
C ALA A 333 23.28 15.92 11.14
N LEU A 334 23.47 16.98 10.34
CA LEU A 334 22.33 17.66 9.73
C LEU A 334 21.53 16.73 8.83
N VAL A 335 22.21 15.82 8.13
CA VAL A 335 21.50 14.89 7.24
C VAL A 335 20.62 13.94 8.05
N GLU A 336 21.19 13.34 9.09
CA GLU A 336 20.43 12.36 9.88
C GLU A 336 19.22 13.01 10.53
N ILE A 337 19.38 14.23 11.04
CA ILE A 337 18.24 14.96 11.62
C ILE A 337 17.14 15.10 10.58
N ASN A 338 17.52 15.37 9.35
CA ASN A 338 16.51 15.54 8.32
C ASN A 338 15.92 14.21 7.86
N ILE A 339 16.71 13.13 7.91
CA ILE A 339 16.17 11.79 7.69
C ILE A 339 15.13 11.47 8.76
N ALA A 340 15.44 11.84 10.00
CA ALA A 340 14.54 11.57 11.11
C ALA A 340 13.21 12.31 10.92
N VAL A 341 13.28 13.61 10.60
CA VAL A 341 12.06 14.39 10.43
C VAL A 341 11.15 13.78 9.37
N LEU A 342 11.73 13.39 8.22
CA LEU A 342 10.93 12.80 7.16
C LEU A 342 10.36 11.43 7.58
N TYR A 343 11.21 10.58 8.16
CA TYR A 343 10.78 9.27 8.62
C TYR A 343 9.58 9.35 9.56
N SER A 344 9.59 10.34 10.46
CA SER A 344 8.62 10.38 11.53
C SER A 344 7.28 10.87 11.02
N PHE A 345 7.29 11.88 10.16
CA PHE A 345 6.06 12.32 9.54
C PHE A 345 5.46 11.22 8.68
N GLN A 346 6.27 10.65 7.77
CA GLN A 346 5.77 9.57 6.93
C GLN A 346 5.19 8.44 7.75
N SER A 347 5.85 8.07 8.85
CA SER A 347 5.39 6.94 9.64
C SER A 347 4.04 7.22 10.28
N ASP A 348 3.83 8.45 10.76
CA ASP A 348 2.56 8.84 11.36
C ASP A 348 1.55 9.33 10.34
N LYS A 349 1.82 9.11 9.05
CA LYS A 349 0.93 9.53 7.96
C LYS A 349 0.54 11.00 8.07
N VAL A 350 1.51 11.84 8.37
CA VAL A 350 1.34 13.29 8.33
C VAL A 350 2.04 13.80 7.07
N THR A 351 1.33 14.60 6.27
CA THR A 351 1.87 15.10 5.01
C THR A 351 3.19 15.82 5.23
N ILE A 352 4.19 15.43 4.45
CA ILE A 352 5.47 16.12 4.41
C ILE A 352 6.03 15.91 3.01
N VAL A 353 6.90 16.81 2.59
CA VAL A 353 7.56 16.69 1.30
C VAL A 353 9.05 16.93 1.50
N ASP A 354 9.88 16.09 0.89
CA ASP A 354 11.32 16.25 1.03
C ASP A 354 11.84 17.26 0.03
N HIS A 355 13.08 17.71 0.22
CA HIS A 355 13.51 18.84 -0.60
C HIS A 355 13.74 18.43 -2.05
N HIS A 356 14.00 17.15 -2.32
CA HIS A 356 14.23 16.70 -3.69
C HIS A 356 12.93 16.66 -4.48
N SER A 357 11.90 16.05 -3.91
CA SER A 357 10.60 16.02 -4.57
CA SER A 357 10.60 16.01 -4.58
C SER A 357 10.03 17.42 -4.74
N ALA A 358 10.11 18.23 -3.69
CA ALA A 358 9.59 19.59 -3.74
C ALA A 358 10.24 20.38 -4.86
N THR A 359 11.58 20.35 -4.95
CA THR A 359 12.24 21.17 -5.96
C THR A 359 11.96 20.65 -7.35
N GLU A 360 11.95 19.32 -7.51
CA GLU A 360 11.63 18.73 -8.80
C GLU A 360 10.23 19.13 -9.25
N SER A 361 9.26 19.11 -8.33
CA SER A 361 7.91 19.52 -8.66
C SER A 361 7.87 20.99 -9.06
N PHE A 362 8.68 21.82 -8.41
CA PHE A 362 8.67 23.24 -8.72
C PHE A 362 9.22 23.52 -10.12
N ILE A 363 10.19 22.73 -10.60
CA ILE A 363 10.70 22.89 -11.95
C ILE A 363 9.62 22.57 -12.98
N LYS A 364 8.94 21.44 -12.78
CA LYS A 364 7.74 21.13 -13.56
C LYS A 364 6.74 22.27 -13.50
N HIS A 365 6.45 22.76 -12.30
CA HIS A 365 5.55 23.91 -12.13
C HIS A 365 6.02 25.10 -12.96
N MET A 366 7.26 25.54 -12.73
CA MET A 366 7.81 26.66 -13.48
C MET A 366 7.62 26.45 -14.98
N GLU A 367 8.01 25.29 -15.49
CA GLU A 367 7.90 25.09 -16.93
C GLU A 367 6.45 25.19 -17.40
N ASN A 368 5.51 24.64 -16.64
CA ASN A 368 4.10 24.80 -16.98
C ASN A 368 3.69 26.27 -17.00
N GLU A 369 4.10 27.02 -15.97
CA GLU A 369 3.77 28.45 -15.90
C GLU A 369 4.37 29.23 -17.06
N TYR A 370 5.59 28.89 -17.49
CA TYR A 370 6.11 29.53 -18.69
C TYR A 370 5.23 29.21 -19.89
N ARG A 371 4.82 27.93 -20.01
CA ARG A 371 3.92 27.49 -21.09
C ARG A 371 2.61 28.27 -21.11
N CYS A 372 1.86 28.21 -20.02
CA CYS A 372 0.48 28.68 -20.00
CA CYS A 372 0.48 28.69 -20.02
C CYS A 372 0.33 30.13 -19.54
N ARG A 373 1.35 30.68 -18.87
CA ARG A 373 1.27 32.03 -18.32
C ARG A 373 2.30 32.99 -18.90
N GLY A 374 3.38 32.49 -19.51
CA GLY A 374 4.40 33.39 -20.01
C GLY A 374 5.46 33.73 -18.99
N GLY A 375 5.41 33.14 -17.81
CA GLY A 375 6.50 33.25 -16.88
C GLY A 375 6.13 32.66 -15.53
N CYS A 376 7.03 32.85 -14.59
CA CYS A 376 6.86 32.43 -13.21
C CYS A 376 7.95 33.10 -12.41
N PRO A 377 7.64 34.19 -11.71
CA PRO A 377 8.68 34.86 -10.94
C PRO A 377 9.09 33.98 -9.77
N ALA A 378 10.37 34.02 -9.44
CA ALA A 378 10.92 33.05 -8.51
C ALA A 378 12.23 33.59 -7.94
N ASP A 379 12.44 33.34 -6.66
CA ASP A 379 13.51 33.93 -5.86
C ASP A 379 14.48 32.80 -5.55
N TRP A 380 15.52 32.70 -6.39
CA TRP A 380 16.49 31.61 -6.27
C TRP A 380 17.07 31.51 -4.87
N VAL A 381 17.42 32.64 -4.27
CA VAL A 381 17.97 32.68 -2.91
C VAL A 381 17.07 31.92 -1.96
N TRP A 382 15.76 31.93 -2.22
CA TRP A 382 14.80 31.29 -1.33
C TRP A 382 14.30 29.95 -1.83
N ILE A 383 14.22 29.75 -3.15
CA ILE A 383 13.77 28.48 -3.72
C ILE A 383 14.78 27.37 -3.43
N VAL A 384 16.07 27.70 -3.41
CA VAL A 384 17.05 26.62 -3.22
C VAL A 384 17.02 26.13 -1.78
N PRO A 385 16.88 24.83 -1.57
CA PRO A 385 16.80 24.30 -0.20
C PRO A 385 18.04 24.67 0.61
N PRO A 386 17.89 24.76 1.94
CA PRO A 386 19.02 25.16 2.80
C PRO A 386 20.08 24.08 3.01
N MET A 387 19.92 22.89 2.43
CA MET A 387 20.95 21.87 2.44
C MET A 387 21.02 21.25 1.06
N SER A 388 22.16 20.62 0.76
CA SER A 388 22.35 19.83 -0.46
C SER A 388 21.89 20.59 -1.70
N GLY A 389 22.17 21.90 -1.72
CA GLY A 389 21.55 22.76 -2.72
C GLY A 389 21.84 22.34 -4.15
N SER A 390 23.11 22.05 -4.45
CA SER A 390 23.46 21.82 -5.85
C SER A 390 22.96 20.48 -6.35
N ILE A 391 22.62 19.53 -5.48
CA ILE A 391 22.17 18.25 -6.00
C ILE A 391 20.67 18.24 -6.15
N THR A 392 20.04 19.41 -6.00
CA THR A 392 18.62 19.56 -6.32
C THR A 392 18.49 20.40 -7.58
N PRO A 393 17.49 20.12 -8.42
CA PRO A 393 17.51 20.68 -9.78
C PRO A 393 17.29 22.18 -9.85
N VAL A 394 16.69 22.81 -8.83
CA VAL A 394 16.48 24.26 -8.88
C VAL A 394 17.81 25.02 -8.85
N PHE A 395 18.83 24.44 -8.23
CA PHE A 395 20.11 25.12 -8.12
C PHE A 395 20.62 25.52 -9.51
N HIS A 396 20.38 24.66 -10.49
CA HIS A 396 20.90 24.84 -11.85
C HIS A 396 19.95 25.62 -12.73
N GLN A 397 18.89 26.14 -12.14
CA GLN A 397 17.80 26.77 -12.88
C GLN A 397 17.90 28.28 -12.71
N GLU A 398 18.21 28.98 -13.78
CA GLU A 398 18.07 30.42 -13.80
C GLU A 398 16.61 30.81 -13.54
N MET A 399 16.43 31.90 -12.81
CA MET A 399 15.11 32.39 -12.43
C MET A 399 15.08 33.91 -12.57
N LEU A 400 13.93 34.43 -12.96
CA LEU A 400 13.69 35.87 -12.95
C LEU A 400 12.74 36.20 -11.81
N ASN A 401 13.08 37.25 -11.07
CA ASN A 401 12.31 37.65 -9.90
C ASN A 401 11.65 38.99 -10.16
N TYR A 402 10.33 39.05 -9.97
CA TYR A 402 9.60 40.29 -10.14
C TYR A 402 8.30 40.16 -9.36
N ARG A 403 7.68 41.29 -9.06
CA ARG A 403 6.54 41.34 -8.16
C ARG A 403 5.28 41.47 -8.99
N LEU A 404 4.38 40.51 -8.83
CA LEU A 404 3.04 40.61 -9.39
C LEU A 404 2.03 40.82 -8.28
N THR A 405 0.95 41.54 -8.60
CA THR A 405 -0.17 41.61 -7.68
CA THR A 405 -0.19 41.64 -7.70
C THR A 405 -1.37 40.87 -8.26
N PRO A 406 -2.24 40.30 -7.42
CA PRO A 406 -2.25 40.20 -5.95
C PRO A 406 -0.98 39.59 -5.36
N SER A 407 -0.59 40.02 -4.18
CA SER A 407 0.63 39.49 -3.59
C SER A 407 0.46 39.34 -2.09
N PHE A 408 1.38 38.54 -1.51
CA PHE A 408 1.59 38.51 -0.07
C PHE A 408 2.75 39.43 0.24
N GLU A 409 2.56 40.28 1.24
CA GLU A 409 3.52 41.30 1.61
C GLU A 409 3.85 41.16 3.08
N TYR A 410 5.05 41.63 3.43
CA TYR A 410 5.42 41.81 4.83
C TYR A 410 4.77 43.07 5.40
N GLN A 411 4.57 43.07 6.70
CA GLN A 411 4.03 44.23 7.38
C GLN A 411 4.72 44.30 8.72
N PRO A 412 4.79 45.49 9.32
CA PRO A 412 5.50 45.60 10.60
C PRO A 412 4.77 44.84 11.70
N ASP A 413 5.56 44.32 12.63
CA ASP A 413 5.01 43.59 13.77
C ASP A 413 3.99 44.47 14.52
N PRO A 414 2.90 43.89 15.02
CA PRO A 414 1.82 44.73 15.54
C PRO A 414 2.18 45.41 16.85
N TRP A 415 3.02 44.80 17.67
CA TRP A 415 3.44 45.42 18.91
C TRP A 415 4.38 46.60 18.69
N ASN A 416 4.83 46.85 17.47
CA ASN A 416 5.61 48.05 17.21
C ASN A 416 4.75 49.24 16.81
N THR A 417 3.49 49.02 16.47
CA THR A 417 2.64 50.10 15.99
C THR A 417 1.34 50.26 16.75
N HIS A 418 0.92 49.25 17.52
CA HIS A 418 -0.41 49.29 18.13
C HIS A 418 -0.50 50.37 19.20
N VAL A 419 -1.65 51.05 19.23
CA VAL A 419 -1.94 52.08 20.21
C VAL A 419 -2.82 51.43 21.28
N TRP A 420 -2.24 51.19 22.46
CA TRP A 420 -2.95 50.43 23.49
C TRP A 420 -4.10 51.25 24.06
N LYS A 421 -5.23 50.58 24.27
CA LYS A 421 -6.43 51.20 24.79
C LYS A 421 -6.47 51.11 26.31
N ARG B 3 21.36 56.49 -2.54
CA ARG B 3 21.74 56.86 -1.18
C ARG B 3 22.89 56.00 -0.68
N PHE B 4 22.71 55.41 0.51
CA PHE B 4 23.64 54.48 1.12
C PHE B 4 22.83 53.31 1.63
N LEU B 5 23.42 52.12 1.61
CA LEU B 5 22.66 50.88 1.80
C LEU B 5 23.27 50.03 2.90
N LYS B 6 22.42 49.53 3.79
CA LYS B 6 22.84 48.64 4.86
C LYS B 6 22.68 47.20 4.42
N VAL B 7 23.61 46.35 4.85
CA VAL B 7 23.42 44.90 4.77
C VAL B 7 23.39 44.39 6.20
N LYS B 8 22.52 43.41 6.44
CA LYS B 8 22.36 42.84 7.76
C LYS B 8 22.71 41.36 7.72
N ASN B 9 23.38 40.89 8.78
CA ASN B 9 23.53 39.47 9.04
C ASN B 9 22.46 39.03 10.04
N TRP B 10 21.63 38.06 9.65
CA TRP B 10 20.48 37.72 10.49
C TRP B 10 20.82 36.72 11.59
N GLU B 11 22.03 36.15 11.57
CA GLU B 11 22.47 35.28 12.66
C GLU B 11 23.11 36.06 13.79
N THR B 12 23.76 37.17 13.48
CA THR B 12 24.51 37.96 14.44
C THR B 12 23.94 39.35 14.66
N GLU B 13 23.07 39.82 13.76
CA GLU B 13 22.48 41.15 13.72
C GLU B 13 23.47 42.25 13.37
N VAL B 14 24.69 41.89 12.95
CA VAL B 14 25.64 42.93 12.52
C VAL B 14 25.11 43.60 11.26
N VAL B 15 25.17 44.93 11.23
CA VAL B 15 24.72 45.74 10.10
C VAL B 15 25.91 46.53 9.56
N LEU B 16 26.15 46.41 8.25
CA LEU B 16 27.25 47.09 7.58
C LEU B 16 26.67 48.11 6.58
N THR B 17 27.35 49.23 6.42
CA THR B 17 26.82 50.37 5.67
C THR B 17 27.69 50.60 4.43
N ASP B 18 27.11 50.33 3.27
CA ASP B 18 27.85 50.29 2.01
C ASP B 18 27.74 51.65 1.32
N THR B 19 28.90 52.24 1.01
CA THR B 19 29.00 53.37 0.11
C THR B 19 29.89 53.09 -1.09
N LEU B 20 30.67 52.00 -1.06
CA LEU B 20 31.54 51.68 -2.19
C LEU B 20 30.73 51.52 -3.48
N HIS B 21 29.49 51.01 -3.35
CA HIS B 21 28.63 50.80 -4.52
C HIS B 21 28.42 52.06 -5.33
N LEU B 22 28.70 53.23 -4.78
CA LEU B 22 28.54 54.44 -5.59
C LEU B 22 29.67 54.62 -6.57
N LYS B 23 30.66 53.74 -6.59
CA LYS B 23 31.70 53.76 -7.60
C LYS B 23 31.49 52.70 -8.68
N SER B 24 30.37 51.99 -8.64
CA SER B 24 30.13 50.95 -9.62
C SER B 24 29.77 51.57 -10.97
N THR B 25 30.21 50.94 -12.06
CA THR B 25 30.09 51.54 -13.37
C THR B 25 29.23 50.77 -14.37
N LEU B 26 29.16 49.45 -14.27
CA LEU B 26 28.49 48.63 -15.28
C LEU B 26 27.15 48.10 -14.76
N GLU B 27 26.20 47.94 -15.68
CA GLU B 27 24.90 47.42 -15.33
C GLU B 27 25.01 45.99 -14.81
N THR B 28 24.21 45.69 -13.78
CA THR B 28 24.13 44.32 -13.25
C THR B 28 23.18 43.47 -14.05
N GLY B 29 22.24 44.07 -14.77
CA GLY B 29 21.16 43.36 -15.40
C GLY B 29 19.83 43.54 -14.71
N CYS B 30 19.83 43.86 -13.42
CA CYS B 30 18.61 44.11 -12.68
C CYS B 30 18.00 45.45 -13.04
N THR B 31 16.72 45.59 -12.77
CA THR B 31 16.08 46.90 -12.73
C THR B 31 15.23 46.96 -11.47
N GLU B 32 14.71 48.15 -11.18
CA GLU B 32 13.71 48.29 -10.12
C GLU B 32 12.56 47.29 -10.29
N TYR B 33 12.31 46.79 -11.50
CA TYR B 33 11.19 45.89 -11.71
C TYR B 33 11.56 44.41 -11.86
N ILE B 34 12.79 44.09 -12.24
CA ILE B 34 13.18 42.70 -12.44
C ILE B 34 14.54 42.49 -11.80
N CYS B 35 14.72 41.36 -11.12
CA CYS B 35 16.01 40.98 -10.57
C CYS B 35 16.56 39.77 -11.32
N MET B 36 17.81 39.89 -11.75
CA MET B 36 18.49 38.86 -12.52
C MET B 36 19.62 38.21 -11.73
N GLY B 37 19.52 38.23 -10.39
CA GLY B 37 20.57 37.74 -9.52
C GLY B 37 20.93 36.27 -9.70
N SER B 38 20.09 35.48 -10.36
CA SER B 38 20.42 34.07 -10.59
C SER B 38 20.68 33.76 -12.07
N ILE B 39 20.78 34.77 -12.93
CA ILE B 39 21.19 34.58 -14.31
C ILE B 39 22.72 34.51 -14.36
N MET B 40 23.27 33.54 -15.10
CA MET B 40 24.73 33.35 -15.08
C MET B 40 25.46 34.51 -15.75
N HIS B 41 25.01 34.95 -16.91
CA HIS B 41 25.59 36.11 -17.60
C HIS B 41 24.46 37.07 -17.91
N PRO B 42 24.12 37.95 -16.97
CA PRO B 42 22.95 38.81 -17.18
C PRO B 42 23.20 40.00 -18.12
N SER B 43 24.36 40.63 -18.03
CA SER B 43 24.59 41.87 -18.74
C SER B 43 25.54 41.63 -19.91
N GLN B 44 25.35 42.38 -21.00
CA GLN B 44 26.35 42.49 -22.06
C GLN B 44 26.96 43.88 -22.09
N HIS B 45 26.69 44.71 -21.08
CA HIS B 45 27.25 46.04 -20.94
C HIS B 45 28.76 45.99 -20.79
N ALA B 46 29.49 46.19 -21.88
CA ALA B 46 30.94 46.38 -21.83
C ALA B 46 31.24 47.83 -21.47
N ARG B 47 32.52 48.18 -21.44
CA ARG B 47 32.95 49.56 -21.26
C ARG B 47 33.61 50.17 -22.49
N ARG B 48 34.26 49.35 -23.31
CA ARG B 48 34.74 49.68 -24.64
C ARG B 48 34.00 48.74 -25.58
N PRO B 49 33.97 49.01 -26.88
CA PRO B 49 33.25 48.09 -27.78
C PRO B 49 34.14 47.26 -28.71
N GLU B 50 33.50 46.31 -29.41
CA GLU B 50 34.05 45.41 -30.44
C GLU B 50 35.56 45.36 -30.57
N ASP B 51 36.15 46.11 -31.50
CA ASP B 51 37.60 46.03 -31.72
C ASP B 51 38.32 47.29 -31.25
N VAL B 52 39.31 47.72 -32.04
CA VAL B 52 40.12 48.87 -31.66
C VAL B 52 39.21 50.09 -31.52
N ALA B 53 39.15 50.63 -30.31
CA ALA B 53 38.32 51.77 -29.99
C ALA B 53 38.94 53.06 -30.50
N THR B 54 38.12 54.10 -30.58
CA THR B 54 38.62 55.41 -30.92
C THR B 54 39.18 56.08 -29.67
N LYS B 55 39.75 57.28 -29.83
CA LYS B 55 40.37 57.96 -28.70
C LYS B 55 39.35 58.34 -27.64
N ASP B 56 38.21 58.92 -28.04
CA ASP B 56 37.22 59.29 -27.02
C ASP B 56 36.61 58.08 -26.32
N GLN B 57 36.84 56.87 -26.82
CA GLN B 57 36.41 55.65 -26.14
C GLN B 57 37.47 55.14 -25.17
N LEU B 58 38.72 54.99 -25.60
CA LEU B 58 39.72 54.35 -24.76
C LEU B 58 40.24 55.29 -23.68
N PHE B 59 40.65 56.51 -24.04
CA PHE B 59 41.28 57.39 -23.07
C PHE B 59 40.45 57.62 -21.82
N PRO B 60 39.12 57.85 -21.87
CA PRO B 60 38.37 58.08 -20.62
C PRO B 60 38.40 56.91 -19.66
N LEU B 61 38.33 55.67 -20.16
CA LEU B 61 38.54 54.51 -19.31
C LEU B 61 39.97 54.47 -18.77
N ALA B 62 40.95 54.83 -19.61
CA ALA B 62 42.35 54.87 -19.16
C ALA B 62 42.55 55.89 -18.06
N LYS B 63 42.06 57.12 -18.27
CA LYS B 63 42.21 58.17 -17.26
C LYS B 63 41.61 57.74 -15.94
N GLU B 64 40.49 57.01 -16.01
CA GLU B 64 39.81 56.54 -14.82
C GLU B 64 40.71 55.60 -14.02
N PHE B 65 41.31 54.61 -14.69
CA PHE B 65 42.15 53.67 -13.97
C PHE B 65 43.40 54.34 -13.43
N ILE B 66 44.02 55.21 -14.24
CA ILE B 66 45.23 55.90 -13.80
C ILE B 66 44.93 56.79 -12.61
N ASP B 67 43.76 57.43 -12.61
CA ASP B 67 43.32 58.20 -11.46
C ASP B 67 43.15 57.31 -10.23
N GLN B 68 42.45 56.18 -10.42
CA GLN B 68 42.24 55.24 -9.32
C GLN B 68 43.57 54.71 -8.77
N TYR B 69 44.48 54.30 -9.66
CA TYR B 69 45.77 53.79 -9.17
C TYR B 69 46.54 54.87 -8.43
N TYR B 70 46.57 56.10 -8.97
CA TYR B 70 47.36 57.13 -8.30
C TYR B 70 46.69 57.63 -7.04
N SER B 71 45.35 57.60 -7.00
CA SER B 71 44.65 57.78 -5.73
C SER B 71 45.08 56.71 -4.73
N SER B 72 45.20 55.45 -5.19
CA SER B 72 45.46 54.35 -4.27
C SER B 72 46.73 54.57 -3.47
N ILE B 73 47.74 55.20 -4.06
CA ILE B 73 49.04 55.39 -3.41
C ILE B 73 49.22 56.83 -2.92
N LYS B 74 48.12 57.55 -2.68
CA LYS B 74 48.18 58.89 -2.10
C LYS B 74 49.05 59.84 -2.92
N ARG B 75 49.14 59.58 -4.22
CA ARG B 75 49.57 60.63 -5.13
C ARG B 75 48.32 61.36 -5.54
N PHE B 76 48.09 61.45 -6.85
CA PHE B 76 46.93 62.07 -7.50
C PHE B 76 47.12 63.57 -7.67
N GLY B 77 47.13 63.98 -8.93
CA GLY B 77 47.56 65.30 -9.28
C GLY B 77 49.06 65.47 -9.14
N SER B 78 49.77 64.51 -8.56
CA SER B 78 51.22 64.59 -8.44
C SER B 78 51.86 64.68 -9.82
N LYS B 79 53.17 64.93 -9.80
CA LYS B 79 53.90 65.01 -11.06
C LYS B 79 53.76 63.72 -11.87
N ALA B 80 54.10 62.58 -11.27
CA ALA B 80 54.04 61.30 -11.97
C ALA B 80 52.64 61.01 -12.51
N HIS B 81 51.60 61.41 -11.77
CA HIS B 81 50.24 61.19 -12.24
C HIS B 81 49.95 62.01 -13.50
N MET B 82 50.24 63.31 -13.46
CA MET B 82 49.97 64.16 -14.61
C MET B 82 50.80 63.73 -15.82
N GLU B 83 52.07 63.39 -15.59
CA GLU B 83 52.91 62.90 -16.67
C GLU B 83 52.37 61.59 -17.23
N ARG B 84 52.03 60.66 -16.33
CA ARG B 84 51.45 59.38 -16.76
C ARG B 84 50.18 59.59 -17.58
N LEU B 85 49.38 60.60 -17.25
CA LEU B 85 48.22 60.90 -18.11
C LEU B 85 48.68 61.30 -19.50
N GLU B 86 49.57 62.30 -19.59
CA GLU B 86 50.05 62.72 -20.90
C GLU B 86 50.79 61.61 -21.62
N GLU B 87 51.38 60.67 -20.87
CA GLU B 87 52.05 59.55 -21.51
C GLU B 87 51.02 58.62 -22.15
N VAL B 88 49.97 58.27 -21.40
CA VAL B 88 48.94 57.42 -21.99
C VAL B 88 48.29 58.12 -23.18
N ASN B 89 48.14 59.44 -23.11
CA ASN B 89 47.46 60.17 -24.17
C ASN B 89 48.27 60.13 -25.47
N LYS B 90 49.56 60.42 -25.40
CA LYS B 90 50.40 60.34 -26.59
C LYS B 90 50.39 58.94 -27.16
N GLU B 91 50.37 57.94 -26.28
CA GLU B 91 50.41 56.54 -26.68
C GLU B 91 49.17 56.14 -27.47
N ILE B 92 48.00 56.55 -26.99
CA ILE B 92 46.78 56.19 -27.71
C ILE B 92 46.71 56.93 -29.03
N ASP B 93 47.23 58.17 -29.10
CA ASP B 93 47.30 58.90 -30.36
C ASP B 93 48.20 58.22 -31.37
N THR B 94 49.26 57.56 -30.92
CA THR B 94 50.19 56.98 -31.87
C THR B 94 50.01 55.48 -32.06
N THR B 95 49.33 54.77 -31.16
CA THR B 95 49.13 53.34 -31.33
C THR B 95 47.68 52.87 -31.13
N SER B 96 46.77 53.75 -30.71
CA SER B 96 45.38 53.42 -30.43
C SER B 96 45.22 52.51 -29.22
N THR B 97 46.27 52.35 -28.42
CA THR B 97 46.21 51.62 -27.16
C THR B 97 47.26 52.24 -26.23
N TYR B 98 47.57 51.55 -25.14
CA TYR B 98 48.68 51.95 -24.27
C TYR B 98 49.10 50.76 -23.43
N GLN B 99 50.29 50.86 -22.86
CA GLN B 99 50.87 49.77 -22.07
C GLN B 99 50.90 50.17 -20.61
N LEU B 100 50.57 49.23 -19.74
CA LEU B 100 50.60 49.49 -18.30
C LEU B 100 52.02 49.37 -17.79
N LYS B 101 52.38 50.23 -16.84
CA LYS B 101 53.57 50.00 -16.07
C LYS B 101 53.43 48.72 -15.26
N ASP B 102 54.57 48.21 -14.79
CA ASP B 102 54.56 47.00 -13.98
C ASP B 102 53.75 47.20 -12.71
N THR B 103 53.89 48.36 -12.08
CA THR B 103 53.12 48.65 -10.87
C THR B 103 51.62 48.66 -11.17
N GLU B 104 51.23 49.27 -12.29
CA GLU B 104 49.82 49.33 -12.63
C GLU B 104 49.27 47.93 -12.89
N LEU B 105 50.05 47.08 -13.57
CA LEU B 105 49.62 45.72 -13.86
C LEU B 105 49.35 44.94 -12.58
N ILE B 106 50.22 45.09 -11.58
CA ILE B 106 50.06 44.32 -10.36
C ILE B 106 48.85 44.81 -9.59
N TYR B 107 48.73 46.14 -9.48
CA TYR B 107 47.56 46.75 -8.86
C TYR B 107 46.26 46.30 -9.53
N GLY B 108 46.24 46.22 -10.85
CA GLY B 108 45.01 45.90 -11.55
C GLY B 108 44.59 44.45 -11.39
N ALA B 109 45.55 43.52 -11.47
CA ALA B 109 45.24 42.10 -11.26
C ALA B 109 44.69 41.87 -9.87
N LYS B 110 45.38 42.38 -8.85
CA LYS B 110 44.93 42.17 -7.49
C LYS B 110 43.53 42.73 -7.28
N HIS B 111 43.25 43.88 -7.90
CA HIS B 111 41.99 44.55 -7.69
C HIS B 111 40.87 43.95 -8.53
N ALA B 112 41.23 43.29 -9.64
CA ALA B 112 40.29 42.44 -10.33
C ALA B 112 39.84 41.28 -9.45
N TRP B 113 40.80 40.64 -8.78
CA TRP B 113 40.47 39.60 -7.81
C TRP B 113 39.65 40.15 -6.66
N ARG B 114 40.02 41.31 -6.15
CA ARG B 114 39.35 41.88 -5.00
C ARG B 114 37.90 42.27 -5.31
N ASN B 115 37.60 42.54 -6.57
CA ASN B 115 36.28 42.99 -6.98
C ASN B 115 35.43 41.86 -7.54
N ALA B 116 35.95 40.64 -7.61
CA ALA B 116 35.21 39.53 -8.20
C ALA B 116 34.11 39.11 -7.22
N SER B 117 32.88 39.58 -7.49
CA SER B 117 31.83 39.38 -6.51
CA SER B 117 31.75 39.37 -6.59
C SER B 117 31.49 37.91 -6.28
N ARG B 118 31.85 37.01 -7.20
CA ARG B 118 31.46 35.62 -7.00
C ARG B 118 32.47 34.79 -6.24
N CYS B 119 33.61 35.34 -5.82
CA CYS B 119 34.70 34.56 -5.26
C CYS B 119 34.66 34.63 -3.73
N VAL B 120 34.46 33.46 -3.08
CA VAL B 120 34.48 33.39 -1.62
C VAL B 120 35.90 33.52 -1.06
N GLY B 121 36.92 33.35 -1.89
CA GLY B 121 38.29 33.28 -1.45
C GLY B 121 39.03 34.60 -1.37
N ARG B 122 38.34 35.74 -1.47
CA ARG B 122 39.00 37.02 -1.66
C ARG B 122 39.76 37.55 -0.43
N ILE B 123 39.67 36.91 0.74
CA ILE B 123 40.44 37.39 1.89
C ILE B 123 41.93 37.48 1.53
N GLN B 124 42.38 36.67 0.58
CA GLN B 124 43.78 36.61 0.15
C GLN B 124 44.13 37.60 -0.94
N TRP B 125 43.17 38.38 -1.44
CA TRP B 125 43.32 39.12 -2.68
C TRP B 125 44.67 39.83 -2.83
N SER B 126 45.18 40.47 -1.78
CA SER B 126 46.42 41.23 -1.96
C SER B 126 47.66 40.36 -2.02
N LYS B 127 47.54 39.05 -1.73
CA LYS B 127 48.67 38.13 -1.76
C LYS B 127 48.62 37.31 -3.05
N LEU B 128 48.88 37.98 -4.16
CA LEU B 128 48.74 37.38 -5.48
C LEU B 128 50.05 37.56 -6.22
N GLN B 129 50.70 36.47 -6.59
CA GLN B 129 51.93 36.60 -7.37
C GLN B 129 51.54 36.87 -8.83
N VAL B 130 52.01 37.98 -9.39
CA VAL B 130 51.72 38.33 -10.77
C VAL B 130 52.93 38.02 -11.63
N PHE B 131 52.74 37.20 -12.66
CA PHE B 131 53.78 36.97 -13.66
C PHE B 131 53.42 37.76 -14.90
N ASP B 132 54.29 38.70 -15.27
CA ASP B 132 54.11 39.52 -16.45
C ASP B 132 54.67 38.75 -17.64
N ALA B 133 53.79 38.34 -18.54
CA ALA B 133 54.19 37.62 -19.74
C ALA B 133 53.80 38.42 -20.97
N ARG B 134 53.84 39.75 -20.86
CA ARG B 134 53.41 40.56 -21.98
C ARG B 134 54.41 40.58 -23.12
N ASP B 135 55.60 39.99 -22.93
CA ASP B 135 56.60 39.95 -23.98
C ASP B 135 56.46 38.69 -24.83
N CYS B 136 55.51 37.83 -24.47
CA CYS B 136 55.36 36.55 -25.13
C CYS B 136 54.88 36.72 -26.58
N THR B 137 55.41 35.89 -27.49
CA THR B 137 55.01 35.99 -28.90
C THR B 137 54.46 34.72 -29.52
N THR B 138 54.69 33.54 -28.95
CA THR B 138 54.26 32.32 -29.65
C THR B 138 53.61 31.38 -28.66
N ALA B 139 52.90 30.40 -29.22
CA ALA B 139 52.23 29.38 -28.43
C ALA B 139 53.22 28.62 -27.54
N HIS B 140 54.40 28.29 -28.10
CA HIS B 140 55.50 27.71 -27.31
C HIS B 140 55.85 28.59 -26.11
N GLY B 141 56.02 29.89 -26.32
CA GLY B 141 56.30 30.78 -25.21
C GLY B 141 55.18 30.80 -24.18
N MET B 142 53.92 30.67 -24.63
CA MET B 142 52.82 30.61 -23.67
C MET B 142 52.91 29.33 -22.86
N PHE B 143 53.27 28.23 -23.52
CA PHE B 143 53.48 26.97 -22.82
C PHE B 143 54.54 27.13 -21.73
N ASN B 144 55.70 27.67 -22.10
CA ASN B 144 56.78 27.89 -21.12
C ASN B 144 56.30 28.75 -19.95
N TYR B 145 55.56 29.83 -20.24
CA TYR B 145 55.07 30.67 -19.15
C TYR B 145 54.09 29.91 -18.26
N ILE B 146 53.22 29.11 -18.87
CA ILE B 146 52.22 28.37 -18.10
C ILE B 146 52.87 27.28 -17.25
N CYS B 147 53.90 26.63 -17.79
CA CYS B 147 54.57 25.60 -17.01
C CYS B 147 55.20 26.18 -15.76
N ASN B 148 55.85 27.33 -15.89
CA ASN B 148 56.42 28.00 -14.73
C ASN B 148 55.32 28.43 -13.76
N HIS B 149 54.21 28.92 -14.31
CA HIS B 149 53.06 29.23 -13.48
C HIS B 149 52.65 28.00 -12.67
N VAL B 150 52.29 26.92 -13.36
CA VAL B 150 51.80 25.72 -12.69
C VAL B 150 52.78 25.23 -11.64
N LYS B 151 54.09 25.32 -11.92
CA LYS B 151 55.09 24.83 -10.98
C LYS B 151 55.19 25.74 -9.76
N TYR B 152 55.29 27.05 -9.97
CA TYR B 152 55.31 27.99 -8.87
C TYR B 152 54.07 27.85 -8.00
N ALA B 153 52.89 27.81 -8.65
CA ALA B 153 51.62 27.76 -7.94
C ALA B 153 51.46 26.47 -7.14
N THR B 154 51.90 25.34 -7.70
CA THR B 154 51.72 24.08 -7.00
C THR B 154 52.62 24.00 -5.78
N ASN B 155 53.88 24.40 -5.94
CA ASN B 155 54.83 24.53 -4.82
C ASN B 155 54.82 23.25 -3.97
N LYS B 156 54.85 22.11 -4.64
CA LYS B 156 54.88 20.79 -3.97
C LYS B 156 53.72 20.62 -2.98
N GLY B 157 52.55 21.15 -3.30
CA GLY B 157 51.37 20.99 -2.45
C GLY B 157 51.04 22.18 -1.58
N ASN B 158 52.02 22.99 -1.20
CA ASN B 158 51.77 24.20 -0.42
C ASN B 158 51.35 25.33 -1.37
N LEU B 159 50.08 25.28 -1.81
CA LEU B 159 49.67 26.03 -3.00
C LEU B 159 49.81 27.53 -2.80
N ARG B 160 50.07 28.23 -3.90
CA ARG B 160 50.29 29.66 -3.90
C ARG B 160 49.48 30.30 -5.01
N SER B 161 49.01 31.52 -4.78
CA SER B 161 48.13 32.18 -5.74
C SER B 161 48.93 32.91 -6.82
N ALA B 162 48.51 32.75 -8.08
CA ALA B 162 49.23 33.38 -9.17
C ALA B 162 48.31 33.67 -10.33
N ILE B 163 48.73 34.66 -11.13
CA ILE B 163 48.13 34.98 -12.42
C ILE B 163 49.29 35.22 -13.40
N THR B 164 49.14 34.76 -14.64
CA THR B 164 50.12 35.04 -15.67
C THR B 164 49.41 35.76 -16.79
N ILE B 165 49.96 36.89 -17.22
CA ILE B 165 49.22 37.87 -18.01
C ILE B 165 49.91 38.04 -19.37
N PHE B 166 49.29 37.50 -20.40
CA PHE B 166 49.81 37.52 -21.76
C PHE B 166 49.41 38.81 -22.45
N PRO B 167 49.91 39.09 -23.65
CA PRO B 167 49.68 40.41 -24.25
C PRO B 167 48.20 40.73 -24.42
N GLN B 168 47.87 41.99 -24.14
CA GLN B 168 46.51 42.47 -24.29
C GLN B 168 46.05 42.37 -25.74
N ARG B 169 44.74 42.41 -25.91
CA ARG B 169 44.12 42.48 -27.21
C ARG B 169 44.48 43.79 -27.89
N THR B 170 44.86 43.71 -29.16
CA THR B 170 45.10 44.90 -29.98
C THR B 170 43.92 45.17 -30.90
N ASP B 171 43.80 44.45 -32.00
CA ASP B 171 42.73 44.68 -32.96
C ASP B 171 41.62 43.64 -32.90
N GLY B 172 41.69 42.70 -31.97
CA GLY B 172 40.68 41.66 -31.86
C GLY B 172 40.88 40.47 -32.77
N LYS B 173 41.78 40.56 -33.74
CA LYS B 173 42.13 39.45 -34.60
C LYS B 173 43.52 38.90 -34.28
N HIS B 174 44.14 39.37 -33.18
CA HIS B 174 45.46 38.95 -32.76
C HIS B 174 45.44 38.56 -31.29
N ASP B 175 44.34 37.95 -30.86
CA ASP B 175 44.18 37.62 -29.45
C ASP B 175 45.12 36.49 -29.05
N PHE B 176 45.68 36.62 -27.86
CA PHE B 176 46.19 35.47 -27.13
C PHE B 176 45.03 34.84 -26.37
N ARG B 177 44.92 33.51 -26.46
CA ARG B 177 43.93 32.76 -25.69
C ARG B 177 44.54 31.47 -25.18
N VAL B 178 44.14 31.09 -23.97
CA VAL B 178 44.21 29.70 -23.54
C VAL B 178 42.84 29.08 -23.85
N TRP B 179 42.81 28.09 -24.74
CA TRP B 179 41.53 27.53 -25.16
C TRP B 179 40.95 26.65 -24.07
N ASN B 180 41.80 25.99 -23.29
CA ASN B 180 41.35 25.27 -22.10
C ASN B 180 40.66 26.23 -21.17
N SER B 181 39.56 25.78 -20.56
CA SER B 181 38.83 26.63 -19.63
C SER B 181 39.50 26.67 -18.27
N GLN B 182 40.10 25.57 -17.86
CA GLN B 182 41.03 25.57 -16.75
C GLN B 182 42.33 24.90 -17.20
N LEU B 183 43.44 25.29 -16.57
CA LEU B 183 44.73 24.81 -17.03
C LEU B 183 44.84 23.30 -16.96
N ILE B 184 44.21 22.68 -15.94
CA ILE B 184 44.27 21.24 -15.74
C ILE B 184 42.84 20.71 -15.57
N ARG B 185 42.37 19.94 -16.55
CA ARG B 185 41.07 19.27 -16.52
C ARG B 185 41.19 17.89 -17.13
N TYR B 186 40.19 17.05 -16.86
CA TYR B 186 40.18 15.70 -17.38
C TYR B 186 39.36 15.61 -18.67
N ALA B 187 39.83 14.81 -19.62
CA ALA B 187 39.08 14.57 -20.84
C ALA B 187 37.71 13.98 -20.53
N GLY B 188 36.80 14.17 -21.49
CA GLY B 188 35.47 13.58 -21.47
C GLY B 188 35.21 12.90 -22.80
N TYR B 189 34.94 11.60 -22.76
CA TYR B 189 34.86 10.80 -23.98
C TYR B 189 33.41 10.41 -24.27
N LYS B 190 32.96 10.68 -25.48
CA LYS B 190 31.64 10.29 -25.92
C LYS B 190 31.67 8.82 -26.32
N GLN B 191 30.99 7.98 -25.55
CA GLN B 191 31.01 6.55 -25.84
C GLN B 191 30.02 6.20 -26.96
N PRO B 192 30.28 5.13 -27.72
CA PRO B 192 29.34 4.76 -28.79
C PRO B 192 28.00 4.30 -28.24
N ASP B 193 28.01 3.66 -27.07
CA ASP B 193 26.79 3.19 -26.43
C ASP B 193 26.10 4.31 -25.67
N GLY B 194 26.33 5.56 -26.08
CA GLY B 194 25.58 6.70 -25.60
C GLY B 194 26.03 7.30 -24.28
N SER B 195 26.79 6.57 -23.46
CA SER B 195 27.21 7.09 -22.17
C SER B 195 28.42 8.02 -22.36
N THR B 196 29.11 8.35 -21.27
CA THR B 196 30.25 9.26 -21.33
C THR B 196 31.32 8.80 -20.35
N LEU B 197 32.55 8.68 -20.82
CA LEU B 197 33.68 8.34 -19.97
C LEU B 197 34.48 9.60 -19.63
N GLY B 198 34.88 9.72 -18.37
CA GLY B 198 35.62 10.89 -17.90
C GLY B 198 34.74 12.05 -17.48
N ASP B 199 35.20 13.29 -17.68
CA ASP B 199 34.44 14.46 -17.25
C ASP B 199 33.53 14.91 -18.40
N PRO B 200 32.21 14.80 -18.26
CA PRO B 200 31.30 15.10 -19.40
C PRO B 200 31.31 16.56 -19.83
N ALA B 201 31.69 17.49 -18.95
CA ALA B 201 31.78 18.88 -19.35
C ALA B 201 32.84 19.11 -20.43
N ASN B 202 33.81 18.21 -20.56
CA ASN B 202 34.93 18.43 -21.45
C ASN B 202 34.82 17.65 -22.73
N VAL B 203 33.63 17.10 -23.04
CA VAL B 203 33.47 16.27 -24.23
C VAL B 203 33.77 17.06 -25.48
N GLN B 204 33.23 18.28 -25.58
CA GLN B 204 33.50 19.11 -26.76
C GLN B 204 34.97 19.47 -26.85
N PHE B 205 35.53 20.02 -25.77
CA PHE B 205 36.93 20.41 -25.81
C PHE B 205 37.84 19.21 -26.05
N THR B 206 37.52 18.07 -25.44
CA THR B 206 38.27 16.85 -25.70
C THR B 206 38.20 16.46 -27.17
N GLU B 207 37.09 16.75 -27.85
CA GLU B 207 37.01 16.41 -29.27
C GLU B 207 37.82 17.38 -30.11
N ILE B 208 37.82 18.67 -29.77
CA ILE B 208 38.68 19.61 -30.47
C ILE B 208 40.14 19.17 -30.35
N CYS B 209 40.55 18.74 -29.16
CA CYS B 209 41.91 18.25 -28.96
C CYS B 209 42.20 17.06 -29.87
N ILE B 210 41.32 16.04 -29.84
CA ILE B 210 41.50 14.89 -30.72
C ILE B 210 41.54 15.34 -32.17
N GLN B 211 40.59 16.19 -32.57
CA GLN B 211 40.57 16.75 -33.91
C GLN B 211 41.85 17.50 -34.24
N GLN B 212 42.58 17.99 -33.24
CA GLN B 212 43.82 18.70 -33.51
C GLN B 212 45.05 17.78 -33.49
N GLY B 213 44.89 16.50 -33.15
CA GLY B 213 46.03 15.59 -33.21
C GLY B 213 46.28 14.81 -31.93
N TRP B 214 45.65 15.23 -30.83
CA TRP B 214 45.82 14.54 -29.55
C TRP B 214 45.34 13.09 -29.65
N LYS B 215 46.22 12.17 -29.26
CA LYS B 215 45.86 10.77 -29.12
C LYS B 215 45.34 10.58 -27.71
N PRO B 216 44.04 10.46 -27.52
CA PRO B 216 43.52 10.26 -26.17
C PRO B 216 43.91 8.90 -25.64
N PRO B 217 44.39 8.82 -24.39
CA PRO B 217 44.51 7.50 -23.74
C PRO B 217 43.17 6.84 -23.50
N ARG B 218 42.08 7.61 -23.48
CA ARG B 218 40.72 7.11 -23.29
C ARG B 218 40.58 6.45 -21.91
N GLY B 219 40.71 7.30 -20.89
CA GLY B 219 40.50 6.91 -19.50
C GLY B 219 39.52 7.80 -18.78
N ARG B 220 39.37 7.61 -17.47
CA ARG B 220 38.46 8.41 -16.67
C ARG B 220 39.13 9.66 -16.10
N PHE B 221 40.45 9.68 -15.99
CA PHE B 221 41.20 10.86 -15.52
C PHE B 221 42.43 11.08 -16.42
N ASP B 222 42.17 11.39 -17.68
CA ASP B 222 43.20 11.80 -18.62
C ASP B 222 43.36 13.31 -18.54
N VAL B 223 44.57 13.78 -18.18
CA VAL B 223 44.80 15.21 -18.15
C VAL B 223 44.83 15.71 -19.59
N LEU B 224 44.07 16.77 -19.86
CA LEU B 224 43.98 17.27 -21.22
C LEU B 224 45.25 18.04 -21.60
N PRO B 225 45.58 18.07 -22.89
CA PRO B 225 46.70 18.91 -23.31
C PRO B 225 46.28 20.36 -23.24
N LEU B 226 47.28 21.22 -23.23
CA LEU B 226 47.02 22.65 -23.38
C LEU B 226 46.84 22.96 -24.85
N LEU B 227 45.88 23.84 -25.15
CA LEU B 227 45.60 24.28 -26.51
C LEU B 227 45.79 25.80 -26.51
N LEU B 228 46.96 26.24 -26.95
CA LEU B 228 47.40 27.63 -26.74
C LEU B 228 47.42 28.38 -28.06
N GLN B 229 46.85 29.60 -28.03
CA GLN B 229 46.73 30.48 -29.18
C GLN B 229 47.48 31.78 -28.89
N ALA B 230 48.46 32.09 -29.74
CA ALA B 230 49.28 33.29 -29.63
C ALA B 230 49.05 34.19 -30.83
N ASN B 231 48.79 35.47 -30.56
CA ASN B 231 48.72 36.50 -31.58
C ASN B 231 47.81 36.10 -32.75
N GLY B 232 46.63 35.55 -32.43
CA GLY B 232 45.62 35.25 -33.42
C GLY B 232 45.84 34.02 -34.26
N ASN B 233 47.02 33.40 -34.20
CA ASN B 233 47.30 32.25 -35.05
C ASN B 233 46.49 31.03 -34.58
N ASP B 234 46.50 29.99 -35.42
CA ASP B 234 45.87 28.73 -35.06
C ASP B 234 46.44 28.23 -33.73
N PRO B 235 45.61 27.62 -32.87
CA PRO B 235 46.12 27.12 -31.60
C PRO B 235 46.99 25.88 -31.78
N GLU B 236 47.83 25.61 -30.77
CA GLU B 236 48.76 24.49 -30.78
C GLU B 236 48.62 23.66 -29.51
N LEU B 237 48.74 22.33 -29.65
CA LEU B 237 48.66 21.40 -28.53
C LEU B 237 50.01 21.24 -27.82
N PHE B 238 49.97 21.15 -26.48
CA PHE B 238 51.14 20.88 -25.66
C PHE B 238 50.76 20.00 -24.46
N GLN B 239 51.59 19.03 -24.12
CA GLN B 239 51.35 18.14 -22.99
C GLN B 239 52.09 18.66 -21.76
N ILE B 240 51.34 18.99 -20.71
CA ILE B 240 51.95 19.43 -19.45
C ILE B 240 52.76 18.28 -18.86
N PRO B 241 54.01 18.48 -18.49
CA PRO B 241 54.77 17.38 -17.90
C PRO B 241 54.09 16.89 -16.64
N PRO B 242 53.79 15.59 -16.56
CA PRO B 242 52.90 15.12 -15.48
C PRO B 242 53.48 15.39 -14.11
N GLU B 243 54.81 15.48 -13.99
CA GLU B 243 55.42 15.76 -12.71
C GLU B 243 55.12 17.17 -12.23
N LEU B 244 54.62 18.03 -13.10
CA LEU B 244 54.08 19.32 -12.70
C LEU B 244 52.59 19.28 -12.37
N VAL B 245 51.90 18.16 -12.56
CA VAL B 245 50.46 18.07 -12.29
C VAL B 245 50.28 17.24 -11.02
N LEU B 246 50.12 17.94 -9.89
CA LEU B 246 49.94 17.26 -8.61
C LEU B 246 48.51 16.71 -8.53
N GLU B 247 48.38 15.43 -8.13
CA GLU B 247 47.09 14.76 -8.07
C GLU B 247 46.95 14.10 -6.71
N VAL B 248 45.73 14.08 -6.18
CA VAL B 248 45.44 13.52 -4.87
C VAL B 248 44.52 12.32 -5.04
N PRO B 249 44.92 11.12 -4.64
CA PRO B 249 44.00 9.97 -4.69
C PRO B 249 42.97 10.09 -3.58
N ILE B 250 41.70 9.92 -3.93
CA ILE B 250 40.64 10.11 -2.94
C ILE B 250 40.47 8.83 -2.14
N ARG B 251 40.64 8.93 -0.84
CA ARG B 251 40.29 7.86 0.08
C ARG B 251 39.48 8.47 1.22
N HIS B 252 38.75 7.58 1.96
CA HIS B 252 37.89 7.92 3.09
C HIS B 252 38.51 7.45 4.39
N PRO B 253 38.49 8.29 5.42
CA PRO B 253 39.12 7.92 6.70
C PRO B 253 38.45 6.78 7.44
N LYS B 254 37.29 6.30 6.98
CA LYS B 254 36.60 5.22 7.67
C LYS B 254 36.26 4.08 6.71
N PHE B 255 35.72 4.42 5.55
CA PHE B 255 35.30 3.44 4.56
C PHE B 255 36.54 2.95 3.83
N GLU B 256 37.08 1.81 4.26
CA GLU B 256 38.26 1.27 3.61
C GLU B 256 38.00 0.99 2.13
N TRP B 257 36.75 0.70 1.77
CA TRP B 257 36.42 0.40 0.39
C TRP B 257 36.43 1.64 -0.49
N PHE B 258 36.48 2.85 0.10
CA PHE B 258 36.39 4.06 -0.71
C PHE B 258 37.54 4.16 -1.71
N LYS B 259 38.77 3.89 -1.26
CA LYS B 259 39.91 4.01 -2.15
C LYS B 259 39.74 3.14 -3.39
N ASP B 260 39.06 1.99 -3.24
CA ASP B 260 38.80 1.07 -4.33
C ASP B 260 37.87 1.66 -5.39
N LEU B 261 37.32 2.85 -5.16
CA LEU B 261 36.55 3.53 -6.20
C LEU B 261 37.43 4.04 -7.34
N GLY B 262 38.75 4.10 -7.13
CA GLY B 262 39.66 4.54 -8.16
C GLY B 262 39.46 5.98 -8.58
N LEU B 263 39.22 6.86 -7.61
CA LEU B 263 38.99 8.27 -7.87
C LEU B 263 40.21 9.10 -7.49
N LYS B 264 40.51 10.11 -8.30
CA LYS B 264 41.50 11.11 -7.92
C LYS B 264 41.02 12.45 -8.45
N TRP B 265 41.61 13.52 -7.91
CA TRP B 265 41.46 14.84 -8.49
C TRP B 265 42.82 15.49 -8.49
N TYR B 266 42.95 16.58 -9.25
CA TYR B 266 44.18 17.35 -9.29
C TYR B 266 44.11 18.43 -8.22
N GLY B 267 45.27 18.95 -7.86
CA GLY B 267 45.36 19.86 -6.74
C GLY B 267 45.21 21.32 -7.09
N LEU B 268 45.43 21.69 -8.35
CA LEU B 268 45.54 23.10 -8.69
C LEU B 268 44.35 23.54 -9.53
N PRO B 269 43.40 24.32 -8.98
CA PRO B 269 42.37 24.93 -9.83
C PRO B 269 42.93 26.19 -10.48
N ALA B 270 42.66 26.35 -11.77
CA ALA B 270 43.40 27.36 -12.54
C ALA B 270 42.49 27.84 -13.68
N VAL B 271 41.74 28.91 -13.43
CA VAL B 271 40.85 29.42 -14.45
C VAL B 271 41.65 30.09 -15.56
N SER B 272 41.43 29.64 -16.82
CA SER B 272 42.20 30.17 -17.94
C SER B 272 41.35 30.62 -19.13
N ASN B 273 40.05 30.79 -18.97
CA ASN B 273 39.24 31.26 -20.10
C ASN B 273 38.56 32.59 -19.83
N MET B 274 38.98 33.32 -18.82
CA MET B 274 38.35 34.59 -18.51
C MET B 274 39.21 35.74 -19.05
N LEU B 275 38.61 36.92 -19.07
CA LEU B 275 39.24 38.11 -19.60
C LEU B 275 39.45 39.08 -18.46
N LEU B 276 40.64 39.65 -18.39
CA LEU B 276 41.01 40.60 -17.35
C LEU B 276 41.00 42.00 -17.94
N GLU B 277 40.17 42.86 -17.38
CA GLU B 277 39.94 44.20 -17.91
C GLU B 277 40.56 45.23 -16.97
N ILE B 278 41.45 46.07 -17.52
CA ILE B 278 42.07 47.12 -16.73
C ILE B 278 42.14 48.38 -17.59
N GLY B 279 41.56 49.46 -17.09
CA GLY B 279 41.63 50.75 -17.78
C GLY B 279 41.33 50.67 -19.26
N GLY B 280 40.33 49.87 -19.64
CA GLY B 280 39.98 49.70 -21.03
C GLY B 280 40.81 48.67 -21.77
N LEU B 281 41.94 48.23 -21.22
CA LEU B 281 42.72 47.17 -21.84
C LEU B 281 42.11 45.82 -21.49
N GLU B 282 42.18 44.88 -22.43
CA GLU B 282 41.59 43.56 -22.29
C GLU B 282 42.68 42.51 -22.46
N PHE B 283 42.96 41.77 -21.39
CA PHE B 283 43.90 40.65 -21.44
C PHE B 283 43.09 39.37 -21.61
N SER B 284 42.98 38.92 -22.87
CA SER B 284 42.20 37.73 -23.19
C SER B 284 42.86 36.44 -22.72
N ALA B 285 44.09 36.51 -22.23
CA ALA B 285 44.78 35.31 -21.73
C ALA B 285 45.45 35.73 -20.44
N CYS B 286 44.86 35.31 -19.32
CA CYS B 286 45.30 35.67 -17.98
C CYS B 286 45.04 34.52 -17.03
N PRO B 287 45.63 33.35 -17.26
CA PRO B 287 45.29 32.20 -16.41
C PRO B 287 45.66 32.49 -14.96
N PHE B 288 44.67 32.32 -14.07
CA PHE B 288 44.90 32.50 -12.64
C PHE B 288 44.54 31.23 -11.88
N SER B 289 45.13 31.08 -10.70
CA SER B 289 44.98 29.84 -9.96
C SER B 289 45.15 30.14 -8.47
N GLY B 290 44.66 29.22 -7.65
CA GLY B 290 44.67 29.37 -6.22
C GLY B 290 44.66 28.00 -5.57
N TRP B 291 43.66 27.73 -4.74
CA TRP B 291 43.45 26.40 -4.21
C TRP B 291 41.95 26.16 -4.04
N TYR B 292 41.58 24.91 -3.87
CA TYR B 292 40.19 24.50 -3.94
C TYR B 292 39.45 24.70 -2.64
N MET B 293 38.15 24.95 -2.75
CA MET B 293 37.23 24.63 -1.67
C MET B 293 36.75 23.21 -1.92
N GLY B 294 36.83 22.37 -0.88
CA GLY B 294 36.53 20.95 -1.05
C GLY B 294 35.24 20.68 -1.80
N THR B 295 34.21 21.49 -1.55
CA THR B 295 32.92 21.26 -2.21
C THR B 295 32.98 21.45 -3.72
N GLU B 296 33.93 22.26 -4.22
CA GLU B 296 34.06 22.41 -5.67
C GLU B 296 34.31 21.07 -6.34
N ILE B 297 35.15 20.24 -5.73
CA ILE B 297 35.47 18.92 -6.26
C ILE B 297 34.36 17.93 -5.90
N GLY B 298 34.03 17.84 -4.62
CA GLY B 298 33.24 16.77 -4.05
C GLY B 298 31.73 16.92 -4.12
N VAL B 299 31.23 18.14 -4.26
CA VAL B 299 29.81 18.37 -4.51
C VAL B 299 29.53 18.53 -6.01
N ARG B 300 30.23 19.45 -6.66
CA ARG B 300 29.96 19.84 -8.05
C ARG B 300 30.63 18.92 -9.07
N ASP B 301 31.96 18.80 -9.00
CA ASP B 301 32.68 17.96 -9.95
C ASP B 301 32.24 16.50 -9.86
N TYR B 302 32.04 15.99 -8.64
CA TYR B 302 31.76 14.57 -8.46
C TYR B 302 30.28 14.21 -8.53
N CYS B 303 29.37 15.15 -8.23
CA CYS B 303 27.97 14.80 -8.03
C CYS B 303 26.96 15.51 -8.93
N ASP B 304 27.33 16.57 -9.66
CA ASP B 304 26.42 17.07 -10.68
C ASP B 304 26.01 15.94 -11.63
N ASN B 305 24.76 15.99 -12.10
CA ASN B 305 24.26 14.96 -12.98
C ASN B 305 24.98 14.95 -14.32
N SER B 306 25.37 16.12 -14.82
CA SER B 306 26.10 16.22 -16.08
C SER B 306 27.62 16.28 -15.87
N ARG B 307 28.09 15.92 -14.68
CA ARG B 307 29.52 15.79 -14.41
C ARG B 307 29.83 14.32 -14.08
N TYR B 308 30.52 14.06 -12.96
CA TYR B 308 30.96 12.68 -12.74
C TYR B 308 29.86 11.79 -12.20
N ASN B 309 28.88 12.36 -11.49
CA ASN B 309 27.61 11.67 -11.21
C ASN B 309 27.80 10.41 -10.37
N ILE B 310 28.79 10.40 -9.47
CA ILE B 310 29.16 9.16 -8.79
C ILE B 310 28.28 8.88 -7.57
N LEU B 311 27.22 9.68 -7.38
CA LEU B 311 26.40 9.56 -6.17
C LEU B 311 25.85 8.15 -6.00
N GLU B 312 25.25 7.60 -7.05
CA GLU B 312 24.59 6.30 -6.92
C GLU B 312 25.57 5.20 -6.53
N GLU B 313 26.77 5.23 -7.13
CA GLU B 313 27.72 4.15 -6.88
C GLU B 313 28.26 4.22 -5.46
N VAL B 314 28.53 5.43 -4.98
CA VAL B 314 28.93 5.59 -3.58
C VAL B 314 27.82 5.14 -2.66
N ALA B 315 26.58 5.52 -2.97
CA ALA B 315 25.43 5.10 -2.16
C ALA B 315 25.31 3.58 -2.15
N LYS B 316 25.41 2.96 -3.34
CA LYS B 316 25.40 1.50 -3.43
C LYS B 316 26.42 0.88 -2.47
N LYS B 317 27.68 1.34 -2.54
CA LYS B 317 28.69 0.86 -1.61
C LYS B 317 28.30 1.12 -0.16
N MET B 318 27.52 2.17 0.10
CA MET B 318 27.14 2.48 1.47
C MET B 318 25.94 1.66 1.96
N ASN B 319 25.30 0.90 1.06
CA ASN B 319 24.09 0.13 1.39
C ASN B 319 22.97 1.06 1.88
N LEU B 320 22.54 1.92 0.97
CA LEU B 320 21.53 2.93 1.22
C LEU B 320 20.26 2.60 0.44
N ASP B 321 19.11 2.89 1.06
CA ASP B 321 17.83 2.78 0.38
C ASP B 321 17.75 3.87 -0.68
N MET B 322 17.90 3.49 -1.95
CA MET B 322 17.92 4.45 -3.04
C MET B 322 16.64 4.40 -3.87
N ARG B 323 15.55 3.87 -3.33
CA ARG B 323 14.29 3.84 -4.08
C ARG B 323 13.45 5.10 -3.89
N LYS B 324 13.62 5.83 -2.79
CA LYS B 324 12.88 7.08 -2.60
C LYS B 324 13.82 8.18 -2.13
N THR B 325 13.51 9.41 -2.55
CA THR B 325 14.34 10.53 -2.17
C THR B 325 14.28 10.81 -0.67
N SER B 326 13.14 10.55 -0.02
CA SER B 326 13.02 10.91 1.38
C SER B 326 13.97 10.16 2.29
N SER B 327 14.61 9.07 1.81
CA SER B 327 15.66 8.45 2.59
C SER B 327 16.89 9.35 2.68
N LEU B 328 17.01 10.32 1.77
CA LEU B 328 18.10 11.29 1.72
C LEU B 328 19.45 10.60 1.43
N TRP B 329 19.42 9.53 0.63
CA TRP B 329 20.64 8.79 0.35
C TRP B 329 21.64 9.63 -0.42
N LYS B 330 21.16 10.42 -1.40
CA LYS B 330 22.03 11.35 -2.09
C LYS B 330 22.72 12.27 -1.10
N ASP B 331 21.96 12.81 -0.14
CA ASP B 331 22.52 13.75 0.83
C ASP B 331 23.60 13.08 1.68
N GLN B 332 23.36 11.83 2.10
CA GLN B 332 24.28 11.09 2.96
C GLN B 332 25.59 10.78 2.24
N ALA B 333 25.50 10.29 1.00
CA ALA B 333 26.69 10.05 0.20
C ALA B 333 27.43 11.35 -0.05
N LEU B 334 26.69 12.42 -0.37
CA LEU B 334 27.33 13.69 -0.67
C LEU B 334 28.25 14.13 0.46
N VAL B 335 27.78 14.02 1.71
CA VAL B 335 28.61 14.34 2.87
C VAL B 335 29.89 13.48 2.87
N GLU B 336 29.72 12.18 2.69
CA GLU B 336 30.86 11.26 2.81
C GLU B 336 31.90 11.53 1.75
N ILE B 337 31.46 11.90 0.55
CA ILE B 337 32.41 12.18 -0.53
C ILE B 337 33.24 13.41 -0.18
N ASN B 338 32.62 14.38 0.49
CA ASN B 338 33.34 15.60 0.83
C ASN B 338 34.23 15.44 2.06
N ILE B 339 33.91 14.51 2.96
CA ILE B 339 34.87 14.13 3.98
C ILE B 339 36.07 13.46 3.32
N ALA B 340 35.81 12.63 2.32
CA ALA B 340 36.88 11.94 1.60
C ALA B 340 37.83 12.93 0.95
N VAL B 341 37.29 13.85 0.15
CA VAL B 341 38.14 14.81 -0.55
C VAL B 341 39.00 15.59 0.44
N LEU B 342 38.41 16.03 1.55
CA LEU B 342 39.14 16.83 2.52
C LEU B 342 40.19 16.01 3.25
N TYR B 343 39.84 14.77 3.64
CA TYR B 343 40.78 13.89 4.32
C TYR B 343 41.95 13.53 3.41
N SER B 344 41.70 13.41 2.11
CA SER B 344 42.76 13.05 1.18
C SER B 344 43.74 14.21 1.00
N PHE B 345 43.25 15.35 0.51
CA PHE B 345 44.11 16.51 0.33
C PHE B 345 44.91 16.85 1.59
N GLN B 346 44.26 16.84 2.75
CA GLN B 346 44.97 17.17 3.98
C GLN B 346 46.05 16.15 4.28
N SER B 347 45.77 14.87 4.01
CA SER B 347 46.75 13.84 4.31
C SER B 347 47.98 13.94 3.40
N ASP B 348 47.80 14.35 2.14
CA ASP B 348 48.91 14.52 1.22
C ASP B 348 49.49 15.93 1.28
N LYS B 349 49.15 16.69 2.32
CA LYS B 349 49.55 18.09 2.48
C LYS B 349 49.45 18.84 1.15
N VAL B 350 48.25 18.83 0.60
CA VAL B 350 47.87 19.73 -0.49
C VAL B 350 46.85 20.72 0.08
N THR B 351 47.13 22.00 -0.10
CA THR B 351 46.23 23.04 0.37
C THR B 351 44.82 22.74 -0.08
N ILE B 352 43.90 22.78 0.87
CA ILE B 352 42.47 22.74 0.59
C ILE B 352 41.78 23.39 1.77
N VAL B 353 40.58 23.92 1.53
CA VAL B 353 39.79 24.55 2.59
C VAL B 353 38.36 24.03 2.54
N ASP B 354 37.79 23.77 3.71
CA ASP B 354 36.41 23.31 3.74
C ASP B 354 35.47 24.51 3.62
N HIS B 355 34.20 24.22 3.34
CA HIS B 355 33.27 25.33 3.14
C HIS B 355 32.95 26.06 4.44
N HIS B 356 33.06 25.40 5.60
CA HIS B 356 32.86 26.08 6.87
C HIS B 356 33.93 27.16 7.09
N SER B 357 35.18 26.75 7.15
CA SER B 357 36.29 27.69 7.29
C SER B 357 36.35 28.71 6.14
N ALA B 358 36.12 28.27 4.91
CA ALA B 358 36.15 29.23 3.80
C ALA B 358 35.11 30.33 3.96
N THR B 359 33.88 29.98 4.33
CA THR B 359 32.84 31.00 4.38
C THR B 359 33.00 31.90 5.62
N GLU B 360 33.42 31.32 6.74
CA GLU B 360 33.79 32.12 7.89
C GLU B 360 34.82 33.19 7.54
N SER B 361 35.85 32.82 6.75
CA SER B 361 36.85 33.81 6.35
CA SER B 361 36.85 33.81 6.35
C SER B 361 36.25 34.89 5.47
N PHE B 362 35.27 34.53 4.63
CA PHE B 362 34.70 35.56 3.77
C PHE B 362 33.91 36.57 4.59
N ILE B 363 33.17 36.11 5.60
CA ILE B 363 32.49 37.04 6.51
C ILE B 363 33.50 38.01 7.10
N LYS B 364 34.61 37.48 7.62
CA LYS B 364 35.70 38.32 8.13
C LYS B 364 36.23 39.27 7.05
N HIS B 365 36.35 38.79 5.81
CA HIS B 365 36.81 39.67 4.75
C HIS B 365 35.79 40.78 4.50
N MET B 366 34.49 40.43 4.43
CA MET B 366 33.44 41.45 4.30
C MET B 366 33.58 42.52 5.39
N GLU B 367 33.72 42.10 6.64
CA GLU B 367 33.94 43.05 7.73
CA GLU B 367 33.95 43.06 7.74
C GLU B 367 35.12 43.97 7.41
N ASN B 368 36.26 43.39 7.05
CA ASN B 368 37.44 44.20 6.74
C ASN B 368 37.16 45.21 5.64
N GLU B 369 36.47 44.76 4.58
CA GLU B 369 36.26 45.59 3.41
C GLU B 369 35.32 46.75 3.68
N TYR B 370 34.22 46.51 4.41
CA TYR B 370 33.37 47.62 4.81
C TYR B 370 34.16 48.59 5.68
N ARG B 371 34.93 48.05 6.62
CA ARG B 371 35.66 48.87 7.58
C ARG B 371 36.64 49.83 6.89
N CYS B 372 37.32 49.39 5.82
CA CYS B 372 38.33 50.24 5.21
C CYS B 372 38.02 50.71 3.81
N ARG B 373 37.05 50.12 3.13
CA ARG B 373 36.73 50.48 1.76
C ARG B 373 35.29 50.96 1.61
N GLY B 374 34.46 50.76 2.63
CA GLY B 374 33.07 51.16 2.55
C GLY B 374 32.20 50.20 1.79
N GLY B 375 32.61 48.94 1.66
CA GLY B 375 31.82 47.99 0.92
C GLY B 375 32.65 46.83 0.41
N CYS B 376 31.93 45.85 -0.11
CA CYS B 376 32.45 44.62 -0.70
C CYS B 376 31.35 44.02 -1.58
N PRO B 377 31.49 44.05 -2.91
CA PRO B 377 30.48 43.41 -3.76
C PRO B 377 30.52 41.89 -3.60
N ALA B 378 29.36 41.29 -3.44
CA ALA B 378 29.30 39.88 -3.10
C ALA B 378 28.06 39.28 -3.71
N ASP B 379 28.24 38.22 -4.50
CA ASP B 379 27.13 37.55 -5.17
C ASP B 379 26.68 36.38 -4.28
N TRP B 380 25.60 36.61 -3.49
CA TRP B 380 25.08 35.56 -2.59
C TRP B 380 24.91 34.22 -3.31
N VAL B 381 24.35 34.24 -4.52
CA VAL B 381 24.01 33.01 -5.23
C VAL B 381 25.22 32.13 -5.45
N TRP B 382 26.40 32.74 -5.61
CA TRP B 382 27.65 32.01 -5.83
C TRP B 382 28.50 31.88 -4.58
N ILE B 383 28.31 32.74 -3.59
CA ILE B 383 29.12 32.64 -2.38
C ILE B 383 28.64 31.49 -1.49
N VAL B 384 27.33 31.28 -1.42
CA VAL B 384 26.81 30.23 -0.52
C VAL B 384 27.19 28.87 -1.10
N PRO B 385 27.76 27.98 -0.31
CA PRO B 385 28.31 26.74 -0.85
C PRO B 385 27.20 25.81 -1.27
N PRO B 386 27.48 24.89 -2.19
CA PRO B 386 26.45 24.02 -2.74
C PRO B 386 26.04 22.86 -1.85
N MET B 387 26.61 22.71 -0.65
CA MET B 387 26.00 21.87 0.38
C MET B 387 25.94 22.64 1.71
N SER B 388 25.02 22.19 2.57
CA SER B 388 24.92 22.69 3.94
C SER B 388 24.87 24.21 4.00
N GLY B 389 24.16 24.82 3.04
CA GLY B 389 24.17 26.27 2.94
C GLY B 389 23.86 26.98 4.25
N SER B 390 22.73 26.62 4.87
CA SER B 390 22.24 27.41 5.99
C SER B 390 23.07 27.22 7.25
N ILE B 391 23.87 26.17 7.34
CA ILE B 391 24.72 26.04 8.52
C ILE B 391 26.08 26.67 8.26
N THR B 392 26.22 27.47 7.17
CA THR B 392 27.39 28.32 6.98
C THR B 392 26.99 29.77 7.19
N PRO B 393 27.91 30.61 7.69
CA PRO B 393 27.52 31.99 8.04
C PRO B 393 27.12 32.85 6.86
N VAL B 394 27.58 32.56 5.64
CA VAL B 394 27.21 33.44 4.53
C VAL B 394 25.73 33.35 4.22
N PHE B 395 25.12 32.20 4.48
CA PHE B 395 23.71 32.01 4.17
C PHE B 395 22.86 33.09 4.83
N HIS B 396 23.23 33.47 6.04
CA HIS B 396 22.50 34.42 6.86
C HIS B 396 22.96 35.86 6.66
N GLN B 397 23.86 36.08 5.71
CA GLN B 397 24.45 37.40 5.46
C GLN B 397 23.86 38.03 4.20
N GLU B 398 23.19 39.17 4.38
CA GLU B 398 22.78 39.94 3.23
C GLU B 398 23.98 40.46 2.46
N MET B 399 23.92 40.44 1.14
CA MET B 399 25.01 40.97 0.34
C MET B 399 24.47 41.93 -0.71
N LEU B 400 25.30 42.90 -1.06
CA LEU B 400 25.07 43.80 -2.17
C LEU B 400 25.99 43.42 -3.31
N ASN B 401 25.45 43.34 -4.52
CA ASN B 401 26.24 43.00 -5.70
C ASN B 401 26.31 44.20 -6.64
N TYR B 402 27.53 44.54 -7.05
CA TYR B 402 27.73 45.61 -8.03
C TYR B 402 29.04 45.36 -8.73
N ARG B 403 29.28 46.13 -9.77
CA ARG B 403 30.33 45.84 -10.72
C ARG B 403 31.39 46.94 -10.67
N LEU B 404 32.55 46.62 -10.13
CA LEU B 404 33.67 47.53 -10.04
C LEU B 404 34.73 47.14 -11.06
N THR B 405 35.50 48.14 -11.48
CA THR B 405 36.62 47.90 -12.37
C THR B 405 37.93 48.31 -11.68
N PRO B 406 39.04 47.59 -11.95
CA PRO B 406 39.28 46.42 -12.80
C PRO B 406 38.53 45.16 -12.41
N SER B 407 38.35 44.26 -13.39
CA SER B 407 37.49 43.10 -13.19
C SER B 407 37.89 41.96 -14.12
N PHE B 408 37.54 40.74 -13.71
CA PHE B 408 37.50 39.59 -14.59
C PHE B 408 36.13 39.50 -15.26
N GLU B 409 36.12 39.29 -16.58
CA GLU B 409 34.91 39.16 -17.39
C GLU B 409 34.88 37.81 -18.08
N TYR B 410 33.68 37.34 -18.41
CA TYR B 410 33.60 36.21 -19.33
C TYR B 410 33.89 36.69 -20.76
N GLN B 411 34.15 35.72 -21.64
CA GLN B 411 34.42 35.98 -23.05
C GLN B 411 34.00 34.76 -23.85
N PRO B 412 33.71 34.92 -25.13
CA PRO B 412 33.27 33.78 -25.93
C PRO B 412 34.38 32.74 -26.03
N ASP B 413 33.97 31.48 -26.09
CA ASP B 413 34.92 30.40 -26.34
C ASP B 413 35.51 30.58 -27.72
N PRO B 414 36.84 30.53 -27.87
CA PRO B 414 37.46 31.00 -29.12
C PRO B 414 37.10 30.17 -30.33
N TRP B 415 36.58 28.95 -30.15
CA TRP B 415 36.26 28.15 -31.32
C TRP B 415 34.99 28.62 -32.00
N ASN B 416 34.09 29.30 -31.27
CA ASN B 416 32.95 29.96 -31.90
C ASN B 416 33.37 31.15 -32.73
N THR B 417 34.58 31.66 -32.49
CA THR B 417 35.10 32.94 -32.99
C THR B 417 36.21 32.79 -34.02
N HIS B 418 37.10 31.82 -33.86
CA HIS B 418 38.39 31.84 -34.53
C HIS B 418 38.29 31.38 -35.98
N VAL B 419 38.68 32.26 -36.92
CA VAL B 419 38.82 31.87 -38.32
C VAL B 419 40.19 31.23 -38.53
N TRP B 420 40.18 29.96 -38.94
CA TRP B 420 41.40 29.15 -39.03
C TRP B 420 42.16 29.46 -40.33
N LYS B 421 43.33 28.84 -40.46
CA LYS B 421 44.15 29.00 -41.66
C LYS B 421 45.19 27.91 -41.84
N PRO C 2 -24.44 -11.20 -9.09
CA PRO C 2 -25.22 -10.70 -10.23
C PRO C 2 -26.69 -11.12 -10.17
N ARG C 3 -27.43 -10.88 -11.26
CA ARG C 3 -28.87 -11.15 -11.32
C ARG C 3 -29.16 -12.65 -11.30
N PHE C 4 -28.19 -13.45 -10.88
CA PHE C 4 -28.26 -14.90 -10.97
C PHE C 4 -27.11 -15.51 -10.19
N LEU C 5 -27.32 -16.75 -9.73
CA LEU C 5 -26.27 -17.60 -9.19
C LEU C 5 -26.54 -19.00 -9.69
N LYS C 6 -25.59 -19.57 -10.41
CA LYS C 6 -25.76 -20.89 -11.00
C LYS C 6 -25.23 -21.95 -10.06
N VAL C 7 -25.93 -23.07 -10.03
CA VAL C 7 -25.46 -24.29 -9.38
C VAL C 7 -25.28 -25.34 -10.46
N LYS C 8 -24.29 -26.20 -10.29
CA LYS C 8 -24.00 -27.22 -11.27
C LYS C 8 -23.95 -28.58 -10.61
N ASN C 9 -24.46 -29.60 -11.31
CA ASN C 9 -24.32 -31.00 -10.90
C ASN C 9 -23.17 -31.59 -11.71
N TRP C 10 -22.15 -32.08 -11.01
CA TRP C 10 -20.92 -32.51 -11.66
C TRP C 10 -20.99 -33.90 -12.25
N GLU C 11 -22.05 -34.65 -11.97
CA GLU C 11 -22.28 -35.94 -12.60
C GLU C 11 -23.05 -35.79 -13.90
N THR C 12 -24.16 -35.04 -13.88
CA THR C 12 -25.00 -34.89 -15.05
C THR C 12 -24.64 -33.68 -15.91
N GLU C 13 -23.88 -32.74 -15.33
CA GLU C 13 -23.50 -31.45 -15.90
C GLU C 13 -24.67 -30.47 -16.04
N VAL C 14 -25.80 -30.73 -15.38
CA VAL C 14 -26.91 -29.77 -15.43
C VAL C 14 -26.54 -28.52 -14.65
N VAL C 15 -26.81 -27.36 -15.24
CA VAL C 15 -26.65 -26.07 -14.56
C VAL C 15 -28.03 -25.49 -14.31
N LEU C 16 -28.26 -25.03 -13.08
CA LEU C 16 -29.50 -24.37 -12.67
C LEU C 16 -29.18 -22.94 -12.27
N THR C 17 -30.17 -22.05 -12.40
CA THR C 17 -29.94 -20.61 -12.27
C THR C 17 -30.88 -20.03 -11.23
N ASP C 18 -30.32 -19.48 -10.17
CA ASP C 18 -31.05 -19.17 -8.95
C ASP C 18 -31.21 -17.66 -8.82
N THR C 19 -32.45 -17.20 -8.90
CA THR C 19 -32.82 -15.84 -8.52
C THR C 19 -33.66 -15.79 -7.25
N LEU C 20 -34.30 -16.90 -6.87
CA LEU C 20 -35.12 -16.92 -5.66
C LEU C 20 -34.37 -16.39 -4.43
N HIS C 21 -33.04 -16.60 -4.39
CA HIS C 21 -32.23 -16.15 -3.27
C HIS C 21 -32.30 -14.64 -3.08
N LEU C 22 -32.74 -13.90 -4.10
CA LEU C 22 -32.86 -12.46 -3.90
C LEU C 22 -34.03 -12.09 -3.00
N LYS C 23 -34.82 -13.07 -2.55
CA LYS C 23 -35.87 -12.87 -1.55
C LYS C 23 -35.43 -13.31 -0.18
N SER C 24 -34.15 -13.63 -0.01
CA SER C 24 -33.66 -14.10 1.28
C SER C 24 -33.84 -13.03 2.34
N THR C 25 -34.20 -13.45 3.54
CA THR C 25 -34.55 -12.50 4.58
C THR C 25 -33.53 -12.42 5.72
N LEU C 26 -32.98 -13.53 6.19
CA LEU C 26 -32.12 -13.50 7.36
C LEU C 26 -30.72 -13.98 7.03
N GLU C 27 -29.78 -13.64 7.93
CA GLU C 27 -28.37 -13.96 7.75
C GLU C 27 -28.13 -15.46 7.84
N THR C 28 -27.32 -15.98 6.91
CA THR C 28 -26.90 -17.37 6.96
C THR C 28 -25.92 -17.62 8.09
N GLY C 29 -25.21 -16.60 8.52
CA GLY C 29 -24.07 -16.73 9.41
C GLY C 29 -22.76 -16.52 8.71
N CYS C 30 -22.72 -16.78 7.41
CA CYS C 30 -21.50 -16.68 6.62
C CYS C 30 -21.20 -15.21 6.30
N THR C 31 -19.95 -14.95 5.95
CA THR C 31 -19.59 -13.68 5.36
C THR C 31 -18.73 -13.93 4.13
N GLU C 32 -18.54 -12.86 3.37
CA GLU C 32 -17.50 -12.72 2.36
C GLU C 32 -16.21 -13.45 2.74
N TYR C 33 -15.85 -13.42 4.02
CA TYR C 33 -14.56 -13.88 4.47
C TYR C 33 -14.57 -15.18 5.25
N ILE C 34 -15.73 -15.67 5.66
CA ILE C 34 -15.77 -16.89 6.45
C ILE C 34 -17.10 -17.61 6.19
N CYS C 35 -17.05 -18.92 6.08
CA CYS C 35 -18.24 -19.73 5.81
C CYS C 35 -18.56 -20.60 7.02
N MET C 36 -19.83 -20.55 7.45
CA MET C 36 -20.31 -21.26 8.61
C MET C 36 -21.26 -22.40 8.25
N GLY C 37 -21.18 -22.90 7.02
CA GLY C 37 -22.09 -23.90 6.52
C GLY C 37 -22.05 -25.24 7.24
N SER C 38 -21.09 -25.45 8.14
CA SER C 38 -21.07 -26.66 8.96
C SER C 38 -21.33 -26.38 10.44
N ILE C 39 -21.65 -25.13 10.81
CA ILE C 39 -22.14 -24.82 12.16
C ILE C 39 -23.62 -25.23 12.27
N MET C 40 -24.00 -25.87 13.37
CA MET C 40 -25.39 -26.31 13.49
C MET C 40 -26.35 -25.14 13.68
N HIS C 41 -25.99 -24.18 14.53
CA HIS C 41 -26.79 -22.98 14.76
C HIS C 41 -25.90 -21.76 14.56
N PRO C 42 -25.76 -21.29 13.34
CA PRO C 42 -24.81 -20.18 13.09
C PRO C 42 -25.34 -18.77 13.35
N SER C 43 -26.66 -18.55 13.28
CA SER C 43 -27.22 -17.22 13.35
C SER C 43 -28.28 -17.11 14.44
N GLN C 44 -28.35 -15.95 15.09
CA GLN C 44 -29.40 -15.62 16.05
C GLN C 44 -30.29 -14.48 15.54
N HIS C 45 -30.27 -14.24 14.23
CA HIS C 45 -30.86 -13.05 13.62
C HIS C 45 -32.37 -13.25 13.45
N ALA C 46 -33.09 -13.02 14.56
CA ALA C 46 -34.54 -13.15 14.57
C ALA C 46 -35.17 -12.01 13.78
N ARG C 47 -36.28 -12.31 13.14
CA ARG C 47 -37.05 -11.27 12.47
C ARG C 47 -37.77 -10.35 13.45
N ARG C 48 -37.83 -10.72 14.74
CA ARG C 48 -38.53 -9.87 15.69
C ARG C 48 -37.90 -9.90 17.08
N PRO C 49 -37.91 -8.77 17.79
CA PRO C 49 -37.20 -8.64 19.08
C PRO C 49 -37.51 -9.65 20.18
N GLU C 50 -36.88 -9.41 21.33
CA GLU C 50 -36.97 -10.18 22.57
C GLU C 50 -38.35 -10.77 22.81
N ASP C 51 -39.34 -9.91 23.03
CA ASP C 51 -40.68 -10.36 23.40
C ASP C 51 -41.73 -9.76 22.48
N VAL C 52 -42.78 -9.20 23.10
CA VAL C 52 -43.87 -8.60 22.35
C VAL C 52 -43.35 -7.36 21.63
N ALA C 53 -43.41 -7.39 20.30
CA ALA C 53 -42.91 -6.30 19.49
C ALA C 53 -43.82 -5.09 19.59
N THR C 54 -43.24 -3.92 19.31
CA THR C 54 -44.04 -2.74 19.10
C THR C 54 -44.78 -2.87 17.76
N LYS C 55 -45.63 -1.88 17.45
CA LYS C 55 -46.32 -1.91 16.17
C LYS C 55 -45.33 -1.94 15.02
N ASP C 56 -44.39 -0.99 15.00
CA ASP C 56 -43.45 -0.87 13.87
C ASP C 56 -42.49 -2.05 13.77
N GLN C 57 -42.56 -3.01 14.69
CA GLN C 57 -41.80 -4.24 14.58
C GLN C 57 -42.63 -5.41 14.06
N LEU C 58 -43.87 -5.57 14.50
CA LEU C 58 -44.66 -6.69 14.04
C LEU C 58 -45.35 -6.42 12.71
N PHE C 59 -45.94 -5.23 12.53
CA PHE C 59 -46.68 -4.98 11.30
C PHE C 59 -45.84 -5.14 10.03
N PRO C 60 -44.59 -4.67 9.95
CA PRO C 60 -43.83 -4.90 8.71
C PRO C 60 -43.73 -6.37 8.34
N LEU C 61 -43.49 -7.25 9.33
CA LEU C 61 -43.46 -8.69 9.11
C LEU C 61 -44.83 -9.20 8.68
N ALA C 62 -45.88 -8.84 9.41
CA ALA C 62 -47.24 -9.21 9.01
C ALA C 62 -47.53 -8.81 7.57
N LYS C 63 -47.22 -7.56 7.22
CA LYS C 63 -47.52 -7.07 5.88
C LYS C 63 -46.77 -7.87 4.83
N GLU C 64 -45.48 -8.12 5.07
CA GLU C 64 -44.70 -8.96 4.17
C GLU C 64 -45.37 -10.30 3.92
N PHE C 65 -45.81 -10.97 4.99
CA PHE C 65 -46.39 -12.30 4.81
C PHE C 65 -47.71 -12.24 4.04
N ILE C 66 -48.55 -11.26 4.36
CA ILE C 66 -49.87 -11.17 3.73
C ILE C 66 -49.72 -10.82 2.26
N ASP C 67 -48.80 -9.90 1.96
CA ASP C 67 -48.42 -9.62 0.57
C ASP C 67 -48.04 -10.89 -0.16
N GLN C 68 -47.18 -11.70 0.46
CA GLN C 68 -46.71 -12.93 -0.17
C GLN C 68 -47.84 -13.93 -0.39
N TYR C 69 -48.77 -14.04 0.57
CA TYR C 69 -49.87 -14.99 0.41
C TYR C 69 -50.86 -14.54 -0.66
N TYR C 70 -51.22 -13.26 -0.67
CA TYR C 70 -52.10 -12.77 -1.72
C TYR C 70 -51.42 -12.77 -3.08
N SER C 71 -50.10 -12.59 -3.12
CA SER C 71 -49.38 -12.77 -4.38
C SER C 71 -49.39 -14.23 -4.80
N SER C 72 -49.28 -15.16 -3.86
CA SER C 72 -49.32 -16.58 -4.20
C SER C 72 -50.61 -16.96 -4.94
N ILE C 73 -51.73 -16.30 -4.63
CA ILE C 73 -53.03 -16.64 -5.20
C ILE C 73 -53.50 -15.61 -6.24
N LYS C 74 -52.57 -14.85 -6.81
CA LYS C 74 -52.85 -13.94 -7.94
C LYS C 74 -53.94 -12.93 -7.62
N ARG C 75 -54.12 -12.64 -6.33
CA ARG C 75 -54.86 -11.45 -5.96
C ARG C 75 -53.82 -10.35 -5.77
N PHE C 76 -53.76 -9.70 -4.60
CA PHE C 76 -52.75 -8.69 -4.27
C PHE C 76 -53.10 -7.32 -4.83
N GLY C 77 -53.09 -6.33 -3.94
CA GLY C 77 -53.81 -5.10 -4.17
C GLY C 77 -55.31 -5.28 -4.32
N SER C 78 -55.80 -6.51 -4.33
CA SER C 78 -57.23 -6.77 -4.46
C SER C 78 -57.97 -6.27 -3.24
N LYS C 79 -59.30 -6.31 -3.34
CA LYS C 79 -60.16 -5.89 -2.24
C LYS C 79 -59.80 -6.64 -0.94
N ALA C 80 -59.81 -7.97 -0.98
CA ALA C 80 -59.57 -8.76 0.22
C ALA C 80 -58.16 -8.56 0.76
N HIS C 81 -57.19 -8.31 -0.12
CA HIS C 81 -55.85 -8.01 0.36
C HIS C 81 -55.81 -6.67 1.09
N MET C 82 -56.34 -5.61 0.47
CA MET C 82 -56.40 -4.32 1.15
C MET C 82 -57.23 -4.39 2.42
N GLU C 83 -58.25 -5.24 2.45
CA GLU C 83 -59.04 -5.44 3.66
C GLU C 83 -58.23 -6.16 4.73
N ARG C 84 -57.50 -7.20 4.33
CA ARG C 84 -56.77 -8.01 5.31
C ARG C 84 -55.62 -7.21 5.93
N LEU C 85 -54.97 -6.37 5.12
CA LEU C 85 -53.95 -5.46 5.65
C LEU C 85 -54.54 -4.55 6.73
N GLU C 86 -55.62 -3.84 6.40
CA GLU C 86 -56.23 -2.95 7.38
C GLU C 86 -56.73 -3.73 8.59
N GLU C 87 -57.18 -4.96 8.37
CA GLU C 87 -57.61 -5.81 9.48
C GLU C 87 -56.43 -6.17 10.39
N VAL C 88 -55.32 -6.60 9.79
CA VAL C 88 -54.15 -6.90 10.61
C VAL C 88 -53.68 -5.65 11.34
N ASN C 89 -53.84 -4.48 10.70
CA ASN C 89 -53.41 -3.22 11.29
C ASN C 89 -54.21 -2.91 12.56
N LYS C 90 -55.54 -2.84 12.44
CA LYS C 90 -56.39 -2.61 13.60
C LYS C 90 -56.14 -3.67 14.69
N GLU C 91 -55.96 -4.93 14.27
CA GLU C 91 -55.79 -6.01 15.23
C GLU C 91 -54.50 -5.87 16.03
N ILE C 92 -53.41 -5.49 15.37
CA ILE C 92 -52.17 -5.23 16.11
C ILE C 92 -52.32 -3.98 16.96
N ASP C 93 -53.05 -2.96 16.46
CA ASP C 93 -53.32 -1.77 17.24
C ASP C 93 -54.10 -2.04 18.52
N THR C 94 -54.89 -3.12 18.56
CA THR C 94 -55.74 -3.36 19.72
C THR C 94 -55.38 -4.60 20.53
N THR C 95 -54.48 -5.46 20.05
CA THR C 95 -54.01 -6.60 20.84
C THR C 95 -52.49 -6.81 20.82
N SER C 96 -51.74 -5.98 20.09
CA SER C 96 -50.31 -6.19 19.90
C SER C 96 -49.98 -7.49 19.19
N THR C 97 -50.97 -8.13 18.56
CA THR C 97 -50.73 -9.32 17.75
C THR C 97 -51.78 -9.36 16.66
N TYR C 98 -51.87 -10.48 15.96
CA TYR C 98 -52.96 -10.69 15.02
C TYR C 98 -53.11 -12.18 14.78
N GLN C 99 -54.28 -12.58 14.28
CA GLN C 99 -54.59 -13.98 14.09
C GLN C 99 -54.62 -14.30 12.61
N LEU C 100 -54.09 -15.46 12.24
CA LEU C 100 -54.08 -15.87 10.84
C LEU C 100 -55.41 -16.50 10.45
N LYS C 101 -55.87 -16.20 9.24
CA LYS C 101 -56.94 -16.96 8.58
C LYS C 101 -56.53 -18.41 8.43
N ASP C 102 -57.53 -19.27 8.27
CA ASP C 102 -57.26 -20.69 8.10
C ASP C 102 -56.45 -20.94 6.85
N THR C 103 -56.79 -20.24 5.76
CA THR C 103 -56.02 -20.36 4.53
C THR C 103 -54.59 -19.90 4.75
N GLU C 104 -54.40 -18.75 5.40
CA GLU C 104 -53.06 -18.23 5.62
C GLU C 104 -52.21 -19.20 6.43
N LEU C 105 -52.83 -19.82 7.45
CA LEU C 105 -52.11 -20.76 8.29
C LEU C 105 -51.69 -21.99 7.52
N ILE C 106 -52.56 -22.49 6.65
CA ILE C 106 -52.22 -23.67 5.87
C ILE C 106 -51.12 -23.36 4.88
N TYR C 107 -51.22 -22.20 4.22
CA TYR C 107 -50.17 -21.75 3.30
C TYR C 107 -48.84 -21.56 4.03
N GLY C 108 -48.91 -21.03 5.26
CA GLY C 108 -47.70 -20.75 6.00
C GLY C 108 -46.97 -22.01 6.43
N ALA C 109 -47.71 -23.04 6.84
CA ALA C 109 -47.09 -24.29 7.27
C ALA C 109 -46.41 -24.97 6.11
N LYS C 110 -47.11 -25.07 4.98
CA LYS C 110 -46.59 -25.77 3.83
C LYS C 110 -45.32 -25.11 3.30
N HIS C 111 -45.26 -23.78 3.37
CA HIS C 111 -44.14 -23.04 2.82
C HIS C 111 -42.97 -23.03 3.79
N ALA C 112 -43.25 -23.17 5.09
CA ALA C 112 -42.19 -23.44 6.05
C ALA C 112 -41.53 -24.77 5.75
N TRP C 113 -42.32 -25.81 5.50
CA TRP C 113 -41.76 -27.07 5.03
C TRP C 113 -41.02 -26.87 3.71
N ARG C 114 -41.63 -26.16 2.76
CA ARG C 114 -40.99 -25.97 1.46
C ARG C 114 -39.64 -25.26 1.60
N ASN C 115 -39.51 -24.39 2.59
CA ASN C 115 -38.34 -23.54 2.73
C ASN C 115 -37.27 -24.15 3.62
N ALA C 116 -37.52 -25.32 4.19
CA ALA C 116 -36.63 -25.97 5.14
C ALA C 116 -35.39 -26.52 4.40
N SER C 117 -34.33 -25.70 4.34
CA SER C 117 -33.20 -26.06 3.48
CA SER C 117 -33.17 -26.01 3.52
C SER C 117 -32.49 -27.33 3.92
N ARG C 118 -32.78 -27.84 5.10
CA ARG C 118 -32.13 -29.05 5.56
C ARG C 118 -32.90 -30.32 5.28
N CYS C 119 -34.08 -30.24 4.68
CA CYS C 119 -34.98 -31.39 4.57
C CYS C 119 -34.89 -31.99 3.17
N VAL C 120 -34.62 -33.30 3.11
CA VAL C 120 -34.50 -33.99 1.84
C VAL C 120 -35.84 -34.48 1.31
N GLY C 121 -36.86 -34.57 2.17
CA GLY C 121 -38.16 -35.08 1.74
C GLY C 121 -39.13 -34.03 1.23
N ARG C 122 -38.63 -32.85 0.89
CA ARG C 122 -39.49 -31.71 0.57
C ARG C 122 -40.29 -31.85 -0.75
N ILE C 123 -40.11 -32.90 -1.56
CA ILE C 123 -40.89 -32.99 -2.79
C ILE C 123 -42.39 -33.11 -2.48
N GLN C 124 -42.72 -33.60 -1.30
CA GLN C 124 -44.09 -33.76 -0.81
C GLN C 124 -44.66 -32.51 -0.15
N TRP C 125 -43.93 -31.38 -0.16
CA TRP C 125 -44.22 -30.26 0.73
C TRP C 125 -45.67 -29.77 0.65
N SER C 126 -46.27 -29.75 -0.54
CA SER C 126 -47.63 -29.22 -0.63
C SER C 126 -48.69 -30.23 -0.23
N LYS C 127 -48.31 -31.46 0.09
CA LYS C 127 -49.25 -32.50 0.48
C LYS C 127 -49.17 -32.68 1.99
N LEU C 128 -49.49 -31.65 2.76
CA LEU C 128 -49.33 -31.66 4.21
C LEU C 128 -50.68 -31.39 4.85
N GLN C 129 -51.13 -32.30 5.71
CA GLN C 129 -52.37 -32.10 6.44
C GLN C 129 -52.12 -31.17 7.62
N VAL C 130 -52.88 -30.08 7.71
CA VAL C 130 -52.70 -29.10 8.77
C VAL C 130 -53.84 -29.24 9.76
N PHE C 131 -53.51 -29.40 11.04
CA PHE C 131 -54.49 -29.50 12.10
C PHE C 131 -54.44 -28.22 12.91
N ASP C 132 -55.45 -27.37 12.75
CA ASP C 132 -55.55 -26.13 13.50
C ASP C 132 -55.94 -26.47 14.93
N ALA C 133 -55.02 -26.23 15.86
CA ALA C 133 -55.25 -26.49 17.28
C ALA C 133 -55.15 -25.20 18.09
N ARG C 134 -55.40 -24.05 17.46
CA ARG C 134 -55.24 -22.78 18.16
C ARG C 134 -56.32 -22.52 19.19
N ASP C 135 -57.39 -23.32 19.22
CA ASP C 135 -58.38 -23.19 20.28
C ASP C 135 -57.98 -23.94 21.53
N CYS C 136 -56.87 -24.66 21.48
CA CYS C 136 -56.43 -25.44 22.62
C CYS C 136 -56.17 -24.52 23.80
N THR C 137 -56.46 -25.00 25.03
CA THR C 137 -56.22 -24.19 26.21
C THR C 137 -55.52 -24.90 27.36
N THR C 138 -55.45 -26.23 27.38
CA THR C 138 -54.80 -26.93 28.49
C THR C 138 -53.91 -28.04 27.94
N ALA C 139 -53.01 -28.52 28.81
CA ALA C 139 -52.16 -29.64 28.44
C ALA C 139 -52.98 -30.89 28.10
N HIS C 140 -54.16 -31.03 28.72
CA HIS C 140 -55.06 -32.13 28.38
C HIS C 140 -55.52 -32.02 26.94
N GLY C 141 -55.97 -30.82 26.54
CA GLY C 141 -56.28 -30.59 25.14
C GLY C 141 -55.10 -30.87 24.22
N MET C 142 -53.89 -30.48 24.65
CA MET C 142 -52.72 -30.74 23.81
C MET C 142 -52.52 -32.23 23.61
N PHE C 143 -52.68 -33.00 24.69
CA PHE C 143 -52.62 -34.46 24.58
C PHE C 143 -53.68 -34.97 23.61
N ASN C 144 -54.91 -34.47 23.72
CA ASN C 144 -55.98 -34.91 22.82
C ASN C 144 -55.64 -34.60 21.37
N TYR C 145 -55.12 -33.40 21.09
CA TYR C 145 -54.77 -33.04 19.72
C TYR C 145 -53.59 -33.86 19.20
N ILE C 146 -52.60 -34.10 20.05
CA ILE C 146 -51.42 -34.85 19.63
C ILE C 146 -51.78 -36.31 19.35
N CYS C 147 -52.63 -36.90 20.20
CA CYS C 147 -53.08 -38.27 19.95
C CYS C 147 -53.75 -38.39 18.59
N ASN C 148 -54.56 -37.39 18.22
CA ASN C 148 -55.27 -37.48 16.95
C ASN C 148 -54.29 -37.33 15.77
N HIS C 149 -53.30 -36.43 15.93
CA HIS C 149 -52.24 -36.29 14.95
C HIS C 149 -51.55 -37.62 14.71
N VAL C 150 -51.08 -38.22 15.79
CA VAL C 150 -50.34 -39.48 15.73
C VAL C 150 -51.17 -40.56 15.04
N LYS C 151 -52.46 -40.64 15.38
CA LYS C 151 -53.29 -41.69 14.80
C LYS C 151 -53.52 -41.45 13.32
N TYR C 152 -53.82 -40.21 12.94
CA TYR C 152 -53.95 -39.85 11.54
C TYR C 152 -52.65 -40.07 10.76
N ALA C 153 -51.52 -39.57 11.28
CA ALA C 153 -50.25 -39.65 10.56
C ALA C 153 -49.79 -41.09 10.42
N THR C 154 -50.01 -41.91 11.44
CA THR C 154 -49.61 -43.31 11.40
C THR C 154 -50.42 -44.09 10.38
N ASN C 155 -51.75 -43.96 10.45
CA ASN C 155 -52.64 -44.49 9.41
C ASN C 155 -52.35 -45.96 9.11
N LYS C 156 -52.24 -46.76 10.18
CA LYS C 156 -52.00 -48.20 10.08
C LYS C 156 -50.77 -48.52 9.25
N GLY C 157 -49.76 -47.64 9.27
CA GLY C 157 -48.51 -47.87 8.58
C GLY C 157 -48.34 -47.12 7.27
N ASN C 158 -49.44 -46.72 6.63
CA ASN C 158 -49.38 -45.96 5.39
C ASN C 158 -49.26 -44.48 5.76
N LEU C 159 -48.04 -44.06 6.09
CA LEU C 159 -47.87 -42.82 6.82
C LEU C 159 -48.27 -41.60 6.00
N ARG C 160 -48.77 -40.59 6.69
CA ARG C 160 -49.21 -39.36 6.06
C ARG C 160 -48.58 -38.22 6.83
N SER C 161 -48.14 -37.21 6.11
CA SER C 161 -47.45 -36.14 6.77
C SER C 161 -48.46 -35.13 7.32
N ALA C 162 -48.10 -34.50 8.44
CA ALA C 162 -49.07 -33.65 9.13
C ALA C 162 -48.35 -32.75 10.12
N ILE C 163 -49.06 -31.70 10.50
CA ILE C 163 -48.60 -30.72 11.47
C ILE C 163 -49.82 -30.28 12.28
N THR C 164 -49.63 -30.13 13.57
CA THR C 164 -50.68 -29.66 14.46
C THR C 164 -50.18 -28.36 15.08
N ILE C 165 -50.98 -27.30 14.97
CA ILE C 165 -50.50 -25.96 15.30
C ILE C 165 -51.25 -25.43 16.51
N PHE C 166 -50.52 -25.30 17.62
CA PHE C 166 -51.09 -24.84 18.88
C PHE C 166 -51.00 -23.33 18.96
N PRO C 167 -51.71 -22.69 19.90
CA PRO C 167 -51.81 -21.22 19.86
C PRO C 167 -50.44 -20.57 19.84
N GLN C 168 -50.38 -19.42 19.16
CA GLN C 168 -49.13 -18.72 18.97
C GLN C 168 -48.63 -18.11 20.29
N ARG C 169 -47.35 -17.71 20.28
CA ARG C 169 -46.78 -17.05 21.45
C ARG C 169 -47.34 -15.64 21.57
N THR C 170 -47.54 -15.19 22.82
CA THR C 170 -48.12 -13.88 23.01
C THR C 170 -47.14 -12.95 23.72
N ASP C 171 -47.07 -13.02 25.05
CA ASP C 171 -46.12 -12.22 25.80
C ASP C 171 -44.81 -12.94 26.07
N GLY C 172 -44.73 -14.23 25.72
CA GLY C 172 -43.56 -15.02 26.02
C GLY C 172 -43.62 -15.77 27.33
N LYS C 173 -44.58 -15.46 28.18
CA LYS C 173 -44.74 -16.17 29.44
C LYS C 173 -45.93 -17.13 29.44
N HIS C 174 -46.66 -17.20 28.33
CA HIS C 174 -47.81 -18.09 28.21
C HIS C 174 -47.59 -19.07 27.05
N ASP C 175 -46.35 -19.49 26.87
CA ASP C 175 -45.98 -20.33 25.73
C ASP C 175 -46.67 -21.68 25.80
N PHE C 176 -47.02 -22.20 24.63
CA PHE C 176 -47.31 -23.61 24.48
C PHE C 176 -46.02 -24.30 24.05
N ARG C 177 -45.68 -25.41 24.71
CA ARG C 177 -44.53 -26.20 24.30
C ARG C 177 -44.84 -27.69 24.44
N VAL C 178 -44.34 -28.46 23.49
CA VAL C 178 -44.11 -29.88 23.69
C VAL C 178 -42.67 -30.01 24.20
N TRP C 179 -42.51 -30.51 25.41
CA TRP C 179 -41.17 -30.58 25.98
C TRP C 179 -40.37 -31.69 25.34
N ASN C 180 -41.04 -32.72 24.83
CA ASN C 180 -40.36 -33.77 24.08
C ASN C 180 -39.72 -33.18 22.84
N SER C 181 -38.56 -33.73 22.46
CA SER C 181 -37.97 -33.27 21.21
C SER C 181 -38.70 -33.88 20.02
N GLN C 182 -39.12 -35.13 20.14
CA GLN C 182 -39.95 -35.79 19.15
C GLN C 182 -41.08 -36.49 19.89
N LEU C 183 -42.24 -36.63 19.21
CA LEU C 183 -43.41 -37.16 19.90
C LEU C 183 -43.17 -38.58 20.41
N ILE C 184 -42.37 -39.37 19.70
CA ILE C 184 -42.09 -40.76 20.08
C ILE C 184 -40.57 -40.94 20.12
N ARG C 185 -40.02 -41.08 21.33
CA ARG C 185 -38.60 -41.34 21.56
C ARG C 185 -38.48 -42.38 22.66
N TYR C 186 -37.39 -43.12 22.64
CA TYR C 186 -37.16 -44.14 23.66
C TYR C 186 -36.40 -43.56 24.84
N ALA C 187 -36.65 -44.10 26.02
CA ALA C 187 -35.99 -43.60 27.22
C ALA C 187 -34.49 -43.88 27.18
N GLY C 188 -33.76 -43.06 27.94
CA GLY C 188 -32.35 -43.30 28.17
C GLY C 188 -32.00 -43.20 29.64
N TYR C 189 -31.43 -44.26 30.20
CA TYR C 189 -31.23 -44.39 31.63
C TYR C 189 -29.74 -44.37 31.97
N LYS C 190 -29.35 -43.44 32.85
CA LYS C 190 -27.99 -43.42 33.38
C LYS C 190 -27.80 -44.59 34.32
N GLN C 191 -26.82 -45.43 34.05
CA GLN C 191 -26.61 -46.66 34.78
C GLN C 191 -25.62 -46.47 35.92
N PRO C 192 -25.61 -47.37 36.91
CA PRO C 192 -24.81 -47.08 38.11
C PRO C 192 -23.30 -47.19 37.87
N ASP C 193 -22.86 -48.19 37.11
CA ASP C 193 -21.45 -48.24 36.74
C ASP C 193 -21.03 -46.98 36.01
N GLY C 194 -21.84 -46.54 35.05
CA GLY C 194 -21.54 -45.34 34.31
C GLY C 194 -21.98 -45.39 32.87
N SER C 195 -22.28 -46.58 32.37
CA SER C 195 -22.76 -46.74 30.99
C SER C 195 -24.20 -46.24 30.90
N THR C 196 -24.87 -46.51 29.77
CA THR C 196 -26.21 -45.97 29.55
C THR C 196 -27.10 -47.04 28.96
N LEU C 197 -28.28 -47.22 29.55
CA LEU C 197 -29.29 -48.12 29.02
C LEU C 197 -30.32 -47.34 28.21
N GLY C 198 -30.72 -47.90 27.06
CA GLY C 198 -31.70 -47.24 26.20
C GLY C 198 -31.04 -46.32 25.19
N ASP C 199 -31.58 -45.09 25.08
CA ASP C 199 -31.12 -44.11 24.11
C ASP C 199 -30.41 -42.99 24.84
N PRO C 200 -29.09 -42.85 24.68
CA PRO C 200 -28.33 -41.90 25.52
C PRO C 200 -28.69 -40.45 25.26
N ALA C 201 -29.12 -40.10 24.05
CA ALA C 201 -29.51 -38.72 23.78
C ALA C 201 -30.57 -38.22 24.75
N ASN C 202 -31.45 -39.11 25.23
CA ASN C 202 -32.60 -38.71 26.01
C ASN C 202 -32.41 -38.95 27.49
N VAL C 203 -31.16 -39.09 27.95
CA VAL C 203 -30.91 -39.26 29.38
C VAL C 203 -31.49 -38.10 30.16
N GLN C 204 -31.22 -36.87 29.71
CA GLN C 204 -31.69 -35.71 30.44
C GLN C 204 -33.20 -35.63 30.44
N PHE C 205 -33.82 -35.69 29.26
CA PHE C 205 -35.27 -35.64 29.19
C PHE C 205 -35.90 -36.78 29.99
N THR C 206 -35.31 -37.98 29.92
CA THR C 206 -35.81 -39.10 30.71
C THR C 206 -35.78 -38.76 32.20
N GLU C 207 -34.71 -38.13 32.66
CA GLU C 207 -34.60 -37.83 34.08
C GLU C 207 -35.60 -36.75 34.49
N ILE C 208 -35.85 -35.77 33.62
CA ILE C 208 -36.92 -34.81 33.88
C ILE C 208 -38.25 -35.54 34.05
N CYS C 209 -38.53 -36.49 33.15
CA CYS C 209 -39.77 -37.24 33.24
C CYS C 209 -39.85 -38.03 34.54
N ILE C 210 -38.76 -38.72 34.90
CA ILE C 210 -38.73 -39.46 36.16
C ILE C 210 -38.90 -38.49 37.33
N GLN C 211 -38.15 -37.38 37.29
CA GLN C 211 -38.26 -36.35 38.31
C GLN C 211 -39.65 -35.73 38.34
N GLN C 212 -40.41 -35.81 37.26
CA GLN C 212 -41.77 -35.30 37.26
C GLN C 212 -42.80 -36.31 37.77
N GLY C 213 -42.38 -37.55 38.01
CA GLY C 213 -43.31 -38.56 38.49
C GLY C 213 -43.36 -39.83 37.66
N TRP C 214 -42.78 -39.80 36.45
CA TRP C 214 -42.82 -40.96 35.57
C TRP C 214 -42.13 -42.15 36.21
N LYS C 215 -42.82 -43.28 36.26
CA LYS C 215 -42.24 -44.53 36.71
C LYS C 215 -41.60 -45.21 35.51
N PRO C 216 -40.28 -45.16 35.39
CA PRO C 216 -39.62 -45.78 34.25
C PRO C 216 -39.74 -47.29 34.32
N PRO C 217 -40.10 -47.96 33.23
CA PRO C 217 -39.90 -49.42 33.17
C PRO C 217 -38.43 -49.80 33.17
N ARG C 218 -37.54 -48.86 32.89
CA ARG C 218 -36.09 -49.08 32.88
C ARG C 218 -35.72 -50.21 31.92
N GLY C 219 -36.00 -49.96 30.64
CA GLY C 219 -35.66 -50.87 29.57
C GLY C 219 -34.95 -50.16 28.43
N ARG C 220 -34.65 -50.94 27.39
CA ARG C 220 -33.94 -50.39 26.24
C ARG C 220 -34.86 -49.51 25.39
N PHE C 221 -36.08 -49.99 25.13
CA PHE C 221 -37.01 -49.30 24.23
C PHE C 221 -38.31 -48.92 24.94
N ASP C 222 -38.20 -48.03 25.93
CA ASP C 222 -39.34 -47.52 26.68
C ASP C 222 -39.82 -46.24 26.02
N VAL C 223 -41.01 -46.27 25.42
CA VAL C 223 -41.56 -45.05 24.83
C VAL C 223 -41.73 -44.01 25.94
N LEU C 224 -41.18 -42.83 25.74
CA LEU C 224 -41.23 -41.79 26.75
C LEU C 224 -42.62 -41.17 26.77
N PRO C 225 -43.08 -40.70 27.93
CA PRO C 225 -44.38 -40.04 27.99
C PRO C 225 -44.28 -38.67 27.36
N LEU C 226 -45.44 -38.15 26.94
CA LEU C 226 -45.52 -36.76 26.53
C LEU C 226 -45.43 -35.85 27.75
N LEU C 227 -44.67 -34.76 27.62
CA LEU C 227 -44.55 -33.71 28.63
C LEU C 227 -45.02 -32.41 27.99
N LEU C 228 -46.29 -32.05 28.23
CA LEU C 228 -46.96 -30.99 27.50
C LEU C 228 -47.21 -29.76 28.37
N GLN C 229 -46.99 -28.57 27.79
CA GLN C 229 -47.11 -27.30 28.47
C GLN C 229 -48.06 -26.38 27.71
N ALA C 230 -49.08 -25.89 28.40
CA ALA C 230 -50.09 -25.02 27.83
C ALA C 230 -50.11 -23.68 28.54
N ASN C 231 -50.16 -22.60 27.76
CA ASN C 231 -50.32 -21.24 28.28
C ASN C 231 -49.33 -20.94 29.39
N GLY C 232 -48.09 -21.36 29.22
CA GLY C 232 -47.03 -21.06 30.15
C GLY C 232 -47.06 -21.78 31.48
N ASN C 233 -48.01 -22.69 31.70
CA ASN C 233 -48.08 -23.37 32.99
C ASN C 233 -47.03 -24.48 33.11
N ASP C 234 -46.92 -25.03 34.31
CA ASP C 234 -46.06 -26.19 34.53
C ASP C 234 -46.48 -27.33 33.62
N PRO C 235 -45.53 -28.04 33.03
CA PRO C 235 -45.87 -29.13 32.11
C PRO C 235 -46.47 -30.33 32.84
N GLU C 236 -47.18 -31.15 32.08
CA GLU C 236 -47.91 -32.29 32.64
C GLU C 236 -47.62 -33.55 31.83
N LEU C 237 -47.51 -34.69 32.52
CA LEU C 237 -47.18 -35.97 31.89
C LEU C 237 -48.42 -36.68 31.39
N PHE C 238 -48.34 -37.21 30.17
CA PHE C 238 -49.34 -38.13 29.62
C PHE C 238 -48.64 -39.28 28.90
N GLN C 239 -49.16 -40.49 29.08
CA GLN C 239 -48.68 -41.67 28.36
C GLN C 239 -49.47 -41.84 27.06
N ILE C 240 -48.77 -41.84 25.94
CA ILE C 240 -49.42 -42.11 24.65
C ILE C 240 -49.95 -43.53 24.67
N PRO C 241 -51.20 -43.77 24.29
CA PRO C 241 -51.72 -45.15 24.32
C PRO C 241 -50.94 -46.03 23.36
N PRO C 242 -50.44 -47.17 23.85
CA PRO C 242 -49.53 -48.00 23.04
C PRO C 242 -50.05 -48.32 21.65
N GLU C 243 -51.36 -48.56 21.52
CA GLU C 243 -51.93 -48.96 20.24
C GLU C 243 -51.79 -47.88 19.19
N LEU C 244 -51.46 -46.65 19.60
CA LEU C 244 -51.14 -45.57 18.67
C LEU C 244 -49.67 -45.52 18.28
N VAL C 245 -48.77 -46.25 18.93
CA VAL C 245 -47.33 -46.17 18.68
C VAL C 245 -46.93 -47.35 17.79
N LEU C 246 -46.85 -47.12 16.49
CA LEU C 246 -46.51 -48.20 15.59
C LEU C 246 -45.02 -48.47 15.70
N GLU C 247 -44.65 -49.73 15.90
CA GLU C 247 -43.26 -50.13 16.06
C GLU C 247 -42.95 -51.27 15.10
N VAL C 248 -41.71 -51.32 14.64
CA VAL C 248 -41.27 -52.30 13.68
C VAL C 248 -40.15 -53.12 14.31
N PRO C 249 -40.33 -54.42 14.53
CA PRO C 249 -39.20 -55.26 14.95
C PRO C 249 -38.21 -55.42 13.80
N ILE C 250 -36.92 -55.25 14.10
CA ILE C 250 -35.89 -55.25 13.07
C ILE C 250 -35.37 -56.67 12.89
N ARG C 251 -35.46 -57.18 11.67
CA ARG C 251 -34.86 -58.46 11.31
C ARG C 251 -34.14 -58.34 9.98
N HIS C 252 -33.30 -59.32 9.68
CA HIS C 252 -32.49 -59.27 8.50
C HIS C 252 -32.91 -60.34 7.51
N PRO C 253 -32.87 -60.04 6.21
CA PRO C 253 -33.34 -61.02 5.22
C PRO C 253 -32.41 -62.23 5.02
N LYS C 254 -31.13 -62.14 5.38
CA LYS C 254 -30.18 -63.24 5.26
C LYS C 254 -29.81 -63.84 6.60
N PHE C 255 -29.47 -63.00 7.58
CA PHE C 255 -28.99 -63.44 8.88
C PHE C 255 -30.17 -63.81 9.76
N GLU C 256 -30.31 -65.10 10.08
CA GLU C 256 -31.35 -65.50 11.02
C GLU C 256 -31.09 -64.91 12.40
N TRP C 257 -29.83 -64.66 12.73
CA TRP C 257 -29.49 -64.23 14.08
C TRP C 257 -29.78 -62.76 14.33
N PHE C 258 -30.16 -62.00 13.32
CA PHE C 258 -30.35 -60.57 13.54
C PHE C 258 -31.52 -60.30 14.48
N LYS C 259 -32.68 -60.90 14.20
CA LYS C 259 -33.85 -60.66 15.04
C LYS C 259 -33.55 -60.94 16.50
N ASP C 260 -32.68 -61.90 16.77
CA ASP C 260 -32.28 -62.24 18.13
C ASP C 260 -31.59 -61.08 18.85
N LEU C 261 -31.11 -60.08 18.10
CA LEU C 261 -30.60 -58.87 18.73
C LEU C 261 -31.68 -58.12 19.51
N GLY C 262 -32.94 -58.31 19.16
CA GLY C 262 -34.02 -57.70 19.93
C GLY C 262 -34.25 -56.23 19.67
N LEU C 263 -33.94 -55.77 18.46
CA LEU C 263 -34.05 -54.37 18.11
C LEU C 263 -35.41 -54.08 17.50
N LYS C 264 -36.01 -52.97 17.90
CA LYS C 264 -37.16 -52.41 17.21
C LYS C 264 -36.95 -50.91 17.10
N TRP C 265 -37.70 -50.28 16.21
CA TRP C 265 -37.80 -48.83 16.20
C TRP C 265 -39.24 -48.49 15.88
N TYR C 266 -39.61 -47.25 16.20
CA TYR C 266 -40.97 -46.75 15.97
C TYR C 266 -41.08 -46.25 14.53
N GLY C 267 -42.31 -46.20 14.03
CA GLY C 267 -42.53 -45.91 12.63
C GLY C 267 -42.68 -44.45 12.30
N LEU C 268 -43.01 -43.64 13.29
CA LEU C 268 -43.38 -42.25 13.05
C LEU C 268 -42.32 -41.29 13.56
N PRO C 269 -41.63 -40.54 12.68
CA PRO C 269 -40.76 -39.46 13.15
C PRO C 269 -41.51 -38.16 13.22
N ALA C 270 -41.46 -37.48 14.35
CA ALA C 270 -42.38 -36.37 14.57
C ALA C 270 -41.68 -35.30 15.40
N VAL C 271 -41.08 -34.32 14.72
CA VAL C 271 -40.33 -33.31 15.44
C VAL C 271 -41.27 -32.40 16.19
N SER C 272 -41.00 -32.21 17.49
CA SER C 272 -41.93 -31.44 18.32
C SER C 272 -41.29 -30.29 19.07
N ASN C 273 -40.01 -30.00 18.85
CA ASN C 273 -39.40 -28.93 19.63
C ASN C 273 -39.04 -27.71 18.81
N MET C 274 -39.52 -27.60 17.57
CA MET C 274 -39.15 -26.50 16.71
C MET C 274 -40.26 -25.45 16.69
N LEU C 275 -39.92 -24.27 16.20
CA LEU C 275 -40.79 -23.11 16.25
C LEU C 275 -41.14 -22.72 14.84
N LEU C 276 -42.42 -22.68 14.54
CA LEU C 276 -42.91 -22.26 13.24
C LEU C 276 -43.17 -20.75 13.27
N GLU C 277 -42.57 -20.04 12.32
CA GLU C 277 -42.65 -18.59 12.25
C GLU C 277 -43.37 -18.20 10.97
N ILE C 278 -44.46 -17.45 11.11
CA ILE C 278 -45.22 -16.96 9.97
C ILE C 278 -45.58 -15.50 10.22
N GLY C 279 -45.15 -14.63 9.32
CA GLY C 279 -45.48 -13.21 9.41
C GLY C 279 -45.21 -12.61 10.77
N GLY C 280 -44.09 -12.97 11.39
CA GLY C 280 -43.78 -12.46 12.71
C GLY C 280 -44.46 -13.19 13.85
N LEU C 281 -45.44 -14.03 13.57
CA LEU C 281 -46.07 -14.83 14.62
C LEU C 281 -45.26 -16.09 14.88
N GLU C 282 -45.17 -16.46 16.15
CA GLU C 282 -44.30 -17.55 16.57
C GLU C 282 -45.15 -18.66 17.16
N PHE C 283 -45.29 -19.76 16.42
CA PHE C 283 -45.97 -20.95 16.92
C PHE C 283 -44.93 -21.84 17.60
N SER C 284 -44.86 -21.74 18.93
CA SER C 284 -43.84 -22.42 19.70
C SER C 284 -44.13 -23.89 19.91
N ALA C 285 -45.32 -24.34 19.53
CA ALA C 285 -45.70 -25.75 19.64
C ALA C 285 -46.39 -26.11 18.34
N CYS C 286 -45.72 -26.93 17.53
CA CYS C 286 -46.15 -27.26 16.19
C CYS C 286 -45.61 -28.62 15.78
N PRO C 287 -45.91 -29.68 16.50
CA PRO C 287 -45.39 -31.00 16.13
C PRO C 287 -45.76 -31.36 14.70
N PHE C 288 -44.76 -31.74 13.90
CA PHE C 288 -44.95 -32.20 12.54
C PHE C 288 -44.27 -33.56 12.34
N SER C 289 -44.82 -34.32 11.40
CA SER C 289 -44.35 -35.68 11.22
C SER C 289 -44.49 -36.04 9.75
N GLY C 290 -43.73 -37.06 9.36
CA GLY C 290 -43.70 -37.54 8.01
C GLY C 290 -43.33 -39.00 8.09
N TRP C 291 -42.30 -39.43 7.36
CA TRP C 291 -41.84 -40.81 7.42
C TRP C 291 -40.33 -40.84 7.30
N TYR C 292 -39.75 -41.92 7.79
CA TYR C 292 -38.30 -42.02 7.97
C TYR C 292 -37.57 -42.27 6.66
N MET C 293 -36.37 -41.70 6.57
CA MET C 293 -35.35 -42.22 5.69
C MET C 293 -34.60 -43.30 6.46
N GLY C 294 -34.40 -44.47 5.84
CA GLY C 294 -33.84 -45.60 6.55
C GLY C 294 -32.59 -45.27 7.34
N THR C 295 -31.75 -44.38 6.81
CA THR C 295 -30.46 -44.06 7.40
C THR C 295 -30.58 -43.29 8.71
N GLU C 296 -31.71 -42.62 8.93
CA GLU C 296 -31.89 -41.92 10.21
C GLU C 296 -31.86 -42.90 11.37
N ILE C 297 -32.54 -44.03 11.21
CA ILE C 297 -32.48 -45.11 12.19
C ILE C 297 -31.21 -45.95 12.01
N GLY C 298 -30.98 -46.46 10.79
CA GLY C 298 -29.93 -47.45 10.57
C GLY C 298 -28.52 -46.93 10.79
N VAL C 299 -28.27 -45.66 10.47
CA VAL C 299 -26.95 -45.07 10.61
C VAL C 299 -26.81 -44.26 11.90
N ARG C 300 -27.68 -43.28 12.11
CA ARG C 300 -27.51 -42.32 13.19
C ARG C 300 -28.07 -42.81 14.53
N ASP C 301 -29.32 -43.26 14.55
CA ASP C 301 -29.92 -43.73 15.80
C ASP C 301 -29.18 -44.95 16.35
N TYR C 302 -28.88 -45.91 15.47
CA TYR C 302 -28.29 -47.16 15.90
C TYR C 302 -26.77 -47.12 16.01
N CYS C 303 -26.08 -46.28 15.21
CA CYS C 303 -24.62 -46.38 15.10
C CYS C 303 -23.83 -45.16 15.54
N ASP C 304 -24.44 -44.01 15.85
CA ASP C 304 -23.66 -42.94 16.45
C ASP C 304 -23.05 -43.42 17.75
N ASN C 305 -21.88 -42.87 18.10
CA ASN C 305 -21.17 -43.35 19.28
C ASN C 305 -21.95 -43.04 20.56
N SER C 306 -22.51 -41.84 20.67
CA SER C 306 -23.31 -41.47 21.84
C SER C 306 -24.80 -41.74 21.65
N ARG C 307 -25.16 -42.61 20.73
CA ARG C 307 -26.53 -43.10 20.56
C ARG C 307 -26.56 -44.58 20.91
N TYR C 308 -27.10 -45.47 20.06
CA TYR C 308 -27.23 -46.87 20.49
C TYR C 308 -25.94 -47.64 20.35
N ASN C 309 -25.10 -47.30 19.36
CA ASN C 309 -23.73 -47.80 19.32
C ASN C 309 -23.67 -49.32 19.18
N ILE C 310 -24.49 -49.88 18.28
CA ILE C 310 -24.59 -51.33 18.16
C ILE C 310 -23.65 -51.91 17.10
N LEU C 311 -22.82 -51.08 16.46
CA LEU C 311 -21.83 -51.59 15.51
C LEU C 311 -20.99 -52.70 16.13
N GLU C 312 -20.55 -52.51 17.38
CA GLU C 312 -19.71 -53.50 18.05
C GLU C 312 -20.33 -54.89 17.99
N GLU C 313 -21.57 -55.02 18.47
CA GLU C 313 -22.18 -56.34 18.60
C GLU C 313 -22.57 -56.91 17.24
N VAL C 314 -23.10 -56.08 16.34
CA VAL C 314 -23.45 -56.58 15.01
C VAL C 314 -22.22 -57.14 14.31
N ALA C 315 -21.09 -56.44 14.43
CA ALA C 315 -19.85 -56.94 13.84
C ALA C 315 -19.42 -58.26 14.48
N LYS C 316 -19.55 -58.37 15.81
CA LYS C 316 -19.33 -59.63 16.51
C LYS C 316 -20.06 -60.78 15.84
N LYS C 317 -21.39 -60.64 15.70
CA LYS C 317 -22.19 -61.69 15.11
C LYS C 317 -21.72 -62.01 13.69
N MET C 318 -21.37 -60.98 12.92
CA MET C 318 -20.90 -61.20 11.56
C MET C 318 -19.53 -61.84 11.49
N ASN C 319 -18.84 -62.02 12.64
CA ASN C 319 -17.47 -62.57 12.68
C ASN C 319 -16.52 -61.76 11.82
N LEU C 320 -16.52 -60.45 12.04
CA LEU C 320 -15.70 -59.53 11.28
C LEU C 320 -14.37 -59.29 11.97
N ASP C 321 -13.33 -59.10 11.16
CA ASP C 321 -12.01 -58.76 11.65
C ASP C 321 -12.04 -57.38 12.29
N MET C 322 -12.11 -57.32 13.62
CA MET C 322 -12.28 -56.07 14.34
C MET C 322 -10.98 -55.58 15.01
N ARG C 323 -9.83 -56.11 14.60
CA ARG C 323 -8.57 -55.63 15.17
C ARG C 323 -8.26 -54.21 14.72
N LYS C 324 -8.35 -53.94 13.42
CA LYS C 324 -7.93 -52.68 12.83
C LYS C 324 -9.12 -52.01 12.13
N THR C 325 -9.05 -50.68 12.02
CA THR C 325 -10.11 -49.98 11.29
C THR C 325 -10.09 -50.28 9.80
N SER C 326 -8.90 -50.53 9.22
CA SER C 326 -8.78 -50.74 7.78
C SER C 326 -9.48 -51.99 7.27
N SER C 327 -9.94 -52.89 8.15
CA SER C 327 -10.80 -53.98 7.69
C SER C 327 -12.20 -53.48 7.33
N LEU C 328 -12.55 -52.26 7.72
CA LEU C 328 -13.86 -51.68 7.44
C LEU C 328 -14.99 -52.51 8.06
N TRP C 329 -14.73 -53.09 9.25
CA TRP C 329 -15.77 -53.83 9.95
C TRP C 329 -16.95 -52.93 10.29
N LYS C 330 -16.68 -51.66 10.64
CA LYS C 330 -17.76 -50.71 10.89
C LYS C 330 -18.57 -50.45 9.63
N ASP C 331 -17.89 -50.25 8.49
CA ASP C 331 -18.61 -49.92 7.27
C ASP C 331 -19.44 -51.09 6.80
N GLN C 332 -18.98 -52.31 7.07
CA GLN C 332 -19.69 -53.51 6.62
C GLN C 332 -20.93 -53.77 7.47
N ALA C 333 -20.81 -53.64 8.80
CA ALA C 333 -21.97 -53.83 9.65
C ALA C 333 -22.99 -52.74 9.39
N LEU C 334 -22.51 -51.51 9.18
CA LEU C 334 -23.41 -50.38 8.93
C LEU C 334 -24.30 -50.65 7.74
N VAL C 335 -23.75 -51.25 6.68
CA VAL C 335 -24.57 -51.60 5.53
C VAL C 335 -25.63 -52.62 5.92
N GLU C 336 -25.24 -53.66 6.66
CA GLU C 336 -26.18 -54.72 6.98
C GLU C 336 -27.32 -54.20 7.85
N ILE C 337 -27.01 -53.32 8.80
CA ILE C 337 -28.05 -52.75 9.65
C ILE C 337 -29.07 -52.01 8.80
N ASN C 338 -28.59 -51.20 7.85
CA ASN C 338 -29.51 -50.42 7.05
C ASN C 338 -30.29 -51.28 6.06
N ILE C 339 -29.73 -52.40 5.61
CA ILE C 339 -30.55 -53.38 4.89
C ILE C 339 -31.67 -53.90 5.78
N ALA C 340 -31.33 -54.29 7.01
CA ALA C 340 -32.32 -54.85 7.93
C ALA C 340 -33.45 -53.84 8.19
N VAL C 341 -33.08 -52.61 8.52
CA VAL C 341 -34.09 -51.61 8.85
C VAL C 341 -35.08 -51.44 7.69
N LEU C 342 -34.57 -51.42 6.45
CA LEU C 342 -35.46 -51.24 5.30
C LEU C 342 -36.31 -52.47 5.05
N TYR C 343 -35.68 -53.65 5.09
CA TYR C 343 -36.41 -54.90 4.89
C TYR C 343 -37.51 -55.07 5.93
N SER C 344 -37.27 -54.60 7.15
CA SER C 344 -38.24 -54.80 8.22
C SER C 344 -39.42 -53.85 8.08
N PHE C 345 -39.16 -52.55 7.92
CA PHE C 345 -40.23 -51.60 7.67
C PHE C 345 -41.05 -51.98 6.45
N GLN C 346 -40.39 -52.43 5.38
CA GLN C 346 -41.14 -52.82 4.18
C GLN C 346 -41.95 -54.09 4.40
N SER C 347 -41.45 -55.02 5.20
CA SER C 347 -42.18 -56.26 5.46
C SER C 347 -43.47 -55.99 6.22
N ASP C 348 -43.46 -55.03 7.14
CA ASP C 348 -44.64 -54.68 7.92
C ASP C 348 -45.46 -53.56 7.29
N LYS C 349 -45.20 -53.27 6.01
CA LYS C 349 -45.98 -52.30 5.24
C LYS C 349 -46.02 -50.96 5.95
N VAL C 350 -44.90 -50.58 6.56
CA VAL C 350 -44.72 -49.28 7.18
C VAL C 350 -43.88 -48.40 6.26
N THR C 351 -44.39 -47.22 5.94
CA THR C 351 -43.75 -46.35 4.96
C THR C 351 -42.32 -46.06 5.38
N ILE C 352 -41.37 -46.26 4.45
CA ILE C 352 -39.98 -45.89 4.65
C ILE C 352 -39.40 -45.66 3.27
N VAL C 353 -38.33 -44.87 3.21
CA VAL C 353 -37.64 -44.57 1.96
C VAL C 353 -36.14 -44.76 2.16
N ASP C 354 -35.47 -45.39 1.19
CA ASP C 354 -34.03 -45.54 1.28
C ASP C 354 -33.35 -44.27 0.80
N HIS C 355 -32.07 -44.12 1.16
CA HIS C 355 -31.36 -42.91 0.82
C HIS C 355 -31.13 -42.75 -0.69
N HIS C 356 -31.09 -43.84 -1.47
CA HIS C 356 -30.98 -43.68 -2.92
C HIS C 356 -32.26 -43.06 -3.50
N SER C 357 -33.41 -43.62 -3.15
CA SER C 357 -34.67 -43.07 -3.65
CA SER C 357 -34.67 -43.07 -3.64
C SER C 357 -34.90 -41.65 -3.14
N ALA C 358 -34.63 -41.41 -1.86
CA ALA C 358 -34.89 -40.10 -1.29
C ALA C 358 -34.02 -39.04 -1.96
N THR C 359 -32.73 -39.32 -2.12
CA THR C 359 -31.86 -38.30 -2.70
C THR C 359 -32.21 -38.05 -4.17
N GLU C 360 -32.60 -39.10 -4.90
CA GLU C 360 -32.99 -38.89 -6.29
C GLU C 360 -34.25 -38.04 -6.37
N SER C 361 -35.19 -38.27 -5.45
CA SER C 361 -36.39 -37.46 -5.38
C SER C 361 -36.06 -36.00 -5.16
N PHE C 362 -35.05 -35.73 -4.33
CA PHE C 362 -34.75 -34.34 -4.03
C PHE C 362 -34.07 -33.64 -5.21
N ILE C 363 -33.24 -34.37 -5.97
CA ILE C 363 -32.73 -33.86 -7.24
C ILE C 363 -33.89 -33.49 -8.16
N LYS C 364 -34.89 -34.38 -8.24
CA LYS C 364 -36.10 -34.08 -9.01
C LYS C 364 -36.79 -32.85 -8.48
N HIS C 365 -36.92 -32.75 -7.15
CA HIS C 365 -37.62 -31.62 -6.56
C HIS C 365 -36.85 -30.33 -6.84
N MET C 366 -35.54 -30.36 -6.65
CA MET C 366 -34.71 -29.21 -7.01
C MET C 366 -35.02 -28.72 -8.42
N GLU C 367 -35.00 -29.63 -9.40
CA GLU C 367 -35.27 -29.22 -10.77
C GLU C 367 -36.62 -28.53 -10.89
N ASN C 368 -37.64 -29.06 -10.19
CA ASN C 368 -38.97 -28.45 -10.24
C ASN C 368 -38.96 -27.04 -9.64
N GLU C 369 -38.32 -26.90 -8.47
CA GLU C 369 -38.29 -25.60 -7.80
C GLU C 369 -37.54 -24.55 -8.61
N TYR C 370 -36.44 -24.93 -9.27
CA TYR C 370 -35.80 -23.96 -10.15
C TYR C 370 -36.68 -23.64 -11.34
N ARG C 371 -37.46 -24.60 -11.81
CA ARG C 371 -38.30 -24.39 -12.99
C ARG C 371 -39.48 -23.46 -12.70
N CYS C 372 -40.07 -23.53 -11.50
CA CYS C 372 -41.25 -22.74 -11.20
CA CYS C 372 -41.26 -22.73 -11.21
C CYS C 372 -41.01 -21.62 -10.21
N ARG C 373 -40.14 -21.82 -9.23
CA ARG C 373 -39.89 -20.80 -8.21
C ARG C 373 -38.60 -20.02 -8.47
N GLY C 374 -37.77 -20.48 -9.39
CA GLY C 374 -36.48 -19.85 -9.62
C GLY C 374 -35.40 -20.19 -8.61
N GLY C 375 -35.56 -21.26 -7.86
CA GLY C 375 -34.55 -21.65 -6.88
C GLY C 375 -35.13 -22.54 -5.80
N CYS C 376 -34.21 -23.18 -5.07
CA CYS C 376 -34.55 -24.04 -3.95
C CYS C 376 -33.40 -24.01 -2.94
N PRO C 377 -33.62 -23.46 -1.74
CA PRO C 377 -32.55 -23.44 -0.74
C PRO C 377 -32.28 -24.85 -0.20
N ALA C 378 -31.00 -25.22 -0.16
CA ALA C 378 -30.67 -26.57 0.28
C ALA C 378 -29.33 -26.56 1.01
N ASP C 379 -29.29 -27.29 2.13
CA ASP C 379 -28.11 -27.39 2.99
C ASP C 379 -27.38 -28.68 2.63
N TRP C 380 -26.32 -28.57 1.85
CA TRP C 380 -25.59 -29.76 1.40
C TRP C 380 -25.15 -30.63 2.57
N VAL C 381 -24.62 -29.99 3.62
CA VAL C 381 -24.14 -30.71 4.81
C VAL C 381 -25.22 -31.63 5.36
N TRP C 382 -26.47 -31.21 5.28
CA TRP C 382 -27.58 -31.97 5.85
C TRP C 382 -28.32 -32.82 4.83
N ILE C 383 -28.31 -32.42 3.56
CA ILE C 383 -28.99 -33.19 2.52
C ILE C 383 -28.24 -34.48 2.22
N VAL C 384 -26.91 -34.44 2.25
CA VAL C 384 -26.12 -35.62 1.88
C VAL C 384 -26.25 -36.69 2.96
N PRO C 385 -26.55 -37.93 2.61
CA PRO C 385 -26.79 -38.95 3.61
C PRO C 385 -25.54 -39.28 4.39
N PRO C 386 -25.72 -39.83 5.60
CA PRO C 386 -24.59 -40.16 6.47
C PRO C 386 -23.86 -41.45 6.12
N MET C 387 -24.35 -42.24 5.17
CA MET C 387 -23.55 -43.30 4.57
C MET C 387 -23.62 -43.20 3.05
N SER C 388 -22.65 -43.85 2.40
CA SER C 388 -22.60 -43.97 0.94
C SER C 388 -22.82 -42.63 0.24
N GLY C 389 -22.21 -41.57 0.76
CA GLY C 389 -22.45 -40.24 0.27
C GLY C 389 -22.31 -40.03 -1.23
N SER C 390 -21.14 -40.37 -1.79
CA SER C 390 -20.88 -40.05 -3.19
C SER C 390 -21.54 -41.00 -4.17
N ILE C 391 -22.13 -42.11 -3.73
CA ILE C 391 -22.92 -42.91 -4.66
C ILE C 391 -24.38 -42.50 -4.60
N THR C 392 -24.65 -41.26 -4.22
CA THR C 392 -25.98 -40.68 -4.32
C THR C 392 -25.88 -39.39 -5.10
N PRO C 393 -26.92 -39.03 -5.87
CA PRO C 393 -26.78 -37.89 -6.79
C PRO C 393 -26.63 -36.54 -6.09
N VAL C 394 -27.07 -36.41 -4.84
CA VAL C 394 -27.01 -35.10 -4.19
C VAL C 394 -25.59 -34.76 -3.81
N PHE C 395 -24.74 -35.76 -3.58
CA PHE C 395 -23.34 -35.51 -3.31
C PHE C 395 -22.69 -34.68 -4.40
N HIS C 396 -22.97 -35.02 -5.66
CA HIS C 396 -22.38 -34.35 -6.81
C HIS C 396 -23.18 -33.14 -7.26
N GLN C 397 -24.04 -32.60 -6.40
CA GLN C 397 -24.96 -31.52 -6.75
C GLN C 397 -24.64 -30.29 -5.93
N GLU C 398 -24.31 -29.19 -6.60
CA GLU C 398 -24.05 -27.96 -5.87
C GLU C 398 -25.36 -27.40 -5.33
N MET C 399 -25.33 -26.86 -4.11
CA MET C 399 -26.52 -26.29 -3.49
C MET C 399 -26.25 -24.87 -3.02
N LEU C 400 -27.27 -24.03 -3.13
CA LEU C 400 -27.27 -22.69 -2.60
C LEU C 400 -28.13 -22.66 -1.35
N ASN C 401 -27.62 -22.09 -0.27
CA ASN C 401 -28.34 -22.04 0.99
C ASN C 401 -28.60 -20.59 1.38
N TYR C 402 -29.86 -20.32 1.72
CA TYR C 402 -30.35 -19.02 2.14
C TYR C 402 -31.65 -19.23 2.91
N ARG C 403 -32.05 -18.22 3.67
CA ARG C 403 -33.15 -18.32 4.62
C ARG C 403 -34.36 -17.58 4.09
N LEU C 404 -35.48 -18.29 3.97
CA LEU C 404 -36.75 -17.77 3.50
C LEU C 404 -37.78 -17.91 4.61
N THR C 405 -38.81 -17.06 4.57
CA THR C 405 -39.90 -17.09 5.53
CA THR C 405 -39.89 -17.15 5.53
C THR C 405 -41.22 -17.24 4.80
N PRO C 406 -42.20 -17.98 5.37
CA PRO C 406 -42.23 -18.77 6.61
C PRO C 406 -41.16 -19.87 6.78
N SER C 407 -40.86 -20.23 8.03
CA SER C 407 -39.78 -21.17 8.27
C SER C 407 -39.96 -21.84 9.62
N PHE C 408 -39.30 -22.98 9.78
CA PHE C 408 -39.12 -23.59 11.09
C PHE C 408 -37.77 -23.15 11.66
N GLU C 409 -37.78 -22.70 12.91
CA GLU C 409 -36.60 -22.24 13.61
C GLU C 409 -36.31 -23.18 14.77
N TYR C 410 -35.07 -23.13 15.26
CA TYR C 410 -34.83 -23.76 16.54
C TYR C 410 -35.25 -22.81 17.66
N GLN C 411 -35.28 -23.35 18.88
CA GLN C 411 -35.69 -22.57 20.05
C GLN C 411 -35.13 -23.25 21.28
N PRO C 412 -34.84 -22.51 22.34
CA PRO C 412 -34.18 -23.14 23.49
C PRO C 412 -35.11 -24.16 24.13
N ASP C 413 -34.50 -25.18 24.75
CA ASP C 413 -35.26 -26.17 25.49
C ASP C 413 -36.00 -25.51 26.64
N PRO C 414 -37.30 -25.77 26.80
CA PRO C 414 -38.08 -24.99 27.76
C PRO C 414 -37.63 -25.16 29.20
N TRP C 415 -36.97 -26.27 29.53
CA TRP C 415 -36.50 -26.45 30.90
C TRP C 415 -35.31 -25.56 31.22
N ASN C 416 -34.67 -24.95 30.23
CA ASN C 416 -33.64 -23.95 30.47
C ASN C 416 -34.21 -22.58 30.80
N THR C 417 -35.51 -22.37 30.55
CA THR C 417 -36.12 -21.05 30.66
C THR C 417 -37.38 -20.99 31.52
N HIS C 418 -38.05 -22.11 31.77
CA HIS C 418 -39.36 -22.09 32.42
C HIS C 418 -39.21 -21.80 33.91
N VAL C 419 -39.88 -20.76 34.40
CA VAL C 419 -39.96 -20.51 35.84
C VAL C 419 -41.18 -21.25 36.38
N TRP C 420 -40.94 -22.19 37.27
CA TRP C 420 -42.00 -23.09 37.72
C TRP C 420 -42.96 -22.39 38.65
N LYS C 421 -44.23 -22.80 38.59
CA LYS C 421 -45.22 -22.28 39.50
C LYS C 421 -45.16 -23.09 40.81
N ARG D 3 -12.98 -10.53 17.15
CA ARG D 3 -13.97 -11.30 17.89
C ARG D 3 -13.71 -12.81 17.77
N PHE D 4 -13.90 -13.52 18.88
CA PHE D 4 -13.76 -14.97 18.89
C PHE D 4 -14.91 -15.64 18.14
N LEU D 5 -14.67 -16.88 17.73
CA LEU D 5 -15.69 -17.74 17.14
C LEU D 5 -15.49 -19.16 17.65
N LYS D 6 -16.56 -19.82 18.09
CA LYS D 6 -16.47 -21.15 18.66
C LYS D 6 -17.01 -22.20 17.69
N VAL D 7 -16.35 -23.36 17.68
CA VAL D 7 -16.86 -24.53 16.98
C VAL D 7 -17.01 -25.63 18.01
N LYS D 8 -17.99 -26.51 17.78
CA LYS D 8 -18.35 -27.53 18.75
C LYS D 8 -18.35 -28.88 18.06
N ASN D 9 -17.86 -29.90 18.76
CA ASN D 9 -17.99 -31.28 18.33
C ASN D 9 -19.21 -31.87 19.02
N TRP D 10 -20.19 -32.29 18.23
CA TRP D 10 -21.46 -32.69 18.80
C TRP D 10 -21.46 -34.12 19.32
N GLU D 11 -20.43 -34.90 19.01
CA GLU D 11 -20.19 -36.21 19.59
C GLU D 11 -19.46 -36.12 20.94
N THR D 12 -18.40 -35.32 21.01
CA THR D 12 -17.55 -35.24 22.19
C THR D 12 -17.90 -34.09 23.11
N GLU D 13 -18.62 -33.08 22.61
CA GLU D 13 -18.95 -31.81 23.26
C GLU D 13 -17.73 -30.90 23.47
N VAL D 14 -16.58 -31.22 22.88
CA VAL D 14 -15.44 -30.31 22.91
C VAL D 14 -15.76 -29.03 22.14
N VAL D 15 -15.28 -27.90 22.64
CA VAL D 15 -15.51 -26.59 22.04
C VAL D 15 -14.16 -25.88 21.87
N LEU D 16 -13.86 -25.45 20.65
CA LEU D 16 -12.62 -24.75 20.33
C LEU D 16 -12.93 -23.33 19.89
N THR D 17 -12.01 -22.41 20.19
CA THR D 17 -12.20 -20.99 19.93
C THR D 17 -11.26 -20.55 18.80
N ASP D 18 -11.85 -20.11 17.69
CA ASP D 18 -11.09 -19.72 16.50
C ASP D 18 -10.86 -18.21 16.54
N THR D 19 -9.62 -17.81 16.78
CA THR D 19 -9.20 -16.44 16.54
C THR D 19 -8.45 -16.29 15.22
N LEU D 20 -8.03 -17.39 14.61
CA LEU D 20 -7.20 -17.31 13.41
C LEU D 20 -7.93 -16.69 12.22
N HIS D 21 -9.27 -16.84 12.16
CA HIS D 21 -10.04 -16.32 11.03
C HIS D 21 -9.93 -14.81 10.88
N LEU D 22 -9.55 -14.11 11.95
CA LEU D 22 -9.30 -12.67 11.84
C LEU D 22 -8.23 -12.36 10.82
N LYS D 23 -7.28 -13.28 10.62
CA LYS D 23 -6.11 -13.07 9.78
C LYS D 23 -6.38 -13.41 8.33
N SER D 24 -7.59 -13.81 7.97
CA SER D 24 -7.89 -14.10 6.57
C SER D 24 -8.29 -12.81 5.88
N THR D 25 -7.90 -12.68 4.61
CA THR D 25 -8.27 -11.52 3.83
C THR D 25 -8.63 -11.92 2.40
N LEU D 26 -9.03 -13.16 2.22
CA LEU D 26 -9.42 -13.66 0.91
C LEU D 26 -10.83 -14.23 0.99
N GLU D 27 -11.53 -14.21 -0.14
CA GLU D 27 -12.96 -14.52 -0.18
C GLU D 27 -13.22 -16.02 -0.09
N THR D 28 -14.35 -16.36 0.55
CA THR D 28 -14.91 -17.71 0.51
C THR D 28 -15.97 -17.85 -0.56
N GLY D 29 -16.50 -16.75 -1.07
CA GLY D 29 -17.59 -16.80 -2.00
C GLY D 29 -18.96 -16.68 -1.39
N CYS D 30 -19.09 -16.93 -0.09
CA CYS D 30 -20.37 -16.75 0.58
C CYS D 30 -20.69 -15.27 0.73
N THR D 31 -21.95 -14.98 1.01
CA THR D 31 -22.38 -13.63 1.34
C THR D 31 -23.02 -13.64 2.73
N GLU D 32 -23.49 -12.48 3.17
CA GLU D 32 -24.24 -12.45 4.42
C GLU D 32 -25.58 -13.16 4.31
N TYR D 33 -26.12 -13.33 3.08
CA TYR D 33 -27.45 -13.90 2.93
C TYR D 33 -27.50 -15.12 2.02
N ILE D 34 -26.35 -15.65 1.60
CA ILE D 34 -26.27 -16.86 0.79
C ILE D 34 -25.02 -17.62 1.22
N CYS D 35 -25.16 -18.92 1.47
CA CYS D 35 -24.01 -19.78 1.67
C CYS D 35 -23.72 -20.49 0.36
N MET D 36 -22.46 -20.45 -0.07
CA MET D 36 -21.98 -21.12 -1.26
C MET D 36 -20.95 -22.17 -0.89
N GLY D 37 -21.12 -22.78 0.28
CA GLY D 37 -20.18 -23.74 0.81
C GLY D 37 -20.11 -25.06 0.08
N SER D 38 -21.05 -25.36 -0.80
CA SER D 38 -20.99 -26.58 -1.61
C SER D 38 -20.73 -26.30 -3.09
N ILE D 39 -20.38 -25.08 -3.44
CA ILE D 39 -19.94 -24.74 -4.79
C ILE D 39 -18.50 -25.20 -4.96
N MET D 40 -18.21 -25.92 -6.05
CA MET D 40 -16.84 -26.41 -6.21
C MET D 40 -15.87 -25.28 -6.55
N HIS D 41 -16.21 -24.43 -7.51
CA HIS D 41 -15.37 -23.29 -7.87
C HIS D 41 -16.16 -21.99 -7.74
N PRO D 42 -16.10 -21.30 -6.60
CA PRO D 42 -16.73 -19.98 -6.51
C PRO D 42 -15.80 -18.89 -7.02
N SER D 43 -16.42 -17.80 -7.49
CA SER D 43 -15.64 -16.69 -8.07
C SER D 43 -15.43 -15.59 -7.05
N PRO D 49 -3.53 -14.66 -18.77
CA PRO D 49 -2.36 -13.89 -19.19
C PRO D 49 -2.21 -12.58 -18.40
N GLU D 50 -3.03 -11.57 -18.71
CA GLU D 50 -2.99 -10.30 -18.00
C GLU D 50 -3.20 -10.44 -16.51
N ASP D 51 -3.59 -11.62 -16.02
CA ASP D 51 -3.69 -11.87 -14.59
C ASP D 51 -2.31 -11.81 -13.96
N VAL D 52 -1.72 -10.62 -13.88
CA VAL D 52 -0.41 -10.42 -13.27
C VAL D 52 -0.48 -9.19 -12.38
N ALA D 53 -0.09 -9.37 -11.11
CA ALA D 53 -0.15 -8.29 -10.15
C ALA D 53 0.71 -7.12 -10.60
N THR D 54 0.17 -5.91 -10.44
CA THR D 54 0.96 -4.72 -10.73
C THR D 54 1.99 -4.50 -9.63
N LYS D 55 2.73 -3.39 -9.73
CA LYS D 55 3.65 -3.04 -8.66
C LYS D 55 2.90 -2.70 -7.37
N ASP D 56 1.89 -1.85 -7.48
CA ASP D 56 1.18 -1.41 -6.29
C ASP D 56 0.30 -2.51 -5.70
N GLN D 57 -0.07 -3.52 -6.49
CA GLN D 57 -0.77 -4.68 -5.93
C GLN D 57 0.20 -5.59 -5.18
N LEU D 58 1.42 -5.77 -5.72
CA LEU D 58 2.36 -6.74 -5.17
C LEU D 58 3.00 -6.26 -3.86
N PHE D 59 3.14 -4.95 -3.67
CA PHE D 59 3.79 -4.45 -2.46
C PHE D 59 3.12 -4.92 -1.18
N PRO D 60 1.82 -4.75 -0.95
CA PRO D 60 1.25 -5.19 0.34
C PRO D 60 1.23 -6.69 0.49
N LEU D 61 1.03 -7.43 -0.60
CA LEU D 61 1.01 -8.89 -0.51
C LEU D 61 2.36 -9.41 -0.05
N ALA D 62 3.44 -8.87 -0.63
CA ALA D 62 4.77 -9.25 -0.19
C ALA D 62 4.97 -8.93 1.29
N LYS D 63 4.62 -7.70 1.68
CA LYS D 63 4.83 -7.27 3.05
C LYS D 63 4.21 -8.26 4.03
N GLU D 64 2.93 -8.59 3.82
CA GLU D 64 2.23 -9.49 4.73
C GLU D 64 2.90 -10.85 4.79
N PHE D 65 3.33 -11.38 3.64
CA PHE D 65 4.03 -12.65 3.68
C PHE D 65 5.34 -12.53 4.44
N ILE D 66 6.14 -11.50 4.14
CA ILE D 66 7.41 -11.37 4.82
C ILE D 66 7.19 -11.15 6.32
N ASP D 67 6.23 -10.29 6.67
CA ASP D 67 5.89 -10.09 8.07
C ASP D 67 5.57 -11.41 8.76
N GLN D 68 4.75 -12.25 8.12
CA GLN D 68 4.33 -13.49 8.76
C GLN D 68 5.46 -14.51 8.77
N TYR D 69 6.36 -14.44 7.81
CA TYR D 69 7.56 -15.29 7.88
C TYR D 69 8.42 -14.93 9.08
N TYR D 70 8.76 -13.67 9.23
CA TYR D 70 9.60 -13.30 10.35
C TYR D 70 8.89 -13.43 11.68
N SER D 71 7.55 -13.37 11.68
CA SER D 71 6.83 -13.67 12.90
C SER D 71 6.95 -15.14 13.28
N SER D 72 6.84 -16.03 12.29
CA SER D 72 6.91 -17.47 12.58
C SER D 72 8.25 -17.88 13.16
N ILE D 73 9.32 -17.19 12.83
CA ILE D 73 10.67 -17.55 13.30
C ILE D 73 11.14 -16.63 14.43
N LYS D 74 10.21 -15.98 15.14
CA LYS D 74 10.52 -15.09 16.26
C LYS D 74 11.66 -14.14 15.91
N ARG D 75 11.48 -13.42 14.79
CA ARG D 75 12.40 -12.37 14.38
C ARG D 75 11.63 -11.17 13.84
N PHE D 76 10.39 -10.98 14.30
CA PHE D 76 9.58 -9.90 13.77
C PHE D 76 10.10 -8.57 14.31
N GLY D 77 10.31 -7.62 13.41
CA GLY D 77 10.88 -6.34 13.78
C GLY D 77 12.38 -6.33 13.84
N SER D 78 13.03 -7.48 13.64
CA SER D 78 14.47 -7.57 13.73
C SER D 78 15.13 -6.87 12.55
N LYS D 79 16.43 -6.58 12.73
CA LYS D 79 17.24 -5.97 11.69
C LYS D 79 17.14 -6.74 10.38
N ALA D 80 17.19 -8.07 10.44
CA ALA D 80 17.09 -8.85 9.20
C ALA D 80 15.70 -8.78 8.60
N HIS D 81 14.67 -8.62 9.44
CA HIS D 81 13.31 -8.48 8.92
C HIS D 81 13.18 -7.22 8.10
N MET D 82 13.65 -6.09 8.64
CA MET D 82 13.47 -4.79 8.00
C MET D 82 14.29 -4.67 6.73
N GLU D 83 15.51 -5.22 6.72
CA GLU D 83 16.31 -5.21 5.51
C GLU D 83 15.67 -6.09 4.44
N ARG D 84 15.16 -7.25 4.83
CA ARG D 84 14.48 -8.10 3.88
C ARG D 84 13.30 -7.37 3.24
N LEU D 85 12.46 -6.74 4.07
CA LEU D 85 11.37 -5.93 3.55
C LEU D 85 11.89 -4.87 2.59
N GLU D 86 12.94 -4.17 2.99
CA GLU D 86 13.54 -3.17 2.12
C GLU D 86 14.02 -3.81 0.82
N GLU D 87 14.68 -4.97 0.92
CA GLU D 87 15.21 -5.64 -0.27
C GLU D 87 14.08 -6.11 -1.20
N VAL D 88 12.98 -6.61 -0.64
CA VAL D 88 11.84 -6.98 -1.48
C VAL D 88 11.26 -5.74 -2.15
N ASN D 89 11.15 -4.65 -1.39
CA ASN D 89 10.71 -3.37 -1.91
C ASN D 89 11.53 -2.94 -3.13
N LYS D 90 12.86 -2.96 -3.00
CA LYS D 90 13.74 -2.63 -4.13
C LYS D 90 13.38 -3.42 -5.36
N GLU D 91 13.34 -4.74 -5.20
CA GLU D 91 13.15 -5.65 -6.31
C GLU D 91 11.85 -5.38 -7.05
N ILE D 92 10.76 -5.18 -6.31
CA ILE D 92 9.50 -4.84 -6.97
C ILE D 92 9.65 -3.52 -7.74
N ASP D 93 10.21 -2.49 -7.09
CA ASP D 93 10.46 -1.22 -7.77
C ASP D 93 11.24 -1.40 -9.07
N THR D 94 12.30 -2.20 -9.05
CA THR D 94 13.16 -2.30 -10.22
C THR D 94 12.64 -3.31 -11.23
N THR D 95 12.19 -4.48 -10.78
CA THR D 95 11.88 -5.58 -11.68
C THR D 95 10.40 -5.94 -11.71
N SER D 96 9.55 -5.23 -11.00
CA SER D 96 8.11 -5.49 -10.96
C SER D 96 7.76 -6.87 -10.40
N THR D 97 8.71 -7.54 -9.77
CA THR D 97 8.49 -8.81 -9.07
C THR D 97 9.58 -8.93 -8.00
N TYR D 98 9.63 -10.06 -7.31
CA TYR D 98 10.77 -10.35 -6.45
C TYR D 98 11.02 -11.85 -6.37
N GLN D 99 12.14 -12.22 -5.75
CA GLN D 99 12.55 -13.61 -5.64
C GLN D 99 12.53 -14.05 -4.18
N LEU D 100 11.87 -15.18 -3.90
CA LEU D 100 11.89 -15.72 -2.55
C LEU D 100 13.25 -16.31 -2.20
N LYS D 101 13.69 -16.10 -0.96
CA LYS D 101 14.77 -16.91 -0.40
C LYS D 101 14.33 -18.36 -0.30
N ASP D 102 15.31 -19.26 -0.26
CA ASP D 102 14.98 -20.67 -0.14
C ASP D 102 14.20 -20.96 1.14
N THR D 103 14.54 -20.28 2.24
CA THR D 103 13.81 -20.45 3.48
C THR D 103 12.34 -20.08 3.31
N GLU D 104 12.08 -18.91 2.73
CA GLU D 104 10.73 -18.41 2.54
C GLU D 104 9.94 -19.35 1.65
N LEU D 105 10.59 -19.88 0.61
CA LEU D 105 9.93 -20.78 -0.32
C LEU D 105 9.48 -22.05 0.39
N ILE D 106 10.38 -22.67 1.16
CA ILE D 106 10.03 -23.86 1.94
C ILE D 106 8.90 -23.54 2.92
N TYR D 107 9.02 -22.43 3.66
CA TYR D 107 7.96 -22.02 4.58
C TYR D 107 6.64 -21.80 3.84
N GLY D 108 6.72 -21.15 2.68
CA GLY D 108 5.50 -20.83 1.94
C GLY D 108 4.78 -22.08 1.46
N ALA D 109 5.53 -23.03 0.88
CA ALA D 109 4.91 -24.24 0.37
C ALA D 109 4.25 -25.04 1.50
N LYS D 110 4.94 -25.15 2.64
CA LYS D 110 4.41 -25.91 3.76
C LYS D 110 3.13 -25.30 4.29
N HIS D 111 3.09 -23.96 4.36
CA HIS D 111 1.94 -23.27 4.88
C HIS D 111 0.80 -23.19 3.89
N ALA D 112 1.08 -23.31 2.59
CA ALA D 112 -0.02 -23.47 1.65
C ALA D 112 -0.70 -24.81 1.84
N TRP D 113 0.06 -25.84 2.20
CA TRP D 113 -0.54 -27.11 2.57
C TRP D 113 -1.30 -26.96 3.89
N ARG D 114 -0.64 -26.40 4.90
CA ARG D 114 -1.24 -26.20 6.21
C ARG D 114 -2.55 -25.43 6.12
N ASN D 115 -2.68 -24.57 5.11
CA ASN D 115 -3.84 -23.71 4.96
C ASN D 115 -4.89 -24.29 4.02
N ALA D 116 -4.71 -25.52 3.53
CA ALA D 116 -5.61 -26.13 2.55
C ALA D 116 -6.89 -26.62 3.23
N SER D 117 -7.94 -25.80 3.23
CA SER D 117 -9.12 -26.12 4.03
CA SER D 117 -9.15 -26.11 4.00
C SER D 117 -9.76 -27.46 3.62
N ARG D 118 -9.56 -27.90 2.38
CA ARG D 118 -10.17 -29.13 1.88
C ARG D 118 -9.33 -30.38 2.10
N CYS D 119 -8.14 -30.30 2.69
CA CYS D 119 -7.26 -31.45 2.81
C CYS D 119 -7.34 -32.07 4.20
N VAL D 120 -7.75 -33.34 4.25
CA VAL D 120 -7.82 -34.06 5.51
C VAL D 120 -6.48 -34.58 5.98
N GLY D 121 -5.42 -34.54 5.15
CA GLY D 121 -4.15 -35.11 5.55
C GLY D 121 -3.13 -34.14 6.12
N ARG D 122 -3.59 -32.99 6.62
CA ARG D 122 -2.72 -31.89 7.03
C ARG D 122 -1.97 -32.10 8.33
N ILE D 123 -2.24 -33.17 9.08
CA ILE D 123 -1.44 -33.43 10.28
C ILE D 123 0.02 -33.61 9.92
N GLN D 124 0.32 -33.89 8.65
CA GLN D 124 1.68 -34.10 8.17
C GLN D 124 2.30 -32.83 7.57
N TRP D 125 1.61 -31.68 7.68
CA TRP D 125 1.95 -30.52 6.85
C TRP D 125 3.43 -30.12 6.97
N SER D 126 3.99 -30.19 8.18
CA SER D 126 5.36 -29.73 8.39
C SER D 126 6.41 -30.70 7.86
N LYS D 127 6.05 -31.94 7.55
CA LYS D 127 6.97 -32.92 7.00
C LYS D 127 6.82 -32.99 5.48
N LEU D 128 7.15 -31.90 4.80
CA LEU D 128 7.02 -31.79 3.36
C LEU D 128 8.39 -31.51 2.76
N GLN D 129 8.78 -32.31 1.78
CA GLN D 129 10.07 -32.16 1.15
C GLN D 129 9.92 -31.23 -0.04
N VAL D 130 10.56 -30.07 0.03
CA VAL D 130 10.43 -29.04 -1.01
C VAL D 130 11.61 -29.14 -1.96
N PHE D 131 11.31 -29.30 -3.24
CA PHE D 131 12.31 -29.36 -4.30
C PHE D 131 12.22 -28.07 -5.11
N ASP D 132 13.26 -27.25 -5.01
CA ASP D 132 13.28 -25.93 -5.62
C ASP D 132 13.70 -26.09 -7.08
N ALA D 133 12.78 -25.85 -8.01
CA ALA D 133 13.13 -26.00 -9.41
C ALA D 133 12.99 -24.68 -10.16
N ARG D 134 13.24 -23.58 -9.45
CA ARG D 134 13.16 -22.28 -10.08
C ARG D 134 14.31 -21.98 -11.06
N ASP D 135 15.28 -22.88 -11.24
CA ASP D 135 16.32 -22.66 -12.25
C ASP D 135 16.01 -23.37 -13.56
N CYS D 136 14.84 -24.00 -13.67
CA CYS D 136 14.48 -24.79 -14.84
C CYS D 136 14.10 -23.86 -15.99
N THR D 137 14.43 -24.25 -17.21
CA THR D 137 14.16 -23.41 -18.36
C THR D 137 13.50 -24.12 -19.53
N THR D 138 13.51 -25.45 -19.57
CA THR D 138 12.92 -26.16 -20.69
C THR D 138 12.10 -27.34 -20.19
N ALA D 139 11.28 -27.86 -21.11
CA ALA D 139 10.38 -28.96 -20.79
C ALA D 139 11.14 -30.22 -20.42
N HIS D 140 12.25 -30.48 -21.09
CA HIS D 140 13.14 -31.56 -20.69
C HIS D 140 13.57 -31.41 -19.24
N GLY D 141 13.98 -30.20 -18.86
CA GLY D 141 14.37 -29.95 -17.48
C GLY D 141 13.26 -30.28 -16.50
N MET D 142 12.03 -29.87 -16.82
CA MET D 142 10.88 -30.22 -15.96
C MET D 142 10.72 -31.73 -15.84
N PHE D 143 10.92 -32.45 -16.95
CA PHE D 143 10.83 -33.90 -16.90
C PHE D 143 11.86 -34.48 -15.94
N ASN D 144 13.11 -34.01 -16.03
CA ASN D 144 14.14 -34.46 -15.11
C ASN D 144 13.72 -34.22 -13.65
N TYR D 145 13.31 -33.00 -13.33
CA TYR D 145 12.81 -32.69 -11.99
C TYR D 145 11.65 -33.59 -11.58
N ILE D 146 10.69 -33.83 -12.47
CA ILE D 146 9.49 -34.59 -12.06
C ILE D 146 9.82 -36.07 -11.86
N CYS D 147 10.68 -36.64 -12.72
CA CYS D 147 11.16 -38.01 -12.46
C CYS D 147 11.79 -38.12 -11.08
N ASN D 148 12.69 -37.20 -10.74
CA ASN D 148 13.36 -37.27 -9.45
C ASN D 148 12.34 -37.15 -8.30
N HIS D 149 11.41 -36.20 -8.41
CA HIS D 149 10.29 -36.12 -7.48
C HIS D 149 9.61 -37.47 -7.31
N VAL D 150 9.20 -38.09 -8.42
CA VAL D 150 8.45 -39.32 -8.34
C VAL D 150 9.26 -40.41 -7.65
N LYS D 151 10.52 -40.58 -8.08
CA LYS D 151 11.39 -41.58 -7.49
C LYS D 151 11.55 -41.36 -5.98
N TYR D 152 11.87 -40.12 -5.58
CA TYR D 152 11.97 -39.77 -4.17
C TYR D 152 10.64 -40.01 -3.43
N ALA D 153 9.54 -39.49 -3.97
CA ALA D 153 8.27 -39.60 -3.25
C ALA D 153 7.84 -41.04 -3.11
N THR D 154 8.02 -41.86 -4.16
CA THR D 154 7.56 -43.26 -4.15
C THR D 154 8.35 -44.10 -3.16
N ASN D 155 9.69 -43.91 -3.11
CA ASN D 155 10.55 -44.51 -2.07
C ASN D 155 10.29 -46.02 -1.91
N LYS D 156 10.16 -46.72 -3.03
CA LYS D 156 9.93 -48.17 -3.05
C LYS D 156 8.69 -48.59 -2.25
N GLY D 157 7.70 -47.70 -2.13
CA GLY D 157 6.45 -47.97 -1.44
C GLY D 157 6.30 -47.23 -0.13
N ASN D 158 7.41 -46.81 0.47
CA ASN D 158 7.35 -46.05 1.71
C ASN D 158 7.23 -44.57 1.37
N LEU D 159 6.01 -44.16 1.06
CA LEU D 159 5.76 -42.89 0.40
C LEU D 159 6.10 -41.71 1.31
N ARG D 160 6.56 -40.62 0.68
CA ARG D 160 6.98 -39.40 1.35
C ARG D 160 6.45 -38.22 0.57
N SER D 161 5.90 -37.24 1.29
CA SER D 161 5.30 -36.08 0.64
C SER D 161 6.37 -35.14 0.09
N ALA D 162 6.10 -34.61 -1.09
CA ALA D 162 7.08 -33.80 -1.79
C ALA D 162 6.36 -32.81 -2.67
N ILE D 163 7.02 -31.68 -2.95
CA ILE D 163 6.54 -30.71 -3.93
C ILE D 163 7.76 -30.21 -4.72
N THR D 164 7.54 -29.98 -6.00
CA THR D 164 8.58 -29.44 -6.86
C THR D 164 8.06 -28.17 -7.49
N ILE D 165 8.79 -27.08 -7.29
CA ILE D 165 8.32 -25.72 -7.56
C ILE D 165 9.12 -25.15 -8.72
N PHE D 166 8.43 -24.95 -9.83
CA PHE D 166 8.99 -24.42 -11.07
C PHE D 166 8.93 -22.90 -11.05
N PRO D 167 9.56 -22.23 -12.03
CA PRO D 167 9.60 -20.76 -11.99
C PRO D 167 8.22 -20.12 -11.92
N GLN D 168 8.15 -19.04 -11.15
CA GLN D 168 6.91 -18.30 -10.90
C GLN D 168 6.47 -17.55 -12.16
N ARG D 169 5.21 -17.13 -12.14
CA ARG D 169 4.67 -16.36 -13.24
C ARG D 169 5.43 -15.05 -13.40
N THR D 170 5.51 -14.57 -14.65
CA THR D 170 6.12 -13.27 -14.89
C THR D 170 5.10 -12.35 -15.55
N ASP D 171 4.99 -12.43 -16.87
CA ASP D 171 4.02 -11.60 -17.55
C ASP D 171 2.76 -12.37 -17.93
N GLY D 172 2.61 -13.62 -17.47
CA GLY D 172 1.52 -14.47 -17.89
C GLY D 172 1.69 -15.12 -19.26
N LYS D 173 2.63 -14.64 -20.07
CA LYS D 173 2.88 -15.19 -21.39
C LYS D 173 4.08 -16.13 -21.40
N HIS D 174 4.61 -16.47 -20.23
CA HIS D 174 5.77 -17.34 -20.12
C HIS D 174 5.58 -18.37 -19.03
N ASP D 175 4.36 -18.87 -18.88
CA ASP D 175 4.02 -19.73 -17.76
C ASP D 175 4.68 -21.10 -17.90
N PHE D 176 5.11 -21.66 -16.77
CA PHE D 176 5.36 -23.08 -16.65
C PHE D 176 4.08 -23.76 -16.20
N ARG D 177 3.79 -24.90 -16.82
CA ARG D 177 2.59 -25.67 -16.50
C ARG D 177 2.89 -27.15 -16.66
N VAL D 178 2.43 -27.97 -15.72
CA VAL D 178 2.20 -29.37 -16.02
C VAL D 178 0.78 -29.43 -16.57
N TRP D 179 0.63 -29.86 -17.81
CA TRP D 179 -0.72 -29.96 -18.35
C TRP D 179 -1.49 -31.12 -17.75
N ASN D 180 -0.81 -32.12 -17.20
CA ASN D 180 -1.47 -33.22 -16.52
C ASN D 180 -2.15 -32.73 -15.27
N SER D 181 -3.29 -33.34 -14.93
CA SER D 181 -3.96 -32.97 -13.70
C SER D 181 -3.28 -33.65 -12.51
N GLN D 182 -2.88 -34.91 -12.68
CA GLN D 182 -1.94 -35.54 -11.75
C GLN D 182 -0.75 -36.12 -12.53
N LEU D 183 0.34 -36.40 -11.80
CA LEU D 183 1.55 -36.86 -12.49
C LEU D 183 1.36 -38.27 -13.03
N ILE D 184 0.68 -39.12 -12.29
CA ILE D 184 0.37 -40.48 -12.74
C ILE D 184 -1.15 -40.60 -12.82
N ARG D 185 -1.66 -40.83 -14.02
CA ARG D 185 -3.08 -41.08 -14.28
C ARG D 185 -3.19 -42.06 -15.44
N TYR D 186 -4.32 -42.75 -15.48
CA TYR D 186 -4.54 -43.66 -16.59
C TYR D 186 -5.33 -42.99 -17.70
N ALA D 187 -5.15 -43.49 -18.91
CA ALA D 187 -5.80 -42.87 -20.05
C ALA D 187 -7.26 -43.31 -20.13
N GLY D 188 -8.06 -42.49 -20.79
CA GLY D 188 -9.43 -42.85 -21.12
C GLY D 188 -9.64 -42.79 -22.63
N TYR D 189 -10.37 -43.77 -23.15
CA TYR D 189 -10.65 -43.83 -24.59
C TYR D 189 -12.13 -44.10 -24.79
N LYS D 190 -12.83 -43.16 -25.44
CA LYS D 190 -14.20 -43.40 -25.88
C LYS D 190 -14.19 -44.24 -27.16
N GLN D 191 -14.97 -45.37 -27.17
CA GLN D 191 -15.09 -46.23 -28.34
C GLN D 191 -16.20 -45.73 -29.27
N PRO D 192 -16.10 -46.04 -30.57
CA PRO D 192 -17.17 -45.66 -31.51
C PRO D 192 -18.58 -45.94 -30.98
N ASP D 193 -18.76 -47.11 -30.36
CA ASP D 193 -20.05 -47.54 -29.82
C ASP D 193 -20.41 -46.83 -28.52
N GLY D 194 -19.69 -45.76 -28.15
CA GLY D 194 -20.01 -44.96 -26.99
C GLY D 194 -19.47 -45.48 -25.67
N SER D 195 -19.05 -46.74 -25.60
CA SER D 195 -18.41 -47.24 -24.39
C SER D 195 -17.08 -46.51 -24.18
N THR D 196 -16.50 -46.73 -23.00
CA THR D 196 -15.25 -46.08 -22.64
C THR D 196 -14.25 -47.10 -22.13
N LEU D 197 -13.02 -47.03 -22.62
CA LEU D 197 -11.92 -47.87 -22.15
C LEU D 197 -11.00 -47.05 -21.26
N GLY D 198 -10.64 -47.61 -20.11
CA GLY D 198 -9.79 -46.90 -19.16
C GLY D 198 -10.56 -45.94 -18.28
N ASP D 199 -9.99 -44.76 -18.04
CA ASP D 199 -10.53 -43.83 -17.06
C ASP D 199 -11.39 -42.79 -17.78
N PRO D 200 -12.73 -42.87 -17.68
CA PRO D 200 -13.62 -41.93 -18.38
C PRO D 200 -13.34 -40.45 -18.10
N ALA D 201 -12.75 -40.16 -16.94
CA ALA D 201 -12.43 -38.77 -16.60
C ALA D 201 -11.29 -38.21 -17.45
N ASN D 202 -10.40 -39.06 -17.93
CA ASN D 202 -9.21 -38.57 -18.62
C ASN D 202 -9.37 -38.64 -20.13
N VAL D 203 -10.60 -38.82 -20.62
CA VAL D 203 -10.84 -38.93 -22.06
C VAL D 203 -10.31 -37.70 -22.77
N GLN D 204 -10.58 -36.51 -22.24
CA GLN D 204 -10.20 -35.29 -22.95
C GLN D 204 -8.68 -35.14 -23.01
N PHE D 205 -8.00 -35.21 -21.86
CA PHE D 205 -6.55 -35.06 -21.84
C PHE D 205 -5.88 -36.18 -22.64
N THR D 206 -6.45 -37.39 -22.61
CA THR D 206 -5.94 -38.47 -23.44
C THR D 206 -5.99 -38.08 -24.91
N GLU D 207 -7.10 -37.48 -25.35
CA GLU D 207 -7.19 -37.01 -26.74
C GLU D 207 -6.13 -35.95 -27.03
N ILE D 208 -5.88 -35.04 -26.09
CA ILE D 208 -4.85 -34.03 -26.32
C ILE D 208 -3.50 -34.69 -26.53
N CYS D 209 -3.18 -35.69 -25.72
CA CYS D 209 -1.91 -36.38 -25.85
C CYS D 209 -1.77 -37.07 -27.21
N ILE D 210 -2.82 -37.79 -27.63
CA ILE D 210 -2.78 -38.45 -28.92
C ILE D 210 -2.59 -37.44 -30.04
N GLN D 211 -3.27 -36.30 -29.93
CA GLN D 211 -3.09 -35.23 -30.89
C GLN D 211 -1.63 -34.79 -30.97
N GLN D 212 -1.00 -34.57 -29.81
CA GLN D 212 0.39 -34.14 -29.78
C GLN D 212 1.35 -35.22 -30.24
N GLY D 213 0.87 -36.39 -30.64
CA GLY D 213 1.73 -37.45 -31.14
C GLY D 213 1.82 -38.67 -30.26
N TRP D 214 1.19 -38.68 -29.08
CA TRP D 214 1.24 -39.87 -28.25
C TRP D 214 0.61 -41.06 -28.96
N LYS D 215 1.32 -42.18 -28.95
CA LYS D 215 0.84 -43.42 -29.52
C LYS D 215 0.28 -44.28 -28.40
N PRO D 216 -1.03 -44.29 -28.19
CA PRO D 216 -1.60 -44.95 -27.02
C PRO D 216 -1.60 -46.46 -27.18
N PRO D 217 -1.38 -47.21 -26.10
CA PRO D 217 -1.57 -48.66 -26.17
C PRO D 217 -3.02 -49.05 -26.34
N ARG D 218 -3.95 -48.14 -26.04
CA ARG D 218 -5.38 -48.43 -26.02
C ARG D 218 -5.66 -49.66 -25.14
N GLY D 219 -5.32 -49.52 -23.86
CA GLY D 219 -5.60 -50.53 -22.86
C GLY D 219 -6.40 -49.97 -21.70
N ARG D 220 -6.54 -50.74 -20.62
CA ARG D 220 -7.34 -50.27 -19.49
C ARG D 220 -6.54 -49.44 -18.48
N PHE D 221 -5.23 -49.64 -18.40
CA PHE D 221 -4.42 -48.96 -17.40
C PHE D 221 -3.12 -48.45 -18.03
N ASP D 222 -3.26 -47.70 -19.11
CA ASP D 222 -2.14 -47.04 -19.75
C ASP D 222 -1.79 -45.81 -18.94
N VAL D 223 -0.60 -45.80 -18.34
CA VAL D 223 -0.11 -44.59 -17.68
C VAL D 223 0.08 -43.52 -18.74
N LEU D 224 -0.49 -42.34 -18.51
CA LEU D 224 -0.44 -41.28 -19.50
C LEU D 224 0.95 -40.64 -19.54
N PRO D 225 1.35 -40.06 -20.66
CA PRO D 225 2.60 -39.31 -20.70
C PRO D 225 2.46 -37.97 -20.01
N LEU D 226 3.61 -37.43 -19.62
CA LEU D 226 3.66 -36.07 -19.12
C LEU D 226 3.63 -35.11 -20.29
N LEU D 227 2.88 -34.03 -20.12
CA LEU D 227 2.70 -32.99 -21.13
C LEU D 227 3.16 -31.70 -20.47
N LEU D 228 4.39 -31.29 -20.70
CA LEU D 228 5.05 -30.30 -19.86
C LEU D 228 5.28 -29.01 -20.63
N GLN D 229 4.95 -27.88 -20.01
CA GLN D 229 5.09 -26.57 -20.62
C GLN D 229 6.07 -25.72 -19.82
N ALA D 230 7.08 -25.18 -20.49
CA ALA D 230 8.12 -24.38 -19.86
C ALA D 230 8.21 -23.02 -20.52
N ASN D 231 8.14 -21.95 -19.72
CA ASN D 231 8.38 -20.59 -20.20
C ASN D 231 7.40 -20.18 -21.30
N GLY D 232 6.18 -20.72 -21.28
CA GLY D 232 5.16 -20.34 -22.24
C GLY D 232 5.25 -21.00 -23.59
N ASN D 233 6.20 -21.91 -23.79
CA ASN D 233 6.32 -22.61 -25.06
C ASN D 233 5.28 -23.72 -25.17
N ASP D 234 5.09 -24.21 -26.39
CA ASP D 234 4.16 -25.32 -26.61
C ASP D 234 4.57 -26.49 -25.73
N PRO D 235 3.63 -27.23 -25.15
CA PRO D 235 4.00 -28.32 -24.27
C PRO D 235 4.60 -29.47 -25.07
N GLU D 236 5.38 -30.31 -24.37
CA GLU D 236 6.07 -31.42 -25.03
C GLU D 236 5.83 -32.72 -24.25
N LEU D 237 5.71 -33.83 -24.99
CA LEU D 237 5.41 -35.11 -24.36
C LEU D 237 6.68 -35.80 -23.85
N PHE D 238 6.51 -36.57 -22.78
CA PHE D 238 7.56 -37.38 -22.16
C PHE D 238 6.94 -38.60 -21.47
N GLN D 239 7.57 -39.75 -21.63
CA GLN D 239 7.09 -40.99 -21.05
C GLN D 239 7.85 -41.28 -19.76
N ILE D 240 7.18 -41.10 -18.62
CA ILE D 240 7.74 -41.49 -17.32
C ILE D 240 8.27 -42.92 -17.45
N PRO D 241 9.52 -43.17 -17.09
CA PRO D 241 10.05 -44.52 -17.14
C PRO D 241 9.18 -45.45 -16.31
N PRO D 242 8.78 -46.59 -16.87
CA PRO D 242 7.79 -47.43 -16.18
C PRO D 242 8.26 -47.94 -14.84
N GLU D 243 9.57 -48.05 -14.61
CA GLU D 243 10.06 -48.56 -13.34
C GLU D 243 9.90 -47.56 -12.21
N LEU D 244 9.57 -46.32 -12.51
CA LEU D 244 9.25 -45.31 -11.50
C LEU D 244 7.77 -45.24 -11.15
N VAL D 245 6.91 -46.03 -11.78
CA VAL D 245 5.47 -45.95 -11.53
C VAL D 245 5.08 -47.18 -10.73
N LEU D 246 5.04 -47.02 -9.42
CA LEU D 246 4.64 -48.13 -8.55
C LEU D 246 3.13 -48.34 -8.65
N GLU D 247 2.73 -49.60 -8.76
CA GLU D 247 1.32 -49.96 -8.91
C GLU D 247 0.99 -51.12 -7.99
N VAL D 248 -0.31 -51.26 -7.73
CA VAL D 248 -0.82 -52.30 -6.84
C VAL D 248 -1.95 -53.04 -7.53
N PRO D 249 -1.79 -54.31 -7.85
CA PRO D 249 -2.94 -55.10 -8.30
C PRO D 249 -3.94 -55.24 -7.16
N ILE D 250 -5.21 -55.05 -7.47
CA ILE D 250 -6.24 -55.05 -6.42
C ILE D 250 -6.82 -56.45 -6.30
N ARG D 251 -6.62 -57.07 -5.14
CA ARG D 251 -7.28 -58.34 -4.84
C ARG D 251 -8.11 -58.21 -3.57
N HIS D 252 -8.86 -59.26 -3.24
CA HIS D 252 -9.71 -59.21 -2.06
C HIS D 252 -9.27 -60.27 -1.05
N PRO D 253 -9.32 -59.97 0.24
CA PRO D 253 -8.87 -60.95 1.24
C PRO D 253 -9.78 -62.16 1.35
N LYS D 254 -11.06 -62.04 0.99
CA LYS D 254 -12.04 -63.12 1.06
C LYS D 254 -12.44 -63.64 -0.31
N PHE D 255 -12.81 -62.74 -1.22
CA PHE D 255 -13.34 -63.11 -2.53
C PHE D 255 -12.18 -63.41 -3.48
N GLU D 256 -11.89 -64.71 -3.67
CA GLU D 256 -10.84 -65.11 -4.59
C GLU D 256 -11.07 -64.60 -6.00
N TRP D 257 -12.31 -64.28 -6.37
CA TRP D 257 -12.58 -63.84 -7.73
C TRP D 257 -12.20 -62.39 -7.98
N PHE D 258 -11.93 -61.62 -6.93
CA PHE D 258 -11.77 -60.18 -7.10
C PHE D 258 -10.58 -59.83 -8.00
N LYS D 259 -9.49 -60.59 -7.91
CA LYS D 259 -8.36 -60.34 -8.79
C LYS D 259 -8.69 -60.65 -10.25
N ASP D 260 -9.70 -61.46 -10.53
CA ASP D 260 -10.14 -61.64 -11.92
C ASP D 260 -10.75 -60.39 -12.52
N LEU D 261 -11.09 -59.38 -11.71
CA LEU D 261 -11.56 -58.12 -12.27
C LEU D 261 -10.47 -57.37 -13.04
N GLY D 262 -9.20 -57.72 -12.84
CA GLY D 262 -8.11 -57.09 -13.56
C GLY D 262 -7.70 -55.72 -13.06
N LEU D 263 -8.14 -55.34 -11.86
CA LEU D 263 -7.97 -53.99 -11.40
C LEU D 263 -6.59 -53.77 -10.78
N LYS D 264 -6.07 -52.56 -10.96
CA LYS D 264 -4.86 -52.11 -10.30
C LYS D 264 -4.91 -50.60 -10.22
N TRP D 265 -4.08 -50.04 -9.34
CA TRP D 265 -3.99 -48.59 -9.22
C TRP D 265 -2.55 -48.21 -8.91
N TYR D 266 -2.22 -46.97 -9.25
CA TYR D 266 -0.91 -46.48 -8.92
C TYR D 266 -0.86 -46.04 -7.46
N GLY D 267 0.34 -46.05 -6.91
CA GLY D 267 0.52 -45.79 -5.50
C GLY D 267 0.63 -44.33 -5.15
N LEU D 268 1.03 -43.48 -6.10
CA LEU D 268 1.40 -42.09 -5.82
C LEU D 268 0.34 -41.09 -6.28
N PRO D 269 -0.42 -40.47 -5.38
CA PRO D 269 -1.29 -39.36 -5.80
C PRO D 269 -0.51 -38.06 -5.83
N ALA D 270 -0.58 -37.36 -6.97
CA ALA D 270 0.33 -36.24 -7.22
C ALA D 270 -0.41 -35.16 -8.03
N VAL D 271 -0.97 -34.17 -7.32
CA VAL D 271 -1.74 -33.13 -7.99
C VAL D 271 -0.79 -32.17 -8.71
N SER D 272 -1.03 -31.97 -10.01
CA SER D 272 -0.09 -31.17 -10.78
C SER D 272 -0.73 -30.00 -11.52
N ASN D 273 -2.00 -29.66 -11.26
CA ASN D 273 -2.65 -28.60 -12.03
C ASN D 273 -3.02 -27.38 -11.20
N MET D 274 -2.62 -27.33 -9.94
CA MET D 274 -2.94 -26.22 -9.06
C MET D 274 -1.83 -25.20 -9.05
N LEU D 275 -2.18 -24.00 -8.60
CA LEU D 275 -1.26 -22.88 -8.55
C LEU D 275 -0.98 -22.59 -7.09
N LEU D 276 0.31 -22.45 -6.78
CA LEU D 276 0.78 -22.14 -5.44
C LEU D 276 1.05 -20.65 -5.36
N GLU D 277 0.44 -19.99 -4.39
CA GLU D 277 0.53 -18.55 -4.25
C GLU D 277 1.23 -18.24 -2.94
N ILE D 278 2.35 -17.53 -3.04
CA ILE D 278 3.16 -17.13 -1.89
C ILE D 278 3.46 -15.65 -2.05
N GLY D 279 3.07 -14.85 -1.06
CA GLY D 279 3.47 -13.45 -1.02
C GLY D 279 3.14 -12.65 -2.27
N GLY D 280 2.04 -12.99 -2.94
CA GLY D 280 1.68 -12.38 -4.20
C GLY D 280 2.34 -13.00 -5.42
N LEU D 281 3.34 -13.87 -5.24
CA LEU D 281 3.93 -14.56 -6.37
C LEU D 281 3.09 -15.79 -6.71
N GLU D 282 3.05 -16.11 -8.00
CA GLU D 282 2.20 -17.18 -8.49
C GLU D 282 3.07 -18.25 -9.15
N PHE D 283 3.07 -19.45 -8.57
CA PHE D 283 3.87 -20.57 -9.04
C PHE D 283 2.93 -21.51 -9.79
N SER D 284 2.78 -21.24 -11.09
CA SER D 284 1.79 -21.95 -11.88
C SER D 284 2.10 -23.43 -12.06
N ALA D 285 3.32 -23.88 -11.75
CA ALA D 285 3.66 -25.30 -11.85
C ALA D 285 4.35 -25.74 -10.57
N CYS D 286 3.66 -26.57 -9.78
CA CYS D 286 4.11 -26.95 -8.45
C CYS D 286 3.59 -28.32 -8.07
N PRO D 287 3.83 -29.36 -8.88
CA PRO D 287 3.26 -30.67 -8.56
C PRO D 287 3.68 -31.14 -7.17
N PHE D 288 2.70 -31.67 -6.43
CA PHE D 288 2.93 -32.12 -5.07
C PHE D 288 2.31 -33.50 -4.89
N SER D 289 2.81 -34.22 -3.91
CA SER D 289 2.41 -35.61 -3.78
C SER D 289 2.41 -35.98 -2.30
N GLY D 290 1.64 -37.01 -1.96
CA GLY D 290 1.62 -37.55 -0.62
C GLY D 290 1.34 -39.04 -0.72
N TRP D 291 0.23 -39.49 -0.12
CA TRP D 291 -0.21 -40.86 -0.29
C TRP D 291 -1.73 -40.88 -0.15
N TYR D 292 -2.31 -42.02 -0.52
CA TYR D 292 -3.75 -42.09 -0.68
C TYR D 292 -4.48 -42.36 0.63
N MET D 293 -5.66 -41.77 0.73
CA MET D 293 -6.71 -42.32 1.54
C MET D 293 -7.45 -43.34 0.69
N GLY D 294 -7.73 -44.51 1.26
CA GLY D 294 -8.35 -45.59 0.49
C GLY D 294 -9.56 -45.17 -0.33
N THR D 295 -10.45 -44.34 0.25
CA THR D 295 -11.73 -44.04 -0.40
C THR D 295 -11.56 -43.22 -1.67
N GLU D 296 -10.44 -42.51 -1.82
CA GLU D 296 -10.20 -41.77 -3.05
C GLU D 296 -10.17 -42.71 -4.24
N ILE D 297 -9.59 -43.89 -4.06
CA ILE D 297 -9.60 -44.93 -5.09
C ILE D 297 -10.88 -45.76 -5.02
N GLY D 298 -11.21 -46.23 -3.82
CA GLY D 298 -12.21 -47.27 -3.67
C GLY D 298 -13.64 -46.77 -3.88
N VAL D 299 -13.92 -45.53 -3.51
CA VAL D 299 -15.26 -44.95 -3.64
C VAL D 299 -15.39 -44.09 -4.89
N ARG D 300 -14.49 -43.14 -5.06
CA ARG D 300 -14.53 -42.19 -6.17
C ARG D 300 -13.94 -42.77 -7.46
N ASP D 301 -12.69 -43.24 -7.43
CA ASP D 301 -12.02 -43.69 -8.66
C ASP D 301 -12.74 -44.85 -9.32
N TYR D 302 -13.11 -45.87 -8.53
CA TYR D 302 -13.72 -47.08 -9.07
C TYR D 302 -15.24 -47.03 -9.20
N CYS D 303 -15.94 -46.24 -8.37
CA CYS D 303 -17.38 -46.37 -8.22
C CYS D 303 -18.23 -45.19 -8.69
N ASP D 304 -17.67 -43.98 -8.82
CA ASP D 304 -18.40 -42.90 -9.47
C ASP D 304 -18.92 -43.35 -10.83
N ASN D 305 -20.18 -42.98 -11.14
CA ASN D 305 -20.77 -43.35 -12.42
C ASN D 305 -19.98 -42.77 -13.59
N SER D 306 -19.49 -41.53 -13.46
CA SER D 306 -18.64 -40.91 -14.46
C SER D 306 -17.22 -41.47 -14.47
N ARG D 307 -16.89 -42.46 -13.62
CA ARG D 307 -15.54 -43.03 -13.55
C ARG D 307 -15.53 -44.51 -13.91
N TYR D 308 -14.81 -45.35 -13.16
CA TYR D 308 -14.63 -46.73 -13.61
C TYR D 308 -15.90 -47.56 -13.45
N ASN D 309 -16.76 -47.18 -12.49
CA ASN D 309 -18.15 -47.66 -12.40
C ASN D 309 -18.24 -49.19 -12.30
N ILE D 310 -17.47 -49.76 -11.38
CA ILE D 310 -17.39 -51.20 -11.23
C ILE D 310 -18.36 -51.72 -10.18
N LEU D 311 -19.22 -50.85 -9.64
CA LEU D 311 -20.24 -51.33 -8.73
C LEU D 311 -21.03 -52.48 -9.34
N GLU D 312 -21.54 -52.30 -10.57
CA GLU D 312 -22.34 -53.34 -11.20
C GLU D 312 -21.60 -54.67 -11.25
N GLU D 313 -20.36 -54.67 -11.77
CA GLU D 313 -19.65 -55.93 -11.91
C GLU D 313 -19.38 -56.58 -10.56
N VAL D 314 -18.97 -55.79 -9.57
CA VAL D 314 -18.66 -56.35 -8.26
C VAL D 314 -19.92 -56.93 -7.62
N ALA D 315 -21.03 -56.19 -7.68
CA ALA D 315 -22.28 -56.68 -7.10
C ALA D 315 -22.74 -57.94 -7.81
N LYS D 316 -22.63 -57.96 -9.14
CA LYS D 316 -22.99 -59.15 -9.91
C LYS D 316 -22.18 -60.35 -9.44
N LYS D 317 -20.87 -60.17 -9.28
CA LYS D 317 -20.03 -61.24 -8.77
C LYS D 317 -20.41 -61.62 -7.35
N MET D 318 -20.95 -60.69 -6.57
CA MET D 318 -21.36 -61.01 -5.20
C MET D 318 -22.69 -61.76 -5.15
N ASN D 319 -23.39 -61.89 -6.29
CA ASN D 319 -24.72 -62.50 -6.37
C ASN D 319 -25.74 -61.73 -5.52
N LEU D 320 -25.88 -60.45 -5.83
CA LEU D 320 -26.73 -59.54 -5.06
C LEU D 320 -27.98 -59.18 -5.86
N ASP D 321 -29.02 -58.76 -5.15
CA ASP D 321 -30.27 -58.37 -5.80
C ASP D 321 -30.13 -56.92 -6.24
N MET D 322 -29.78 -56.73 -7.51
CA MET D 322 -29.59 -55.42 -8.09
C MET D 322 -30.87 -54.84 -8.68
N ARG D 323 -32.02 -55.43 -8.35
CA ARG D 323 -33.28 -54.85 -8.81
C ARG D 323 -33.67 -53.66 -7.94
N LYS D 324 -34.05 -53.90 -6.67
CA LYS D 324 -34.40 -52.80 -5.80
C LYS D 324 -33.14 -52.14 -5.23
N THR D 325 -33.16 -50.80 -5.20
CA THR D 325 -32.06 -50.07 -4.55
C THR D 325 -32.04 -50.33 -3.05
N SER D 326 -33.22 -50.54 -2.45
CA SER D 326 -33.33 -50.75 -1.01
C SER D 326 -32.72 -52.08 -0.58
N SER D 327 -32.34 -52.95 -1.52
CA SER D 327 -31.44 -54.02 -1.15
C SER D 327 -30.09 -53.47 -0.70
N LEU D 328 -29.78 -52.22 -1.07
CA LEU D 328 -28.50 -51.57 -0.78
C LEU D 328 -27.31 -52.31 -1.39
N TRP D 329 -27.53 -52.96 -2.54
CA TRP D 329 -26.43 -53.66 -3.21
C TRP D 329 -25.27 -52.72 -3.51
N LYS D 330 -25.56 -51.51 -4.00
CA LYS D 330 -24.51 -50.53 -4.25
C LYS D 330 -23.68 -50.27 -3.00
N ASP D 331 -24.34 -50.02 -1.88
CA ASP D 331 -23.61 -49.78 -0.62
C ASP D 331 -22.76 -50.99 -0.26
N GLN D 332 -23.33 -52.19 -0.39
CA GLN D 332 -22.65 -53.43 -0.02
C GLN D 332 -21.40 -53.66 -0.88
N ALA D 333 -21.54 -53.46 -2.18
CA ALA D 333 -20.41 -53.65 -3.08
C ALA D 333 -19.36 -52.58 -2.88
N LEU D 334 -19.79 -51.33 -2.62
CA LEU D 334 -18.83 -50.24 -2.40
C LEU D 334 -17.94 -50.52 -1.21
N VAL D 335 -18.48 -51.13 -0.17
CA VAL D 335 -17.65 -51.46 0.99
C VAL D 335 -16.59 -52.49 0.60
N GLU D 336 -17.00 -53.52 -0.14
CA GLU D 336 -16.07 -54.59 -0.49
C GLU D 336 -14.92 -54.06 -1.33
N ILE D 337 -15.22 -53.22 -2.33
CA ILE D 337 -14.18 -52.62 -3.15
C ILE D 337 -13.18 -51.90 -2.28
N ASN D 338 -13.66 -51.20 -1.27
CA ASN D 338 -12.76 -50.41 -0.45
C ASN D 338 -11.93 -51.28 0.48
N ILE D 339 -12.46 -52.43 0.89
CA ILE D 339 -11.66 -53.40 1.64
C ILE D 339 -10.53 -53.91 0.76
N ALA D 340 -10.86 -54.23 -0.49
CA ALA D 340 -9.85 -54.74 -1.42
C ALA D 340 -8.72 -53.75 -1.61
N VAL D 341 -9.06 -52.48 -1.86
CA VAL D 341 -8.03 -51.46 -2.09
C VAL D 341 -7.09 -51.38 -0.89
N LEU D 342 -7.64 -51.27 0.33
CA LEU D 342 -6.79 -51.18 1.52
C LEU D 342 -5.98 -52.45 1.74
N TYR D 343 -6.59 -53.62 1.53
CA TYR D 343 -5.90 -54.88 1.75
C TYR D 343 -4.76 -55.07 0.76
N SER D 344 -4.92 -54.58 -0.46
CA SER D 344 -3.94 -54.79 -1.51
C SER D 344 -2.72 -53.89 -1.31
N PHE D 345 -2.94 -52.62 -0.97
CA PHE D 345 -1.83 -51.71 -0.70
C PHE D 345 -1.02 -52.17 0.52
N GLN D 346 -1.71 -52.48 1.62
CA GLN D 346 -1.00 -52.93 2.81
C GLN D 346 -0.19 -54.18 2.53
N SER D 347 -0.75 -55.13 1.79
CA SER D 347 -0.04 -56.37 1.48
C SER D 347 1.27 -56.07 0.74
N ASP D 348 1.20 -55.21 -0.26
CA ASP D 348 2.38 -54.80 -1.02
C ASP D 348 3.23 -53.75 -0.30
N LYS D 349 2.88 -53.40 0.95
CA LYS D 349 3.62 -52.43 1.75
C LYS D 349 3.77 -51.09 1.04
N VAL D 350 2.66 -50.64 0.45
CA VAL D 350 2.54 -49.31 -0.13
C VAL D 350 1.65 -48.46 0.77
N THR D 351 2.16 -47.29 1.15
CA THR D 351 1.48 -46.43 2.12
C THR D 351 0.06 -46.09 1.69
N ILE D 352 -0.88 -46.28 2.62
CA ILE D 352 -2.27 -45.89 2.43
C ILE D 352 -2.86 -45.65 3.80
N VAL D 353 -3.90 -44.80 3.87
CA VAL D 353 -4.60 -44.50 5.10
C VAL D 353 -6.10 -44.76 4.89
N ASP D 354 -6.70 -45.57 5.77
CA ASP D 354 -8.14 -45.76 5.64
C ASP D 354 -8.85 -44.51 6.15
N HIS D 355 -10.12 -44.37 5.78
CA HIS D 355 -10.80 -43.11 6.04
C HIS D 355 -11.08 -42.91 7.52
N HIS D 356 -11.22 -44.00 8.28
CA HIS D 356 -11.37 -43.88 9.73
C HIS D 356 -10.09 -43.32 10.36
N SER D 357 -8.96 -43.96 10.09
CA SER D 357 -7.70 -43.50 10.66
C SER D 357 -7.39 -42.07 10.23
N ALA D 358 -7.69 -41.72 8.98
CA ALA D 358 -7.37 -40.41 8.46
C ALA D 358 -8.16 -39.30 9.14
N THR D 359 -9.47 -39.49 9.29
CA THR D 359 -10.29 -38.43 9.90
C THR D 359 -9.97 -38.27 11.38
N GLU D 360 -9.69 -39.37 12.08
CA GLU D 360 -9.33 -39.29 13.49
C GLU D 360 -8.04 -38.48 13.68
N SER D 361 -7.03 -38.78 12.87
CA SER D 361 -5.81 -37.97 12.91
CA SER D 361 -5.81 -37.97 12.87
C SER D 361 -6.13 -36.51 12.61
N PHE D 362 -7.07 -36.25 11.70
CA PHE D 362 -7.38 -34.86 11.37
C PHE D 362 -8.00 -34.12 12.55
N ILE D 363 -8.89 -34.79 13.31
CA ILE D 363 -9.45 -34.17 14.52
C ILE D 363 -8.34 -33.85 15.52
N LYS D 364 -7.40 -34.77 15.73
CA LYS D 364 -6.26 -34.47 16.60
C LYS D 364 -5.47 -33.28 16.05
N HIS D 365 -5.24 -33.26 14.73
CA HIS D 365 -4.54 -32.13 14.12
C HIS D 365 -5.32 -30.82 14.31
N MET D 366 -6.62 -30.83 13.97
CA MET D 366 -7.45 -29.66 14.18
C MET D 366 -7.35 -29.13 15.61
N GLU D 367 -7.48 -30.01 16.62
CA GLU D 367 -7.33 -29.55 18.01
C GLU D 367 -5.98 -28.86 18.19
N ASN D 368 -4.92 -29.54 17.79
CA ASN D 368 -3.58 -28.99 17.99
C ASN D 368 -3.47 -27.61 17.36
N GLU D 369 -3.95 -27.46 16.12
CA GLU D 369 -3.90 -26.16 15.45
C GLU D 369 -4.72 -25.10 16.19
N TYR D 370 -5.87 -25.47 16.76
CA TYR D 370 -6.59 -24.48 17.55
C TYR D 370 -5.75 -24.03 18.73
N ARG D 371 -5.06 -24.97 19.40
CA ARG D 371 -4.28 -24.64 20.58
C ARG D 371 -3.06 -23.77 20.22
N CYS D 372 -2.25 -24.19 19.26
CA CYS D 372 -1.00 -23.50 19.01
C CYS D 372 -1.13 -22.37 17.99
N ARG D 373 -2.17 -22.37 17.16
CA ARG D 373 -2.29 -21.40 16.08
C ARG D 373 -3.55 -20.55 16.16
N GLY D 374 -4.54 -20.95 16.93
CA GLY D 374 -5.74 -20.17 17.03
C GLY D 374 -6.81 -20.56 16.06
N GLY D 375 -6.59 -21.60 15.27
CA GLY D 375 -7.62 -22.09 14.39
C GLY D 375 -7.05 -23.01 13.33
N CYS D 376 -7.94 -23.42 12.46
CA CYS D 376 -7.64 -24.39 11.42
C CYS D 376 -8.77 -24.40 10.41
N PRO D 377 -8.69 -23.60 9.36
CA PRO D 377 -9.76 -23.56 8.37
C PRO D 377 -9.97 -24.95 7.76
N ALA D 378 -11.24 -25.32 7.61
CA ALA D 378 -11.58 -26.68 7.21
C ALA D 378 -12.93 -26.71 6.50
N ASP D 379 -12.98 -27.47 5.42
CA ASP D 379 -14.11 -27.52 4.48
C ASP D 379 -14.79 -28.87 4.73
N TRP D 380 -15.75 -28.88 5.66
CA TRP D 380 -16.58 -30.03 6.01
C TRP D 380 -17.07 -30.80 4.78
N VAL D 381 -17.50 -30.08 3.75
CA VAL D 381 -17.99 -30.73 2.54
C VAL D 381 -16.93 -31.66 1.96
N TRP D 382 -15.65 -31.31 2.11
CA TRP D 382 -14.56 -32.13 1.58
C TRP D 382 -13.89 -33.01 2.63
N ILE D 383 -13.80 -32.55 3.89
CA ILE D 383 -13.15 -33.36 4.92
C ILE D 383 -13.92 -34.66 5.14
N VAL D 384 -15.25 -34.59 5.14
CA VAL D 384 -16.04 -35.79 5.41
C VAL D 384 -15.87 -36.79 4.27
N PRO D 385 -15.51 -38.03 4.55
CA PRO D 385 -15.24 -38.99 3.46
C PRO D 385 -16.51 -39.31 2.69
N PRO D 386 -16.38 -39.83 1.47
CA PRO D 386 -17.55 -40.08 0.62
C PRO D 386 -18.27 -41.38 0.90
N MET D 387 -17.97 -42.05 2.00
CA MET D 387 -18.73 -43.21 2.45
C MET D 387 -18.66 -43.22 3.96
N SER D 388 -19.65 -43.88 4.59
CA SER D 388 -19.65 -44.06 6.04
C SER D 388 -19.41 -42.75 6.77
N GLY D 389 -19.99 -41.67 6.23
CA GLY D 389 -19.71 -40.34 6.72
C GLY D 389 -19.95 -40.17 8.22
N SER D 390 -21.13 -40.58 8.71
CA SER D 390 -21.43 -40.26 10.09
C SER D 390 -20.71 -41.15 11.10
N ILE D 391 -20.11 -42.25 10.68
CA ILE D 391 -19.39 -43.08 11.64
C ILE D 391 -17.92 -42.69 11.68
N THR D 392 -17.58 -41.52 11.13
CA THR D 392 -16.23 -40.97 11.32
C THR D 392 -16.31 -39.69 12.15
N PRO D 393 -15.28 -39.37 12.92
CA PRO D 393 -15.39 -38.25 13.88
C PRO D 393 -15.59 -36.89 13.22
N VAL D 394 -15.12 -36.67 11.98
CA VAL D 394 -15.25 -35.34 11.42
C VAL D 394 -16.71 -34.98 11.15
N PHE D 395 -17.55 -35.98 10.85
CA PHE D 395 -18.96 -35.70 10.59
C PHE D 395 -19.58 -34.85 11.69
N HIS D 396 -19.24 -35.13 12.94
CA HIS D 396 -19.86 -34.44 14.06
C HIS D 396 -19.10 -33.19 14.49
N GLN D 397 -18.12 -32.78 13.69
CA GLN D 397 -17.21 -31.69 14.02
C GLN D 397 -17.57 -30.44 13.23
N GLU D 398 -18.12 -29.44 13.92
CA GLU D 398 -18.23 -28.11 13.33
C GLU D 398 -16.85 -27.60 12.90
N MET D 399 -16.83 -26.89 11.78
CA MET D 399 -15.60 -26.38 11.18
C MET D 399 -15.89 -25.02 10.60
N LEU D 400 -14.91 -24.12 10.70
CA LEU D 400 -14.97 -22.82 10.03
C LEU D 400 -14.09 -22.83 8.79
N ASN D 401 -14.62 -22.32 7.69
CA ASN D 401 -13.90 -22.26 6.43
C ASN D 401 -13.54 -20.82 6.13
N TYR D 402 -12.26 -20.57 5.90
CA TYR D 402 -11.75 -19.27 5.48
C TYR D 402 -10.43 -19.50 4.77
N ARG D 403 -9.99 -18.47 4.05
CA ARG D 403 -8.86 -18.59 3.13
C ARG D 403 -7.68 -17.80 3.70
N LEU D 404 -6.63 -18.51 4.09
CA LEU D 404 -5.36 -17.90 4.46
C LEU D 404 -4.35 -18.11 3.34
N THR D 405 -3.44 -17.18 3.20
CA THR D 405 -2.33 -17.32 2.28
C THR D 405 -1.01 -17.47 3.04
N PRO D 406 0.00 -18.18 2.48
CA PRO D 406 0.04 -18.88 1.20
C PRO D 406 -1.08 -19.90 0.98
N SER D 407 -1.40 -20.16 -0.27
CA SER D 407 -2.47 -21.11 -0.52
C SER D 407 -2.31 -21.74 -1.90
N PHE D 408 -2.90 -22.92 -2.05
CA PHE D 408 -3.10 -23.51 -3.36
C PHE D 408 -4.45 -23.04 -3.90
N GLU D 409 -4.46 -22.75 -5.19
CA GLU D 409 -5.60 -22.22 -5.90
C GLU D 409 -5.77 -23.05 -7.15
N TYR D 410 -7.00 -23.07 -7.64
CA TYR D 410 -7.30 -23.58 -8.97
C TYR D 410 -6.83 -22.58 -10.02
N GLN D 411 -6.77 -23.06 -11.25
CA GLN D 411 -6.31 -22.21 -12.33
C GLN D 411 -6.85 -22.81 -13.62
N PRO D 412 -7.14 -21.99 -14.61
CA PRO D 412 -7.73 -22.51 -15.84
C PRO D 412 -6.87 -23.59 -16.46
N ASP D 413 -7.54 -24.53 -17.14
CA ASP D 413 -6.84 -25.57 -17.86
C ASP D 413 -5.95 -24.93 -18.92
N PRO D 414 -4.72 -25.41 -19.10
CA PRO D 414 -3.79 -24.67 -19.97
C PRO D 414 -4.20 -24.68 -21.43
N TRP D 415 -4.93 -25.69 -21.88
CA TRP D 415 -5.38 -25.74 -23.27
C TRP D 415 -6.58 -24.84 -23.56
N ASN D 416 -7.25 -24.32 -22.54
CA ASN D 416 -8.23 -23.26 -22.80
C ASN D 416 -7.53 -21.92 -23.06
N THR D 417 -6.35 -21.73 -22.49
CA THR D 417 -5.69 -20.43 -22.48
C THR D 417 -4.47 -20.35 -23.38
N HIS D 418 -3.74 -21.45 -23.55
CA HIS D 418 -2.53 -21.44 -24.38
C HIS D 418 -2.84 -21.05 -25.81
N VAL D 419 -2.04 -20.16 -26.37
CA VAL D 419 -2.08 -19.87 -27.80
C VAL D 419 -0.81 -20.45 -28.43
N TRP D 420 -1.03 -21.33 -29.42
CA TRP D 420 0.03 -22.16 -29.96
C TRP D 420 0.94 -21.38 -30.89
N LYS D 421 2.16 -21.88 -31.06
CA LYS D 421 3.12 -21.28 -32.00
C LYS D 421 3.64 -22.31 -33.00
CHA HEM E . 7.55 30.47 1.36
CHB HEM E . 7.04 25.66 0.93
CHC HEM E . 2.26 26.41 0.71
CHD HEM E . 2.80 31.19 0.59
C1A HEM E . 7.80 29.10 1.37
C2A HEM E . 9.05 28.47 1.75
C3A HEM E . 8.90 27.15 1.65
C4A HEM E . 7.57 26.89 1.17
CMA HEM E . 9.98 26.09 1.94
CAA HEM E . 10.32 29.17 2.25
CBA HEM E . 9.92 29.42 3.71
CGA HEM E . 11.07 29.76 4.60
O1A HEM E . 12.18 29.23 4.36
O2A HEM E . 10.88 30.55 5.55
C1B HEM E . 5.69 25.45 0.86
C2B HEM E . 5.03 24.16 0.84
C3B HEM E . 3.72 24.36 0.76
C4B HEM E . 3.50 25.80 0.76
CMB HEM E . 5.72 22.77 0.87
CAB HEM E . 2.66 23.24 0.73
CBB HEM E . 1.49 23.40 0.13
C1C HEM E . 1.99 27.75 0.69
C2C HEM E . 0.66 28.34 0.74
C3C HEM E . 0.80 29.67 0.72
C4C HEM E . 2.22 29.95 0.64
CMC HEM E . -0.64 27.51 0.82
CAC HEM E . -0.26 30.79 0.70
CBC HEM E . -1.51 30.60 0.27
C1D HEM E . 4.14 31.39 0.80
C2D HEM E . 4.78 32.68 0.88
C3D HEM E . 6.08 32.47 1.07
C4D HEM E . 6.31 31.05 1.15
CMD HEM E . 4.06 34.05 0.75
CAD HEM E . 7.16 33.54 1.24
CBD HEM E . 7.37 33.70 2.73
CGD HEM E . 8.25 34.90 2.94
O1D HEM E . 8.47 35.66 1.95
O2D HEM E . 8.71 35.11 4.10
NA HEM E . 6.91 28.11 1.02
NB HEM E . 4.73 26.45 0.84
NC HEM E . 2.91 28.76 0.63
ND HEM E . 5.10 30.41 0.96
FE HEM E . 4.94 28.48 0.52
N1 H4B F . 15.77 30.99 2.02
C2 H4B F . 14.70 30.50 2.71
N2 H4B F . 13.92 29.53 2.17
N3 H4B F . 14.41 30.98 3.94
C4 H4B F . 15.15 31.95 4.51
O4 H4B F . 14.87 32.39 5.63
C4A H4B F . 16.24 32.46 3.82
C8A H4B F . 16.55 31.95 2.55
N5 H4B F . 17.00 33.44 4.36
N8 H4B F . 17.61 32.43 1.87
C6 H4B F . 17.75 34.25 3.41
C7 H4B F . 18.56 33.34 2.50
C9 H4B F . 18.66 35.25 4.12
O9 H4B F . 19.35 34.50 5.10
C10 H4B F . 19.61 35.97 3.17
C11 H4B F . 20.57 36.89 3.93
O10 H4B F . 18.85 36.77 2.25
C02 XVA G . 5.45 26.02 4.40
C03 XVA G . 4.13 26.37 4.07
C04 XVA G . 3.71 27.66 4.36
C05 XVA G . 4.60 28.56 4.94
C06 XVA G . 5.90 28.19 5.24
C07 XVA G . 2.32 28.11 4.07
C11 XVA G . 7.65 29.15 8.45
C12 XVA G . 7.53 28.53 9.71
C13 XVA G . 8.43 28.85 10.73
C14 XVA G . 9.44 29.78 10.52
C15 XVA G . 9.56 30.42 9.30
C16 XVA G . 8.66 30.10 8.26
C21 XVA G . 6.87 29.13 5.91
C22 XVA G . 6.64 28.76 7.39
C23 XVA G . 10.68 31.43 9.09
C24 XVA G . 10.16 32.83 8.77
C26 XVA G . 10.17 34.64 7.16
C27 XVA G . 12.26 33.78 7.93
F08 XVA G . 1.47 27.05 3.87
F09 XVA G . 1.88 28.83 5.16
F12 XVA G . 6.55 27.63 9.92
F13 XVA G . 8.31 28.25 11.95
N01 XVA G . 6.29 26.94 4.95
N02 XVA G . 5.95 24.78 4.18
N25 XVA G . 10.86 33.43 7.61
C1 GOL H . -0.95 38.78 -15.41
O1 GOL H . -0.90 39.68 -14.32
C2 GOL H . -1.97 37.68 -15.09
O2 GOL H . -2.01 37.49 -13.70
C3 GOL H . -1.59 36.35 -15.73
O3 GOL H . -2.30 35.32 -15.06
C1 GOL I . -11.69 26.01 -3.69
O1 GOL I . -10.33 25.68 -3.95
C2 GOL I . -11.84 27.52 -3.54
O2 GOL I . -12.10 27.90 -2.18
C3 GOL I . -12.95 27.98 -4.48
O3 GOL I . -12.52 27.82 -5.82
N1 H4B J . 27.41 28.94 -7.51
C2 H4B J . 28.67 28.53 -7.74
N2 H4B J . 29.60 28.67 -6.77
N3 H4B J . 29.02 27.98 -8.93
C4 H4B J . 28.10 27.84 -9.92
O4 H4B J . 28.45 27.33 -11.01
C4A H4B J . 26.80 28.27 -9.70
C8A H4B J . 26.47 28.82 -8.48
N5 H4B J . 25.86 28.13 -10.68
N8 H4B J . 25.20 29.24 -8.24
C6 H4B J . 24.67 28.96 -10.60
C7 H4B J . 24.12 29.05 -9.18
C9 H4B J . 23.55 28.50 -11.54
O9 H4B J . 23.18 27.14 -11.32
C10 H4B J . 22.31 29.36 -11.31
C11 H4B J . 21.13 28.84 -12.11
O10 H4B J . 22.58 30.72 -11.68
ZN ZN K . 18.83 41.95 -8.52
CHA HEM L . 34.88 32.24 -8.18
CHB HEM L . 37.03 30.07 -4.44
CHC HEM L . 41.21 32.25 -5.69
CHD HEM L . 38.92 34.81 -9.06
C1A HEM L . 35.10 31.37 -7.14
C2A HEM L . 34.22 30.33 -6.64
C3A HEM L . 34.83 29.73 -5.60
C4A HEM L . 36.11 30.37 -5.42
CMA HEM L . 34.27 28.56 -4.75
CAA HEM L . 32.82 29.94 -7.18
CBA HEM L . 32.86 29.63 -8.67
CGA HEM L . 32.54 28.17 -8.84
O1A HEM L . 32.12 27.56 -7.83
O2A HEM L . 32.72 27.64 -9.97
C1B HEM L . 38.36 30.49 -4.44
C2B HEM L . 39.36 30.10 -3.48
C3B HEM L . 40.52 30.70 -3.80
C4B HEM L . 40.28 31.49 -5.01
CMB HEM L . 39.11 29.15 -2.28
CAB HEM L . 41.84 30.52 -3.02
CBB HEM L . 42.94 31.24 -3.28
C1C HEM L . 40.98 33.10 -6.73
C2C HEM L . 41.97 33.89 -7.43
C3C HEM L . 41.34 34.59 -8.39
C4C HEM L . 39.92 34.29 -8.28
CMC HEM L . 43.50 33.84 -7.13
CAC HEM L . 41.88 35.61 -9.43
CBC HEM L . 43.13 36.07 -9.40
C1D HEM L . 37.64 34.31 -9.15
C2D HEM L . 36.66 34.68 -10.15
C3D HEM L . 35.54 33.97 -9.90
C4D HEM L . 35.79 33.12 -8.76
CMD HEM L . 36.92 35.71 -11.26
CAD HEM L . 34.21 34.01 -10.69
CBD HEM L . 34.46 33.13 -11.90
CGD HEM L . 33.18 32.85 -12.62
O1D HEM L . 32.28 33.74 -12.58
O2D HEM L . 33.09 31.75 -13.24
NA HEM L . 36.23 31.36 -6.37
NB HEM L . 38.95 31.33 -5.37
NC HEM L . 39.75 33.38 -7.27
ND HEM L . 37.09 33.35 -8.31
FE HEM L . 37.93 32.59 -6.60
C02 XVA M . 39.08 28.06 -6.83
C03 XVA M . 40.02 28.97 -7.25
C04 XVA M . 39.96 29.46 -8.54
C05 XVA M . 38.97 29.04 -9.40
C06 XVA M . 38.03 28.12 -8.94
C07 XVA M . 40.99 30.43 -9.01
C11 XVA M . 37.11 25.60 -11.52
C12 XVA M . 37.91 24.58 -12.02
C13 XVA M . 37.38 23.52 -12.70
C14 XVA M . 36.01 23.43 -12.90
C15 XVA M . 35.17 24.44 -12.41
C16 XVA M . 35.72 25.53 -11.72
C21 XVA M . 36.95 27.63 -9.88
C22 XVA M . 37.78 26.75 -10.80
C23 XVA M . 33.68 24.37 -12.62
C24 XVA M . 33.24 25.44 -13.61
C26 XVA M . 31.47 26.19 -15.08
C27 XVA M . 31.34 24.01 -14.13
F08 XVA M . 41.37 30.09 -10.28
F09 XVA M . 42.08 30.32 -8.20
F12 XVA M . 39.24 24.64 -11.85
F13 XVA M . 38.21 22.55 -13.16
N01 XVA M . 38.12 27.66 -7.67
N02 XVA M . 39.13 27.56 -5.57
N25 XVA M . 31.79 25.39 -13.88
C1 GOL N . 36.91 52.38 -6.47
O1 GOL N . 36.79 51.64 -7.67
C2 GOL N . 38.33 52.21 -5.94
O2 GOL N . 38.51 50.87 -5.54
C3 GOL N . 38.64 53.19 -4.79
O3 GOL N . 38.40 52.61 -3.52
CHA HEM O . -34.76 -32.33 8.17
CHB HEM O . -36.34 -36.23 5.79
CHC HEM O . -40.90 -34.54 6.31
CHD HEM O . -39.24 -30.41 8.21
C1A HEM O . -34.79 -33.60 7.62
C2A HEM O . -33.73 -34.61 7.63
C3A HEM O . -34.18 -35.69 6.99
C4A HEM O . -35.52 -35.40 6.51
CMA HEM O . -33.38 -36.99 6.76
CAA HEM O . -32.35 -34.50 8.31
CBA HEM O . -32.65 -34.33 9.79
CGA HEM O . -31.75 -35.18 10.62
O1A HEM O . -30.87 -35.85 10.03
O2A HEM O . -31.92 -35.16 11.86
C1B HEM O . -37.72 -36.10 5.71
C2B HEM O . -38.62 -37.04 5.08
C3B HEM O . -39.86 -36.58 5.20
C4B HEM O . -39.82 -35.33 5.94
CMB HEM O . -38.19 -38.35 4.37
CAB HEM O . -41.09 -37.34 4.63
CBB HEM O . -42.30 -36.78 4.46
C1C HEM O . -40.88 -33.28 6.89
C2C HEM O . -42.04 -32.49 7.25
C3C HEM O . -41.58 -31.34 7.78
C4C HEM O . -40.12 -31.38 7.75
CMC HEM O . -43.50 -32.94 7.05
CAC HEM O . -42.39 -30.13 8.30
CBC HEM O . -43.68 -29.92 8.03
C1D HEM O . -37.88 -30.58 8.38
C2D HEM O . -36.98 -29.62 8.98
C3D HEM O . -35.75 -30.15 8.95
C4D HEM O . -35.82 -31.48 8.37
CMD HEM O . -37.33 -28.21 9.53
CAD HEM O . -34.49 -29.47 9.49
CBD HEM O . -34.32 -30.05 10.88
CGD HEM O . -33.34 -29.26 11.68
O1D HEM O . -32.89 -28.17 11.22
O2D HEM O . -32.99 -29.76 12.79
NA HEM O . -35.85 -34.11 6.92
NB HEM O . -38.49 -35.05 6.23
NC HEM O . -39.74 -32.57 7.21
ND HEM O . -37.14 -31.69 8.03
FE HEM O . -37.78 -33.19 6.79
N1 H4B P . -26.78 -33.97 8.66
C2 H4B P . -28.00 -34.39 9.07
N2 H4B P . -28.92 -34.80 8.15
N3 H4B P . -28.32 -34.41 10.39
C4 H4B P . -27.43 -34.02 11.32
O4 H4B P . -27.72 -34.07 12.52
C4A H4B P . -26.17 -33.57 10.92
C8A H4B P . -25.87 -33.56 9.56
N5 H4B P . -25.26 -33.16 11.82
N8 H4B P . -24.66 -33.13 9.13
C6 H4B P . -24.24 -32.24 11.33
C7 H4B P . -23.59 -32.76 10.06
C9 H4B P . -23.15 -31.92 12.37
O9 H4B P . -22.60 -33.12 12.90
C10 H4B P . -22.05 -31.14 11.67
C11 H4B P . -20.93 -30.72 12.62
O10 H4B P . -22.65 -29.99 11.05
C02 XVA Q . -37.97 -37.36 8.93
C03 XVA Q . -39.12 -36.58 8.91
C04 XVA Q . -39.28 -35.59 9.87
C05 XVA Q . -38.29 -35.39 10.82
C06 XVA Q . -37.15 -36.19 10.82
C07 XVA Q . -40.50 -34.77 9.87
C11 XVA Q . -35.53 -37.05 14.18
C12 XVA Q . -35.84 -37.95 15.21
C13 XVA Q . -34.89 -38.27 16.18
C14 XVA Q . -33.64 -37.69 16.14
C15 XVA Q . -33.31 -36.80 15.14
C16 XVA Q . -34.25 -36.47 14.15
C21 XVA Q . -36.11 -35.95 11.91
C22 XVA Q . -36.59 -36.73 13.13
C23 XVA Q . -31.92 -36.21 15.16
C24 XVA Q . -31.85 -34.81 15.74
C26 XVA Q . -30.24 -33.01 15.43
C27 XVA Q . -29.94 -34.62 17.20
F08 XVA Q . -41.56 -35.53 9.43
F09 XVA Q . -40.75 -34.40 11.17
F12 XVA Q . -37.05 -38.52 15.28
F13 XVA Q . -35.20 -39.14 17.17
N01 XVA Q . -37.02 -37.15 9.88
N02 XVA Q . -37.84 -38.32 8.01
N25 XVA Q . -30.43 -34.42 15.83
C1 GOL R . -40.79 -15.80 -1.94
O1 GOL R . -40.48 -16.00 -0.57
C2 GOL R . -42.15 -16.40 -2.29
O2 GOL R . -42.33 -17.63 -1.64
C3 GOL R . -42.31 -16.55 -3.80
O3 GOL R . -42.57 -17.89 -4.17
C1 GOL S . -54.11 -30.57 2.83
O1 GOL S . -53.01 -30.56 1.94
C2 GOL S . -54.08 -29.27 3.62
O2 GOL S . -54.47 -29.44 4.99
C3 GOL S . -54.94 -28.27 2.89
O3 GOL S . -54.60 -28.32 1.53
ZN ZN T . -21.08 -20.41 3.70
CHA HEM U . -7.31 -32.46 -0.82
CHB HEM U . -5.82 -36.42 1.50
CHC HEM U . -1.26 -34.76 1.11
CHD HEM U . -2.86 -30.54 -0.65
C1A HEM U . -7.27 -33.73 -0.28
C2A HEM U . -8.36 -34.71 -0.27
C3A HEM U . -7.93 -35.80 0.36
C4A HEM U . -6.59 -35.55 0.79
CMA HEM U . -8.74 -37.09 0.61
CAA HEM U . -9.73 -34.54 -0.93
CBA HEM U . -9.38 -34.59 -2.41
CGA HEM U . -10.43 -35.24 -3.25
O1A HEM U . -11.30 -35.99 -2.71
O2A HEM U . -10.35 -34.99 -4.47
C1B HEM U . -4.46 -36.29 1.58
C2B HEM U . -3.61 -37.27 2.18
C3B HEM U . -2.36 -36.83 2.10
C4B HEM U . -2.37 -35.54 1.42
CMB HEM U . -4.13 -38.58 2.81
CAB HEM U . -1.11 -37.61 2.61
CBB HEM U . 0.04 -37.00 2.93
C1C HEM U . -1.27 -33.48 0.56
C2C HEM U . -0.10 -32.68 0.22
C3C HEM U . -0.56 -31.51 -0.27
C4C HEM U . -2.01 -31.55 -0.24
CMC HEM U . 1.35 -33.17 0.41
CAC HEM U . 0.24 -30.28 -0.77
CBC HEM U . 1.52 -30.05 -0.48
C1D HEM U . -4.20 -30.71 -0.89
C2D HEM U . -5.08 -29.75 -1.51
C3D HEM U . -6.29 -30.29 -1.55
C4D HEM U . -6.24 -31.61 -0.95
CMD HEM U . -4.72 -28.35 -2.04
CAD HEM U . -7.54 -29.62 -2.13
CBD HEM U . -7.67 -30.04 -3.59
CGD HEM U . -8.83 -29.30 -4.20
O1D HEM U . -9.31 -28.28 -3.63
O2D HEM U . -9.28 -29.75 -5.28
NA HEM U . -6.21 -34.28 0.39
NB HEM U . -3.70 -35.22 1.11
NC HEM U . -2.41 -32.75 0.27
ND HEM U . -4.95 -31.84 -0.54
FE HEM U . -4.38 -33.37 0.58
N1 H4B V . -15.29 -33.97 -1.29
C2 H4B V . -14.13 -34.48 -1.76
N2 H4B V . -13.21 -34.95 -0.88
N3 H4B V . -13.88 -34.50 -3.09
C4 H4B V . -14.79 -34.03 -3.97
O4 H4B V . -14.57 -34.05 -5.19
C4A H4B V . -15.97 -33.51 -3.50
C8A H4B V . -16.22 -33.48 -2.14
N5 H4B V . -16.90 -33.01 -4.36
N8 H4B V . -17.38 -32.98 -1.66
C6 H4B V . -17.86 -32.04 -3.83
C7 H4B V . -18.46 -32.54 -2.53
C9 H4B V . -18.99 -31.77 -4.82
O9 H4B V . -19.61 -33.04 -5.08
C10 H4B V . -20.00 -30.77 -4.29
C11 H4B V . -21.11 -30.55 -5.31
O10 H4B V . -19.40 -29.52 -3.94
C02 XVA W . -4.13 -37.24 -1.74
C03 XVA W . -2.94 -36.52 -1.70
C04 XVA W . -2.79 -35.42 -2.55
C05 XVA W . -3.82 -35.11 -3.42
C06 XVA W . -4.99 -35.87 -3.44
C07 XVA W . -1.56 -34.61 -2.56
C11 XVA W . -6.57 -37.27 -6.24
C12 XVA W . -6.13 -38.11 -7.28
C13 XVA W . -6.95 -39.12 -7.76
C14 XVA W . -8.21 -39.30 -7.21
C15 XVA W . -8.66 -38.48 -6.18
C16 XVA W . -7.85 -37.46 -5.70
C21 XVA W . -6.10 -35.54 -4.40
C22 XVA W . -5.67 -36.17 -5.73
C23 XVA W . -10.05 -38.71 -5.63
C24 XVA W . -10.98 -38.99 -6.82
C26 XVA W . -10.59 -37.88 -8.97
C27 XVA W . -12.62 -37.52 -7.76
F08 XVA W . -0.50 -35.33 -2.06
F09 XVA W . -1.29 -34.25 -3.85
F12 XVA W . -4.91 -37.96 -7.82
F13 XVA W . -6.54 -39.94 -8.75
N01 XVA W . -5.11 -36.92 -2.59
N02 XVA W . -4.35 -38.31 -0.95
N25 XVA W . -11.18 -37.77 -7.62
C1 GOL X . -1.39 -15.72 9.66
O1 GOL X . -1.88 -16.28 8.45
C2 GOL X . -0.31 -16.66 10.21
O2 GOL X . -0.22 -17.80 9.40
C3 GOL X . -0.64 -17.09 11.64
O3 GOL X . 0.21 -18.18 11.91
#